data_7X6T
# 
_entry.id   7X6T 
# 
_audit_conform.dict_name       mmcif_pdbx.dic 
_audit_conform.dict_version    5.380 
_audit_conform.dict_location   http://mmcif.pdb.org/dictionaries/ascii/mmcif_pdbx.dic 
# 
loop_
_database_2.database_id 
_database_2.database_code 
_database_2.pdbx_database_accession 
_database_2.pdbx_DOI 
PDB   7X6T         pdb_00007x6t 10.2210/pdb7x6t/pdb 
WWPDB D_1300028100 ?            ?                   
# 
_pdbx_database_status.status_code                     REL 
_pdbx_database_status.status_code_sf                  REL 
_pdbx_database_status.status_code_mr                  ? 
_pdbx_database_status.entry_id                        7X6T 
_pdbx_database_status.recvd_initial_deposition_date   2022-03-08 
_pdbx_database_status.SG_entry                        N 
_pdbx_database_status.deposit_site                    PDBJ 
_pdbx_database_status.process_site                    PDBJ 
_pdbx_database_status.status_code_cs                  ? 
_pdbx_database_status.status_code_nmr_data            ? 
_pdbx_database_status.methods_development_category    ? 
_pdbx_database_status.pdb_format_compatible           Y 
# 
loop_
_audit_author.name 
_audit_author.pdbx_ordinal 
_audit_author.identifier_ORCID 
'Cao, D.'   1 0000-0002-7716-1000 
'Xiong, B.' 2 0000-0001-9776-8136 
# 
_citation.abstract                  ? 
_citation.abstract_id_CAS           ? 
_citation.book_id_ISBN              ? 
_citation.book_publisher            ? 
_citation.book_publisher_city       ? 
_citation.book_title                ? 
_citation.coordinate_linkage        ? 
_citation.country                   ? 
_citation.database_id_Medline       ? 
_citation.details                   ? 
_citation.id                        primary 
_citation.journal_abbrev            'To Be Published' 
_citation.journal_id_ASTM           ? 
_citation.journal_id_CSD            0353 
_citation.journal_id_ISSN           ? 
_citation.journal_full              ? 
_citation.journal_issue             ? 
_citation.journal_volume            ? 
_citation.language                  ? 
_citation.page_first                ? 
_citation.page_last                 ? 
_citation.title                     
'Discovery of Selective BRD4 BD1 Inhibitor Based on [1,2,4] triazolo [4,3-b] pyridazine Scaffold' 
_citation.year                      ? 
_citation.database_id_CSD           ? 
_citation.pdbx_database_id_DOI      ? 
_citation.pdbx_database_id_PubMed   ? 
_citation.pdbx_database_id_patent   ? 
_citation.unpublished_flag          ? 
# 
loop_
_citation_author.citation_id 
_citation_author.name 
_citation_author.ordinal 
_citation_author.identifier_ORCID 
primary 'Hanyue, Z.' 1 ?                   
primary 'Cao, D.'    2 0000-0002-7716-1000 
primary 'Li, Y.'     3 0000-0002-6841-5742 
primary 'Du, Z.'     4 0000-0002-1048-4489 
primary 'Xiong, B.'  5 0000-0001-9776-8136 
# 
_cell.angle_alpha                  90.000 
_cell.angle_alpha_esd              ? 
_cell.angle_beta                   90.000 
_cell.angle_beta_esd               ? 
_cell.angle_gamma                  90.000 
_cell.angle_gamma_esd              ? 
_cell.entry_id                     7X6T 
_cell.details                      ? 
_cell.formula_units_Z              ? 
_cell.length_a                     38.264 
_cell.length_a_esd                 ? 
_cell.length_b                     43.064 
_cell.length_b_esd                 ? 
_cell.length_c                     79.041 
_cell.length_c_esd                 ? 
_cell.volume                       130243.831 
_cell.volume_esd                   ? 
_cell.Z_PDB                        4 
_cell.reciprocal_angle_alpha       ? 
_cell.reciprocal_angle_beta        ? 
_cell.reciprocal_angle_gamma       ? 
_cell.reciprocal_angle_alpha_esd   ? 
_cell.reciprocal_angle_beta_esd    ? 
_cell.reciprocal_angle_gamma_esd   ? 
_cell.reciprocal_length_a          ? 
_cell.reciprocal_length_b          ? 
_cell.reciprocal_length_c          ? 
_cell.reciprocal_length_a_esd      ? 
_cell.reciprocal_length_b_esd      ? 
_cell.reciprocal_length_c_esd      ? 
_cell.pdbx_unique_axis             ? 
_cell.pdbx_esd_method              ? 
# 
_symmetry.entry_id                         7X6T 
_symmetry.cell_setting                     ? 
_symmetry.Int_Tables_number                19 
_symmetry.space_group_name_Hall            'P 2ac 2ab' 
_symmetry.space_group_name_H-M             'P 21 21 21' 
_symmetry.pdbx_full_space_group_name_H-M   ? 
# 
loop_
_entity.id 
_entity.type 
_entity.src_method 
_entity.pdbx_description 
_entity.formula_weight 
_entity.pdbx_number_of_molecules 
_entity.pdbx_ec 
_entity.pdbx_mutation 
_entity.pdbx_fragment 
_entity.details 
1 polymer     man 'Isoform C of Bromodomain-containing protein 4'                                                   14740.049 1   
? ? 'bromodomain 1' ? 
2 non-polymer syn '(2~{R})-2-[[3-methyl-6-(2-phenoxyphenyl)-[1,2,4]triazolo[4,3-b]pyridazin-8-yl]amino]propanamide' 388.423   1   
? ? ?               ? 
3 water       nat water                                                                                             18.015    146 
? ? ?               ? 
# 
_entity_name_com.entity_id   1 
_entity_name_com.name        'Protein HUNK1' 
# 
_entity_poly.entity_id                      1 
_entity_poly.type                           'polypeptide(L)' 
_entity_poly.nstd_linkage                   no 
_entity_poly.nstd_monomer                   no 
_entity_poly.pdbx_seq_one_letter_code       
;SMNPPPPETSNPNKPKRQTNQLQYLLRVVLKTLWKHQFAWPFQQPVDAVKLNLPDYYKIIKTPMDMGTIKKRLENNYYWN
AQECIQDFNTMFTNCYIYNKPGDDIVLMAEALEKLFLQKINELP
;
_entity_poly.pdbx_seq_one_letter_code_can   
;SMNPPPPETSNPNKPKRQTNQLQYLLRVVLKTLWKHQFAWPFQQPVDAVKLNLPDYYKIIKTPMDMGTIKKRLENNYYWN
AQECIQDFNTMFTNCYIYNKPGDDIVLMAEALEKLFLQKINELP
;
_entity_poly.pdbx_strand_id                 A 
_entity_poly.pdbx_target_identifier         ? 
# 
loop_
_entity_poly_seq.entity_id 
_entity_poly_seq.num 
_entity_poly_seq.mon_id 
_entity_poly_seq.hetero 
1 1   SER n 
1 2   MET n 
1 3   ASN n 
1 4   PRO n 
1 5   PRO n 
1 6   PRO n 
1 7   PRO n 
1 8   GLU n 
1 9   THR n 
1 10  SER n 
1 11  ASN n 
1 12  PRO n 
1 13  ASN n 
1 14  LYS n 
1 15  PRO n 
1 16  LYS n 
1 17  ARG n 
1 18  GLN n 
1 19  THR n 
1 20  ASN n 
1 21  GLN n 
1 22  LEU n 
1 23  GLN n 
1 24  TYR n 
1 25  LEU n 
1 26  LEU n 
1 27  ARG n 
1 28  VAL n 
1 29  VAL n 
1 30  LEU n 
1 31  LYS n 
1 32  THR n 
1 33  LEU n 
1 34  TRP n 
1 35  LYS n 
1 36  HIS n 
1 37  GLN n 
1 38  PHE n 
1 39  ALA n 
1 40  TRP n 
1 41  PRO n 
1 42  PHE n 
1 43  GLN n 
1 44  GLN n 
1 45  PRO n 
1 46  VAL n 
1 47  ASP n 
1 48  ALA n 
1 49  VAL n 
1 50  LYS n 
1 51  LEU n 
1 52  ASN n 
1 53  LEU n 
1 54  PRO n 
1 55  ASP n 
1 56  TYR n 
1 57  TYR n 
1 58  LYS n 
1 59  ILE n 
1 60  ILE n 
1 61  LYS n 
1 62  THR n 
1 63  PRO n 
1 64  MET n 
1 65  ASP n 
1 66  MET n 
1 67  GLY n 
1 68  THR n 
1 69  ILE n 
1 70  LYS n 
1 71  LYS n 
1 72  ARG n 
1 73  LEU n 
1 74  GLU n 
1 75  ASN n 
1 76  ASN n 
1 77  TYR n 
1 78  TYR n 
1 79  TRP n 
1 80  ASN n 
1 81  ALA n 
1 82  GLN n 
1 83  GLU n 
1 84  CYS n 
1 85  ILE n 
1 86  GLN n 
1 87  ASP n 
1 88  PHE n 
1 89  ASN n 
1 90  THR n 
1 91  MET n 
1 92  PHE n 
1 93  THR n 
1 94  ASN n 
1 95  CYS n 
1 96  TYR n 
1 97  ILE n 
1 98  TYR n 
1 99  ASN n 
1 100 LYS n 
1 101 PRO n 
1 102 GLY n 
1 103 ASP n 
1 104 ASP n 
1 105 ILE n 
1 106 VAL n 
1 107 LEU n 
1 108 MET n 
1 109 ALA n 
1 110 GLU n 
1 111 ALA n 
1 112 LEU n 
1 113 GLU n 
1 114 LYS n 
1 115 LEU n 
1 116 PHE n 
1 117 LEU n 
1 118 GLN n 
1 119 LYS n 
1 120 ILE n 
1 121 ASN n 
1 122 GLU n 
1 123 LEU n 
1 124 PRO n 
# 
_entity_src_gen.entity_id                          1 
_entity_src_gen.pdbx_src_id                        1 
_entity_src_gen.pdbx_alt_source_flag               sample 
_entity_src_gen.pdbx_seq_type                      'Biological sequence' 
_entity_src_gen.pdbx_beg_seq_num                   1 
_entity_src_gen.pdbx_end_seq_num                   124 
_entity_src_gen.gene_src_common_name               human 
_entity_src_gen.gene_src_genus                     ? 
_entity_src_gen.pdbx_gene_src_gene                 'BRD4, HUNK1' 
_entity_src_gen.gene_src_species                   ? 
_entity_src_gen.gene_src_strain                    ? 
_entity_src_gen.gene_src_tissue                    ? 
_entity_src_gen.gene_src_tissue_fraction           ? 
_entity_src_gen.gene_src_details                   ? 
_entity_src_gen.pdbx_gene_src_fragment             ? 
_entity_src_gen.pdbx_gene_src_scientific_name      'Homo sapiens' 
_entity_src_gen.pdbx_gene_src_ncbi_taxonomy_id     9606 
_entity_src_gen.pdbx_gene_src_variant              ? 
_entity_src_gen.pdbx_gene_src_cell_line            ? 
_entity_src_gen.pdbx_gene_src_atcc                 ? 
_entity_src_gen.pdbx_gene_src_organ                ? 
_entity_src_gen.pdbx_gene_src_organelle            ? 
_entity_src_gen.pdbx_gene_src_cell                 ? 
_entity_src_gen.pdbx_gene_src_cellular_location    ? 
_entity_src_gen.host_org_common_name               ? 
_entity_src_gen.pdbx_host_org_scientific_name      'Escherichia coli' 
_entity_src_gen.pdbx_host_org_ncbi_taxonomy_id     562 
_entity_src_gen.host_org_genus                     ? 
_entity_src_gen.pdbx_host_org_gene                 ? 
_entity_src_gen.pdbx_host_org_organ                ? 
_entity_src_gen.host_org_species                   ? 
_entity_src_gen.pdbx_host_org_tissue               ? 
_entity_src_gen.pdbx_host_org_tissue_fraction      ? 
_entity_src_gen.pdbx_host_org_strain               ? 
_entity_src_gen.pdbx_host_org_variant              ? 
_entity_src_gen.pdbx_host_org_cell_line            ? 
_entity_src_gen.pdbx_host_org_atcc                 ? 
_entity_src_gen.pdbx_host_org_culture_collection   ? 
_entity_src_gen.pdbx_host_org_cell                 ? 
_entity_src_gen.pdbx_host_org_organelle            ? 
_entity_src_gen.pdbx_host_org_cellular_location    ? 
_entity_src_gen.pdbx_host_org_vector_type          ? 
_entity_src_gen.pdbx_host_org_vector               ? 
_entity_src_gen.host_org_details                   ? 
_entity_src_gen.expression_system_id               ? 
_entity_src_gen.plasmid_name                       ? 
_entity_src_gen.plasmid_details                    ? 
_entity_src_gen.pdbx_description                   ? 
# 
_struct_ref.id                         1 
_struct_ref.db_name                    UNP 
_struct_ref.db_code                    BRD4_HUMAN 
_struct_ref.pdbx_db_accession          O60885 
_struct_ref.pdbx_db_isoform            O60885-2 
_struct_ref.entity_id                  1 
_struct_ref.pdbx_seq_one_letter_code   
;STNPPPPETSNPNKPKRQTNQLQYLLRVVLKTLWKHQFAWPFQQPVDAVKLNLPDYYKIIKTPMDMGTIKKRLENNYYWN
AQECIQDFNTMFTNCYIYNKPGDDIVLMAEALEKLFLQKINELP
;
_struct_ref.pdbx_align_begin           42 
# 
_struct_ref_seq.align_id                      1 
_struct_ref_seq.ref_id                        1 
_struct_ref_seq.pdbx_PDB_id_code              7X6T 
_struct_ref_seq.pdbx_strand_id                A 
_struct_ref_seq.seq_align_beg                 1 
_struct_ref_seq.pdbx_seq_align_beg_ins_code   ? 
_struct_ref_seq.seq_align_end                 124 
_struct_ref_seq.pdbx_seq_align_end_ins_code   ? 
_struct_ref_seq.pdbx_db_accession             O60885 
_struct_ref_seq.db_align_beg                  42 
_struct_ref_seq.pdbx_db_align_beg_ins_code    ? 
_struct_ref_seq.db_align_end                  165 
_struct_ref_seq.pdbx_db_align_end_ins_code    ? 
_struct_ref_seq.pdbx_auth_seq_align_beg       42 
_struct_ref_seq.pdbx_auth_seq_align_end       165 
# 
_struct_ref_seq_dif.align_id                     1 
_struct_ref_seq_dif.pdbx_pdb_id_code             7X6T 
_struct_ref_seq_dif.mon_id                       MET 
_struct_ref_seq_dif.pdbx_pdb_strand_id           A 
_struct_ref_seq_dif.seq_num                      2 
_struct_ref_seq_dif.pdbx_pdb_ins_code            ? 
_struct_ref_seq_dif.pdbx_seq_db_name             UNP 
_struct_ref_seq_dif.pdbx_seq_db_accession_code   O60885 
_struct_ref_seq_dif.db_mon_id                    THR 
_struct_ref_seq_dif.pdbx_seq_db_seq_num          43 
_struct_ref_seq_dif.details                      conflict 
_struct_ref_seq_dif.pdbx_auth_seq_num            43 
_struct_ref_seq_dif.pdbx_ordinal                 1 
# 
loop_
_chem_comp.id 
_chem_comp.type 
_chem_comp.mon_nstd_flag 
_chem_comp.name 
_chem_comp.pdbx_synonyms 
_chem_comp.formula 
_chem_comp.formula_weight 
97F non-polymer         . '(2~{R})-2-[[3-methyl-6-(2-phenoxyphenyl)-[1,2,4]triazolo[4,3-b]pyridazin-8-yl]amino]propanamide' ? 
'C21 H20 N6 O2'  388.423 
ALA 'L-peptide linking' y ALANINE                                                                                           ? 
'C3 H7 N O2'     89.093  
ARG 'L-peptide linking' y ARGININE                                                                                          ? 
'C6 H15 N4 O2 1' 175.209 
ASN 'L-peptide linking' y ASPARAGINE                                                                                        ? 
'C4 H8 N2 O3'    132.118 
ASP 'L-peptide linking' y 'ASPARTIC ACID'                                                                                   ? 
'C4 H7 N O4'     133.103 
CYS 'L-peptide linking' y CYSTEINE                                                                                          ? 
'C3 H7 N O2 S'   121.158 
GLN 'L-peptide linking' y GLUTAMINE                                                                                         ? 
'C5 H10 N2 O3'   146.144 
GLU 'L-peptide linking' y 'GLUTAMIC ACID'                                                                                   ? 
'C5 H9 N O4'     147.129 
GLY 'peptide linking'   y GLYCINE                                                                                           ? 
'C2 H5 N O2'     75.067  
HIS 'L-peptide linking' y HISTIDINE                                                                                         ? 
'C6 H10 N3 O2 1' 156.162 
HOH non-polymer         . WATER                                                                                             ? 
'H2 O'           18.015  
ILE 'L-peptide linking' y ISOLEUCINE                                                                                        ? 
'C6 H13 N O2'    131.173 
LEU 'L-peptide linking' y LEUCINE                                                                                           ? 
'C6 H13 N O2'    131.173 
LYS 'L-peptide linking' y LYSINE                                                                                            ? 
'C6 H15 N2 O2 1' 147.195 
MET 'L-peptide linking' y METHIONINE                                                                                        ? 
'C5 H11 N O2 S'  149.211 
PHE 'L-peptide linking' y PHENYLALANINE                                                                                     ? 
'C9 H11 N O2'    165.189 
PRO 'L-peptide linking' y PROLINE                                                                                           ? 
'C5 H9 N O2'     115.130 
SER 'L-peptide linking' y SERINE                                                                                            ? 
'C3 H7 N O3'     105.093 
THR 'L-peptide linking' y THREONINE                                                                                         ? 
'C4 H9 N O3'     119.119 
TRP 'L-peptide linking' y TRYPTOPHAN                                                                                        ? 
'C11 H12 N2 O2'  204.225 
TYR 'L-peptide linking' y TYROSINE                                                                                          ? 
'C9 H11 N O3'    181.189 
VAL 'L-peptide linking' y VALINE                                                                                            ? 
'C5 H11 N O2'    117.146 
# 
_exptl.absorpt_coefficient_mu     ? 
_exptl.absorpt_correction_T_max   ? 
_exptl.absorpt_correction_T_min   ? 
_exptl.absorpt_correction_type    ? 
_exptl.absorpt_process_details    ? 
_exptl.entry_id                   7X6T 
_exptl.crystals_number            1 
_exptl.details                    ? 
_exptl.method                     'X-RAY DIFFRACTION' 
_exptl.method_details             ? 
# 
_exptl_crystal.colour                       ? 
_exptl_crystal.density_diffrn               ? 
_exptl_crystal.density_Matthews             2.16 
_exptl_crystal.density_method               ? 
_exptl_crystal.density_percent_sol          42.96 
_exptl_crystal.description                  ? 
_exptl_crystal.F_000                        ? 
_exptl_crystal.id                           1 
_exptl_crystal.preparation                  ? 
_exptl_crystal.size_max                     ? 
_exptl_crystal.size_mid                     ? 
_exptl_crystal.size_min                     ? 
_exptl_crystal.size_rad                     ? 
_exptl_crystal.colour_lustre                ? 
_exptl_crystal.colour_modifier              ? 
_exptl_crystal.colour_primary               ? 
_exptl_crystal.density_meas                 ? 
_exptl_crystal.density_meas_esd             ? 
_exptl_crystal.density_meas_gt              ? 
_exptl_crystal.density_meas_lt              ? 
_exptl_crystal.density_meas_temp            ? 
_exptl_crystal.density_meas_temp_esd        ? 
_exptl_crystal.density_meas_temp_gt         ? 
_exptl_crystal.density_meas_temp_lt         ? 
_exptl_crystal.pdbx_crystal_image_url       ? 
_exptl_crystal.pdbx_crystal_image_format    ? 
_exptl_crystal.pdbx_mosaicity               ? 
_exptl_crystal.pdbx_mosaicity_esd           ? 
_exptl_crystal.pdbx_mosaic_method           ? 
_exptl_crystal.pdbx_mosaic_block_size       ? 
_exptl_crystal.pdbx_mosaic_block_size_esd   ? 
# 
_exptl_crystal_grow.apparatus       ? 
_exptl_crystal_grow.atmosphere      ? 
_exptl_crystal_grow.crystal_id      1 
_exptl_crystal_grow.details         ? 
_exptl_crystal_grow.method          'VAPOR DIFFUSION, HANGING DROP' 
_exptl_crystal_grow.method_ref      ? 
_exptl_crystal_grow.pH              7.0 
_exptl_crystal_grow.pressure        ? 
_exptl_crystal_grow.pressure_esd    ? 
_exptl_crystal_grow.seeding         ? 
_exptl_crystal_grow.seeding_ref     ? 
_exptl_crystal_grow.temp            293 
_exptl_crystal_grow.temp_details    ? 
_exptl_crystal_grow.temp_esd        ? 
_exptl_crystal_grow.time            ? 
_exptl_crystal_grow.pdbx_details    '2.9M~3.9M sodium formate' 
_exptl_crystal_grow.pdbx_pH_range   ? 
# 
_diffrn.ambient_environment              ? 
_diffrn.ambient_temp                     100 
_diffrn.ambient_temp_details             ? 
_diffrn.ambient_temp_esd                 ? 
_diffrn.crystal_id                       1 
_diffrn.crystal_support                  ? 
_diffrn.crystal_treatment                ? 
_diffrn.details                          ? 
_diffrn.id                               1 
_diffrn.ambient_pressure                 ? 
_diffrn.ambient_pressure_esd             ? 
_diffrn.ambient_pressure_gt              ? 
_diffrn.ambient_pressure_lt              ? 
_diffrn.ambient_temp_gt                  ? 
_diffrn.ambient_temp_lt                  ? 
_diffrn.pdbx_serial_crystal_experiment   N 
# 
_diffrn_detector.details                      x-ray 
_diffrn_detector.detector                     PIXEL 
_diffrn_detector.diffrn_id                    1 
_diffrn_detector.type                         'DECTRIS EIGER2 S 9M' 
_diffrn_detector.area_resol_mean              ? 
_diffrn_detector.dtime                        ? 
_diffrn_detector.pdbx_frames_total            ? 
_diffrn_detector.pdbx_collection_time_total   ? 
_diffrn_detector.pdbx_collection_date         2021-06-21 
_diffrn_detector.pdbx_frequency               ? 
# 
_diffrn_radiation.collimation                      ? 
_diffrn_radiation.diffrn_id                        1 
_diffrn_radiation.filter_edge                      ? 
_diffrn_radiation.inhomogeneity                    ? 
_diffrn_radiation.monochromator                    Si111 
_diffrn_radiation.polarisn_norm                    ? 
_diffrn_radiation.polarisn_ratio                   ? 
_diffrn_radiation.probe                            ? 
_diffrn_radiation.type                             ? 
_diffrn_radiation.xray_symbol                      ? 
_diffrn_radiation.wavelength_id                    1 
_diffrn_radiation.pdbx_monochromatic_or_laue_m_l   M 
_diffrn_radiation.pdbx_wavelength_list             ? 
_diffrn_radiation.pdbx_wavelength                  ? 
_diffrn_radiation.pdbx_diffrn_protocol             'SINGLE WAVELENGTH' 
_diffrn_radiation.pdbx_analyzer                    ? 
_diffrn_radiation.pdbx_scattering_type             x-ray 
# 
_diffrn_radiation_wavelength.id           1 
_diffrn_radiation_wavelength.wavelength   0.987 
_diffrn_radiation_wavelength.wt           1.0 
# 
_diffrn_source.current                     ? 
_diffrn_source.details                     ? 
_diffrn_source.diffrn_id                   1 
_diffrn_source.power                       ? 
_diffrn_source.size                        ? 
_diffrn_source.source                      SYNCHROTRON 
_diffrn_source.target                      ? 
_diffrn_source.type                        'SSRF BEAMLINE BL02U1' 
_diffrn_source.voltage                     ? 
_diffrn_source.take-off_angle              ? 
_diffrn_source.pdbx_wavelength_list        0.987 
_diffrn_source.pdbx_wavelength             ? 
_diffrn_source.pdbx_synchrotron_beamline   BL02U1 
_diffrn_source.pdbx_synchrotron_site       SSRF 
# 
_reflns.B_iso_Wilson_estimate                          16.2315339041 
_reflns.entry_id                                       7X6T 
_reflns.data_reduction_details                         ? 
_reflns.data_reduction_method                          ? 
_reflns.d_resolution_high                              1.44 
_reflns.d_resolution_low                               39.520 
_reflns.details                                        ? 
_reflns.limit_h_max                                    ? 
_reflns.limit_h_min                                    ? 
_reflns.limit_k_max                                    ? 
_reflns.limit_k_min                                    ? 
_reflns.limit_l_max                                    ? 
_reflns.limit_l_min                                    ? 
_reflns.number_all                                     ? 
_reflns.number_obs                                     24326 
_reflns.observed_criterion                             ? 
_reflns.observed_criterion_F_max                       ? 
_reflns.observed_criterion_F_min                       ? 
_reflns.observed_criterion_I_max                       ? 
_reflns.observed_criterion_I_min                       ? 
_reflns.observed_criterion_sigma_F                     ? 
_reflns.observed_criterion_sigma_I                     ? 
_reflns.percent_possible_obs                           99.5 
_reflns.R_free_details                                 ? 
_reflns.Rmerge_F_all                                   ? 
_reflns.Rmerge_F_obs                                   ? 
_reflns.Friedel_coverage                               ? 
_reflns.number_gt                                      ? 
_reflns.threshold_expression                           ? 
_reflns.pdbx_redundancy                                12.200 
_reflns.pdbx_Rmerge_I_obs                              0.075 
_reflns.pdbx_Rmerge_I_all                              ? 
_reflns.pdbx_Rsym_value                                ? 
_reflns.pdbx_netI_over_av_sigmaI                       ? 
_reflns.pdbx_netI_over_sigmaI                          18.000 
_reflns.pdbx_res_netI_over_av_sigmaI_2                 ? 
_reflns.pdbx_res_netI_over_sigmaI_2                    ? 
_reflns.pdbx_chi_squared                               ? 
_reflns.pdbx_scaling_rejects                           ? 
_reflns.pdbx_d_res_high_opt                            ? 
_reflns.pdbx_d_res_low_opt                             ? 
_reflns.pdbx_d_res_opt_method                          ? 
_reflns.phase_calculation_details                      ? 
_reflns.pdbx_Rrim_I_all                                0.078 
_reflns.pdbx_Rpim_I_all                                0.022 
_reflns.pdbx_d_opt                                     ? 
_reflns.pdbx_number_measured_all                       ? 
_reflns.pdbx_diffrn_id                                 1 
_reflns.pdbx_ordinal                                   1 
_reflns.pdbx_CC_half                                   0.999 
_reflns.pdbx_CC_star                                   ? 
_reflns.pdbx_R_split                                   ? 
_reflns.pdbx_aniso_diffraction_limit_axis_1_ortho[1]   ? 
_reflns.pdbx_aniso_diffraction_limit_axis_1_ortho[2]   ? 
_reflns.pdbx_aniso_diffraction_limit_axis_1_ortho[3]   ? 
_reflns.pdbx_aniso_diffraction_limit_axis_2_ortho[1]   ? 
_reflns.pdbx_aniso_diffraction_limit_axis_2_ortho[2]   ? 
_reflns.pdbx_aniso_diffraction_limit_axis_2_ortho[3]   ? 
_reflns.pdbx_aniso_diffraction_limit_axis_3_ortho[1]   ? 
_reflns.pdbx_aniso_diffraction_limit_axis_3_ortho[2]   ? 
_reflns.pdbx_aniso_diffraction_limit_axis_3_ortho[3]   ? 
_reflns.pdbx_aniso_diffraction_limit_1                 ? 
_reflns.pdbx_aniso_diffraction_limit_2                 ? 
_reflns.pdbx_aniso_diffraction_limit_3                 ? 
_reflns.pdbx_aniso_B_tensor_eigenvector_1_ortho[1]     ? 
_reflns.pdbx_aniso_B_tensor_eigenvector_1_ortho[2]     ? 
_reflns.pdbx_aniso_B_tensor_eigenvector_1_ortho[3]     ? 
_reflns.pdbx_aniso_B_tensor_eigenvector_2_ortho[1]     ? 
_reflns.pdbx_aniso_B_tensor_eigenvector_2_ortho[2]     ? 
_reflns.pdbx_aniso_B_tensor_eigenvector_2_ortho[3]     ? 
_reflns.pdbx_aniso_B_tensor_eigenvector_3_ortho[1]     ? 
_reflns.pdbx_aniso_B_tensor_eigenvector_3_ortho[2]     ? 
_reflns.pdbx_aniso_B_tensor_eigenvector_3_ortho[3]     ? 
_reflns.pdbx_aniso_B_tensor_eigenvalue_1               ? 
_reflns.pdbx_aniso_B_tensor_eigenvalue_2               ? 
_reflns.pdbx_aniso_B_tensor_eigenvalue_3               ? 
_reflns.pdbx_orthogonalization_convention              ? 
_reflns.pdbx_percent_possible_ellipsoidal              ? 
_reflns.pdbx_percent_possible_spherical                ? 
_reflns.pdbx_percent_possible_ellipsoidal_anomalous    ? 
_reflns.pdbx_percent_possible_spherical_anomalous      ? 
_reflns.pdbx_redundancy_anomalous                      ? 
_reflns.pdbx_CC_half_anomalous                         ? 
_reflns.pdbx_absDiff_over_sigma_anomalous              ? 
_reflns.pdbx_percent_possible_anomalous                ? 
_reflns.pdbx_observed_signal_threshold                 ? 
_reflns.pdbx_signal_type                               ? 
_reflns.pdbx_signal_details                            ? 
_reflns.pdbx_signal_software_id                        ? 
_reflns.pdbx_CC_split_method                           ? 
# 
loop_
_reflns_shell.d_res_high 
_reflns_shell.d_res_low 
_reflns_shell.meanI_over_sigI_all 
_reflns_shell.meanI_over_sigI_obs 
_reflns_shell.number_measured_all 
_reflns_shell.number_measured_obs 
_reflns_shell.number_possible 
_reflns_shell.number_unique_all 
_reflns_shell.number_unique_obs 
_reflns_shell.percent_possible_all 
_reflns_shell.percent_possible_obs 
_reflns_shell.Rmerge_F_all 
_reflns_shell.Rmerge_F_obs 
_reflns_shell.Rmerge_I_all 
_reflns_shell.Rmerge_I_obs 
_reflns_shell.meanI_over_sigI_gt 
_reflns_shell.meanI_over_uI_all 
_reflns_shell.meanI_over_uI_gt 
_reflns_shell.number_measured_gt 
_reflns_shell.number_unique_gt 
_reflns_shell.percent_possible_gt 
_reflns_shell.Rmerge_F_gt 
_reflns_shell.Rmerge_I_gt 
_reflns_shell.pdbx_redundancy 
_reflns_shell.pdbx_Rsym_value 
_reflns_shell.pdbx_chi_squared 
_reflns_shell.pdbx_netI_over_sigmaI_all 
_reflns_shell.pdbx_netI_over_sigmaI_obs 
_reflns_shell.pdbx_Rrim_I_all 
_reflns_shell.pdbx_Rpim_I_all 
_reflns_shell.pdbx_rejects 
_reflns_shell.pdbx_ordinal 
_reflns_shell.pdbx_diffrn_id 
_reflns_shell.pdbx_CC_half 
_reflns_shell.pdbx_CC_star 
_reflns_shell.pdbx_R_split 
_reflns_shell.pdbx_percent_possible_ellipsoidal 
_reflns_shell.pdbx_percent_possible_spherical 
_reflns_shell.pdbx_percent_possible_ellipsoidal_anomalous 
_reflns_shell.pdbx_percent_possible_spherical_anomalous 
_reflns_shell.pdbx_redundancy_anomalous 
_reflns_shell.pdbx_CC_half_anomalous 
_reflns_shell.pdbx_absDiff_over_sigma_anomalous 
_reflns_shell.pdbx_percent_possible_anomalous 
1.440 1.520  ? ? ? ? ? ? 3490 100.000 ? ? ? ? 0.605 ? ? ? ? ? ? ? ? 8.600  ? ? ? ? 0.643 0.215 ? 1 1 0.891 ? ? ? ? ? ? ? ? ? ? 
4.560 39.520 ? ? ? ? ? ? 3490 99.900  ? ? ? ? 0.054 ? ? ? ? ? ? ? ? 11.900 ? ? ? ? 0.056 0.016 ? 2 1 0.999 ? ? ? ? ? ? ? ? ? ? 
# 
_refine.aniso_B[1][1]                            ? 
_refine.aniso_B[1][2]                            ? 
_refine.aniso_B[1][3]                            ? 
_refine.aniso_B[2][2]                            ? 
_refine.aniso_B[2][3]                            ? 
_refine.aniso_B[3][3]                            ? 
_refine.B_iso_max                                ? 
_refine.B_iso_mean                               18.9586055818 
_refine.B_iso_min                                ? 
_refine.correlation_coeff_Fo_to_Fc               ? 
_refine.correlation_coeff_Fo_to_Fc_free          ? 
_refine.details                                  ? 
_refine.diff_density_max                         ? 
_refine.diff_density_max_esd                     ? 
_refine.diff_density_min                         ? 
_refine.diff_density_min_esd                     ? 
_refine.diff_density_rms                         ? 
_refine.diff_density_rms_esd                     ? 
_refine.entry_id                                 7X6T 
_refine.pdbx_refine_id                           'X-RAY DIFFRACTION' 
_refine.ls_abs_structure_details                 ? 
_refine.ls_abs_structure_Flack                   ? 
_refine.ls_abs_structure_Flack_esd               ? 
_refine.ls_abs_structure_Rogers                  ? 
_refine.ls_abs_structure_Rogers_esd              ? 
_refine.ls_d_res_high                            1.44 
_refine.ls_d_res_low                             29.117 
_refine.ls_extinction_coef                       ? 
_refine.ls_extinction_coef_esd                   ? 
_refine.ls_extinction_expression                 ? 
_refine.ls_extinction_method                     ? 
_refine.ls_goodness_of_fit_all                   ? 
_refine.ls_goodness_of_fit_all_esd               ? 
_refine.ls_goodness_of_fit_obs                   ? 
_refine.ls_goodness_of_fit_obs_esd               ? 
_refine.ls_hydrogen_treatment                    ? 
_refine.ls_matrix_type                           ? 
_refine.ls_number_constraints                    ? 
_refine.ls_number_parameters                     ? 
_refine.ls_number_reflns_all                     ? 
_refine.ls_number_reflns_obs                     24256 
_refine.ls_number_reflns_R_free                  1111 
_refine.ls_number_reflns_R_work                  23145 
_refine.ls_number_restraints                     ? 
_refine.ls_percent_reflns_obs                    99.9381978493 
_refine.ls_percent_reflns_R_free                 4.58031002639 
_refine.ls_R_factor_all                          ? 
_refine.ls_R_factor_obs                          0.185354986454 
_refine.ls_R_factor_R_free                       0.198376501833 
_refine.ls_R_factor_R_free_error                 ? 
_refine.ls_R_factor_R_free_error_details         ? 
_refine.ls_R_factor_R_work                       0.184711059654 
_refine.ls_R_Fsqd_factor_obs                     ? 
_refine.ls_R_I_factor_obs                        ? 
_refine.ls_redundancy_reflns_all                 ? 
_refine.ls_redundancy_reflns_obs                 ? 
_refine.ls_restrained_S_all                      ? 
_refine.ls_restrained_S_obs                      ? 
_refine.ls_shift_over_esd_max                    ? 
_refine.ls_shift_over_esd_mean                   ? 
_refine.ls_structure_factor_coef                 ? 
_refine.ls_weighting_details                     ? 
_refine.ls_weighting_scheme                      ? 
_refine.ls_wR_factor_all                         ? 
_refine.ls_wR_factor_obs                         ? 
_refine.ls_wR_factor_R_free                      ? 
_refine.ls_wR_factor_R_work                      ? 
_refine.occupancy_max                            ? 
_refine.occupancy_min                            ? 
_refine.solvent_model_details                    'FLAT BULK SOLVENT MODEL' 
_refine.solvent_model_param_bsol                 ? 
_refine.solvent_model_param_ksol                 ? 
_refine.pdbx_R_complete                          ? 
_refine.ls_R_factor_gt                           ? 
_refine.ls_goodness_of_fit_gt                    ? 
_refine.ls_goodness_of_fit_ref                   ? 
_refine.ls_shift_over_su_max                     ? 
_refine.ls_shift_over_su_max_lt                  ? 
_refine.ls_shift_over_su_mean                    ? 
_refine.ls_shift_over_su_mean_lt                 ? 
_refine.pdbx_ls_sigma_I                          ? 
_refine.pdbx_ls_sigma_F                          1.35758164715 
_refine.pdbx_ls_sigma_Fsqd                       ? 
_refine.pdbx_data_cutoff_high_absF               ? 
_refine.pdbx_data_cutoff_high_rms_absF           ? 
_refine.pdbx_data_cutoff_low_absF                ? 
_refine.pdbx_isotropic_thermal_model             ? 
_refine.pdbx_ls_cross_valid_method               THROUGHOUT 
_refine.pdbx_method_to_determine_struct          'MOLECULAR REPLACEMENT' 
_refine.pdbx_starting_model                      5you 
_refine.pdbx_stereochemistry_target_values       'GeoStd + Monomer Library + CDL v1.2' 
_refine.pdbx_R_Free_selection_details            ? 
_refine.pdbx_stereochem_target_val_spec_case     ? 
_refine.pdbx_overall_ESU_R                       ? 
_refine.pdbx_overall_ESU_R_Free                  ? 
_refine.pdbx_solvent_vdw_probe_radii             1.11 
_refine.pdbx_solvent_ion_probe_radii             ? 
_refine.pdbx_solvent_shrinkage_radii             0.9 
_refine.pdbx_real_space_R                        ? 
_refine.pdbx_density_correlation                 ? 
_refine.pdbx_pd_number_of_powder_patterns        ? 
_refine.pdbx_pd_number_of_points                 ? 
_refine.pdbx_pd_meas_number_of_points            ? 
_refine.pdbx_pd_proc_ls_prof_R_factor            ? 
_refine.pdbx_pd_proc_ls_prof_wR_factor           ? 
_refine.pdbx_pd_Marquardt_correlation_coeff      ? 
_refine.pdbx_pd_Fsqrd_R_factor                   ? 
_refine.pdbx_pd_ls_matrix_band_width             ? 
_refine.pdbx_overall_phase_error                 19.4771862342 
_refine.pdbx_overall_SU_R_free_Cruickshank_DPI   ? 
_refine.pdbx_overall_SU_R_free_Blow_DPI          ? 
_refine.pdbx_overall_SU_R_Blow_DPI               ? 
_refine.pdbx_TLS_residual_ADP_flag               ? 
_refine.pdbx_diffrn_id                           1 
_refine.overall_SU_B                             ? 
_refine.overall_SU_ML                            0.114266375754 
_refine.overall_SU_R_Cruickshank_DPI             ? 
_refine.overall_SU_R_free                        ? 
_refine.overall_FOM_free_R_set                   ? 
_refine.overall_FOM_work_R_set                   ? 
_refine.pdbx_average_fsc_overall                 ? 
_refine.pdbx_average_fsc_work                    ? 
_refine.pdbx_average_fsc_free                    ? 
# 
_refine_hist.pdbx_refine_id                   'X-RAY DIFFRACTION' 
_refine_hist.cycle_id                         LAST 
_refine_hist.details                          ? 
_refine_hist.d_res_high                       1.44 
_refine_hist.d_res_low                        29.117 
_refine_hist.number_atoms_solvent             146 
_refine_hist.number_atoms_total               1211 
_refine_hist.number_reflns_all                ? 
_refine_hist.number_reflns_obs                ? 
_refine_hist.number_reflns_R_free             ? 
_refine_hist.number_reflns_R_work             ? 
_refine_hist.R_factor_all                     ? 
_refine_hist.R_factor_obs                     ? 
_refine_hist.R_factor_R_free                  ? 
_refine_hist.R_factor_R_work                  ? 
_refine_hist.pdbx_number_residues_total       ? 
_refine_hist.pdbx_B_iso_mean_ligand           ? 
_refine_hist.pdbx_B_iso_mean_solvent          ? 
_refine_hist.pdbx_number_atoms_protein        1036 
_refine_hist.pdbx_number_atoms_nucleic_acid   0 
_refine_hist.pdbx_number_atoms_ligand         29 
_refine_hist.pdbx_number_atoms_lipid          ? 
_refine_hist.pdbx_number_atoms_carb           ? 
_refine_hist.pdbx_pseudo_atom_details         ? 
# 
loop_
_refine_ls_restr.pdbx_refine_id 
_refine_ls_restr.criterion 
_refine_ls_restr.dev_ideal 
_refine_ls_restr.dev_ideal_target 
_refine_ls_restr.number 
_refine_ls_restr.rejects 
_refine_ls_restr.type 
_refine_ls_restr.weight 
_refine_ls_restr.pdbx_restraint_function 
'X-RAY DIFFRACTION' ? 0.00541278036168 ? 1109 ? f_bond_d           ? ? 
'X-RAY DIFFRACTION' ? 0.850917512336   ? 1514 ? f_angle_d          ? ? 
'X-RAY DIFFRACTION' ? 0.0714034133301  ? 159  ? f_chiral_restr     ? ? 
'X-RAY DIFFRACTION' ? 0.00588371220205 ? 193  ? f_plane_restr      ? ? 
'X-RAY DIFFRACTION' ? 14.2785380564    ? 422  ? f_dihedral_angle_d ? ? 
# 
loop_
_refine_ls_shell.pdbx_refine_id 
_refine_ls_shell.d_res_high 
_refine_ls_shell.d_res_low 
_refine_ls_shell.number_reflns_all 
_refine_ls_shell.number_reflns_obs 
_refine_ls_shell.number_reflns_R_free 
_refine_ls_shell.number_reflns_R_work 
_refine_ls_shell.percent_reflns_obs 
_refine_ls_shell.percent_reflns_R_free 
_refine_ls_shell.R_factor_all 
_refine_ls_shell.R_factor_obs 
_refine_ls_shell.R_factor_R_free 
_refine_ls_shell.R_factor_R_free_error 
_refine_ls_shell.R_factor_R_work 
_refine_ls_shell.redundancy_reflns_all 
_refine_ls_shell.redundancy_reflns_obs 
_refine_ls_shell.wR_factor_all 
_refine_ls_shell.wR_factor_obs 
_refine_ls_shell.wR_factor_R_free 
_refine_ls_shell.wR_factor_R_work 
_refine_ls_shell.pdbx_R_complete 
_refine_ls_shell.pdbx_total_number_of_bins_used 
_refine_ls_shell.pdbx_phase_error 
_refine_ls_shell.pdbx_fsc_work 
_refine_ls_shell.pdbx_fsc_free 
'X-RAY DIFFRACTION' 1.44   1.5068 . . 141 2814 100.0         . . . 0.24633625455  . 0.216730963714 . . . . . . . . . . . 
'X-RAY DIFFRACTION' 1.5068 1.5862 . . 137 2857 100.0         . . . 0.197187408964 . 0.183662800661 . . . . . . . . . . . 
'X-RAY DIFFRACTION' 1.5862 1.6856 . . 131 2866 100.0         . . . 0.197304693547 . 0.167441496574 . . . . . . . . . . . 
'X-RAY DIFFRACTION' 1.6856 1.8157 . . 143 2847 100.0         . . . 0.181243564106 . 0.181059775873 . . . . . . . . . . . 
'X-RAY DIFFRACTION' 1.8157 1.9984 . . 121 2911 99.9670293439 . . . 0.185790089348 . 0.183977586885 . . . . . . . . . . . 
'X-RAY DIFFRACTION' 1.9984 2.2875 . . 141 2869 100.0         . . . 0.20133696559  . 0.182661177484 . . . . . . . . . . . 
'X-RAY DIFFRACTION' 2.2875 2.8816 . . 138 2942 100.0         . . . 0.212603562978 . 0.204361336835 . . . . . . . . . . . 
'X-RAY DIFFRACTION' 2.8816 29.117 . . 159 3039 99.5641344956 . . . 0.192241888391 . 0.176147094042 . . . . . . . . . . . 
# 
_struct.entry_id                     7X6T 
_struct.title                        
'Discovery of Selective BRD4 BD1 Inhibitor Based on [1,2,4] triazolo [4,3-b] pyridazine Scaffold' 
_struct.pdbx_model_details           ? 
_struct.pdbx_formula_weight          ? 
_struct.pdbx_formula_weight_method   ? 
_struct.pdbx_model_type_details      ? 
_struct.pdbx_CASP_flag               N 
# 
_struct_keywords.entry_id        7X6T 
_struct_keywords.text            'Bromodomain, DNA BINDING PROTEIN' 
_struct_keywords.pdbx_keywords   'DNA BINDING PROTEIN' 
# 
loop_
_struct_asym.id 
_struct_asym.pdbx_blank_PDB_chainid_flag 
_struct_asym.pdbx_modified 
_struct_asym.entity_id 
_struct_asym.details 
A N N 1 ? 
B N N 2 ? 
C N N 3 ? 
# 
loop_
_struct_conf.conf_type_id 
_struct_conf.id 
_struct_conf.pdbx_PDB_helix_id 
_struct_conf.beg_label_comp_id 
_struct_conf.beg_label_asym_id 
_struct_conf.beg_label_seq_id 
_struct_conf.pdbx_beg_PDB_ins_code 
_struct_conf.end_label_comp_id 
_struct_conf.end_label_asym_id 
_struct_conf.end_label_seq_id 
_struct_conf.pdbx_end_PDB_ins_code 
_struct_conf.beg_auth_comp_id 
_struct_conf.beg_auth_asym_id 
_struct_conf.beg_auth_seq_id 
_struct_conf.end_auth_comp_id 
_struct_conf.end_auth_asym_id 
_struct_conf.end_auth_seq_id 
_struct_conf.pdbx_PDB_helix_class 
_struct_conf.details 
_struct_conf.pdbx_PDB_helix_length 
HELX_P HELX_P1 AA1 THR A 19  ? VAL A 28  ? THR A 60  VAL A 69  1 ? 10 
HELX_P HELX_P2 AA2 VAL A 28  ? LYS A 35  ? VAL A 69  LYS A 76  1 ? 8  
HELX_P HELX_P3 AA3 ALA A 39  ? GLN A 43  ? ALA A 80  GLN A 84  5 ? 5  
HELX_P HELX_P4 AA4 ASP A 55  ? ILE A 60  ? ASP A 96  ILE A 101 1 ? 6  
HELX_P HELX_P5 AA5 ASP A 65  ? ASN A 75  ? ASP A 106 ASN A 116 1 ? 11 
HELX_P HELX_P6 AA6 ASN A 80  ? ASN A 99  ? ASN A 121 ASN A 140 1 ? 20 
HELX_P HELX_P7 AA7 ASP A 103 ? ASN A 121 ? ASP A 144 ASN A 162 1 ? 19 
# 
_struct_conf_type.id          HELX_P 
_struct_conf_type.criteria    ? 
_struct_conf_type.reference   ? 
# 
_atom_sites.entry_id                    7X6T 
_atom_sites.Cartn_transf_matrix[1][1]   ? 
_atom_sites.Cartn_transf_matrix[1][2]   ? 
_atom_sites.Cartn_transf_matrix[1][3]   ? 
_atom_sites.Cartn_transf_matrix[2][1]   ? 
_atom_sites.Cartn_transf_matrix[2][2]   ? 
_atom_sites.Cartn_transf_matrix[2][3]   ? 
_atom_sites.Cartn_transf_matrix[3][1]   ? 
_atom_sites.Cartn_transf_matrix[3][2]   ? 
_atom_sites.Cartn_transf_matrix[3][3]   ? 
_atom_sites.Cartn_transf_vector[1]      ? 
_atom_sites.Cartn_transf_vector[2]      ? 
_atom_sites.Cartn_transf_vector[3]      ? 
_atom_sites.fract_transf_matrix[1][1]   -0.01293642 
_atom_sites.fract_transf_matrix[1][2]   -0.02268806 
_atom_sites.fract_transf_matrix[1][3]   -0.00094173 
_atom_sites.fract_transf_matrix[2][1]   0.01383084 
_atom_sites.fract_transf_matrix[2][2]   -0.00857375 
_atom_sites.fract_transf_matrix[2][3]   0.01656543 
_atom_sites.fract_transf_matrix[3][1]   -0.00800394 
_atom_sites.fract_transf_matrix[3][2]   0.00419621 
_atom_sites.fract_transf_matrix[3][3]   0.00885449 
_atom_sites.fract_transf_vector[1]      -0.305645 
_atom_sites.fract_transf_vector[2]      0.065226 
_atom_sites.fract_transf_vector[3]      -0.118885 
_atom_sites.solution_primary            ? 
_atom_sites.solution_secondary          ? 
_atom_sites.solution_hydrogens          ? 
_atom_sites.special_details             ? 
# 
loop_
_atom_type.symbol 
_atom_type.scat_dispersion_real 
_atom_type.scat_dispersion_imag 
_atom_type.scat_Cromer_Mann_a1 
_atom_type.scat_Cromer_Mann_a2 
_atom_type.scat_Cromer_Mann_a3 
_atom_type.scat_Cromer_Mann_a4 
_atom_type.scat_Cromer_Mann_b1 
_atom_type.scat_Cromer_Mann_b2 
_atom_type.scat_Cromer_Mann_b3 
_atom_type.scat_Cromer_Mann_b4 
_atom_type.scat_Cromer_Mann_c 
_atom_type.scat_source 
_atom_type.scat_dispersion_source 
C ? ? 3.54356 2.42580 ? ? 25.62398 1.50364  ? ? 0.0 
;2-Gaussian fit: Grosse-Kunstleve RW, Sauter NK, Adams PD: Newsletter of the IUCr Commission on Crystallographic Computing 2004, 3, 22-31.
;
? 
H ? ? 0.51345 0.48472 ? ? 24.73122 6.32584  ? ? 0.0 
;2-Gaussian fit: Grosse-Kunstleve RW, Sauter NK, Adams PD: Newsletter of the IUCr Commission on Crystallographic Computing 2004, 3, 22-31.
;
? 
N ? ? 4.01032 2.96436 ? ? 19.97189 1.75589  ? ? 0.0 
;2-Gaussian fit: Grosse-Kunstleve RW, Sauter NK, Adams PD: Newsletter of the IUCr Commission on Crystallographic Computing 2004, 3, 22-31.
;
? 
O ? ? 4.49882 3.47563 ? ? 15.80542 1.70748  ? ? 0.0 
;2-Gaussian fit: Grosse-Kunstleve RW, Sauter NK, Adams PD: Newsletter of the IUCr Commission on Crystallographic Computing 2004, 3, 22-31.
;
? 
S ? ? 9.55732 6.39887 ? ? 1.23737  29.19336 ? ? 0.0 
;2-Gaussian fit: Grosse-Kunstleve RW, Sauter NK, Adams PD: Newsletter of the IUCr Commission on Crystallographic Computing 2004, 3, 22-31.
;
? 
# 
loop_
_atom_site.group_PDB 
_atom_site.id 
_atom_site.type_symbol 
_atom_site.label_atom_id 
_atom_site.label_alt_id 
_atom_site.label_comp_id 
_atom_site.label_asym_id 
_atom_site.label_entity_id 
_atom_site.label_seq_id 
_atom_site.pdbx_PDB_ins_code 
_atom_site.Cartn_x 
_atom_site.Cartn_y 
_atom_site.Cartn_z 
_atom_site.occupancy 
_atom_site.B_iso_or_equiv 
_atom_site.pdbx_formal_charge 
_atom_site.auth_seq_id 
_atom_site.auth_comp_id 
_atom_site.auth_asym_id 
_atom_site.auth_atom_id 
_atom_site.pdbx_PDB_model_num 
ATOM   1    N N    . SER A 1 1   ? -14.67463 13.25317  -15.02235 1.000 20.97831 ? 42  SER A N    1 
ATOM   2    C CA   . SER A 1 1   ? -13.51742 13.11342  -14.13622 1.000 20.59937 ? 42  SER A CA   1 
ATOM   3    C C    . SER A 1 1   ? -12.72356 11.86928  -14.49455 1.000 19.61658 ? 42  SER A C    1 
ATOM   4    O O    . SER A 1 1   ? -13.23569 10.95104  -15.12915 1.000 19.80416 ? 42  SER A O    1 
ATOM   5    C CB   . SER A 1 1   ? -13.93811 13.06253  -12.66817 1.000 24.44201 ? 42  SER A CB   1 
ATOM   6    O OG   . SER A 1 1   ? -14.84021 12.00131  -12.43653 1.000 32.20207 ? 42  SER A OG   1 
ATOM   7    N N    . MET A 1 2   ? -11.46457 11.84390  -14.06797 1.000 19.47602 ? 43  MET A N    1 
ATOM   8    C CA   . MET A 1 2   ? -10.53735 10.79582  -14.46370 1.000 19.95132 ? 43  MET A CA   1 
ATOM   9    C C    . MET A 1 2   ? -9.63377  10.44479  -13.29576 1.000 17.69352 ? 43  MET A C    1 
ATOM   10   O O    . MET A 1 2   ? -9.27306  11.30297  -12.48808 1.000 18.56390 ? 43  MET A O    1 
ATOM   11   C CB   . MET A 1 2   ? -9.62998  11.26556  -15.59943 1.000 19.99113 ? 43  MET A CB   1 
ATOM   12   C CG   . MET A 1 2   ? -10.36157 11.63528  -16.88375 1.000 18.64783 ? 43  MET A CG   1 
ATOM   13   S SD   . MET A 1 2   ? -9.25231  12.41323  -18.08158 1.000 24.50633 ? 43  MET A SD   1 
ATOM   14   C CE   . MET A 1 2   ? -8.00568  11.14239  -18.22319 1.000 24.54896 ? 43  MET A CE   1 
ATOM   15   N N    . ASN A 1 3   ? -9.24139  9.17550   -13.24256 1.000 15.91466 ? 44  ASN A N    1 
ATOM   16   C CA   . ASN A 1 3   ? -8.22920  8.72445   -12.29944 1.000 15.30876 ? 44  ASN A CA   1 
ATOM   17   C C    . ASN A 1 3   ? -6.85274  8.82703   -12.93048 1.000 16.06952 ? 44  ASN A C    1 
ATOM   18   O O    . ASN A 1 3   ? -6.71745  8.76838   -14.15194 1.000 16.23637 ? 44  ASN A O    1 
ATOM   19   C CB   . ASN A 1 3   ? -8.48469  7.26722   -11.91521 1.000 16.07072 ? 44  ASN A CB   1 
ATOM   20   C CG   . ASN A 1 3   ? -9.73586  7.08723   -11.07789 1.000 14.82903 ? 44  ASN A CG   1 
ATOM   21   O OD1  . ASN A 1 3   ? -9.95142  7.80204   -10.10209 1.000 17.06677 ? 44  ASN A OD1  1 
ATOM   22   N ND2  . ASN A 1 3   ? -10.56175 6.12108   -11.45592 1.000 15.72506 ? 44  ASN A ND2  1 
ATOM   23   N N    . PRO A 1 4   ? -5.80604  8.97668   -12.12219 1.000 14.13326 ? 45  PRO A N    1 
ATOM   24   C CA   . PRO A 1 4   ? -4.43415  8.94464   -12.65356 1.000 15.63750 ? 45  PRO A CA   1 
ATOM   25   C C    . PRO A 1 4   ? -4.05406  7.52633   -13.03734 1.000 14.93537 ? 45  PRO A C    1 
ATOM   26   O O    . PRO A 1 4   ? -4.69272  6.55859   -12.59281 1.000 14.98275 ? 45  PRO A O    1 
ATOM   27   C CB   . PRO A 1 4   ? -3.59420  9.41226   -11.45402 1.000 14.72046 ? 45  PRO A CB   1 
ATOM   28   C CG   . PRO A 1 4   ? -4.36652  8.85554   -10.26201 1.000 14.91797 ? 45  PRO A CG   1 
ATOM   29   C CD   . PRO A 1 4   ? -5.83098  9.04916   -10.64466 1.000 13.72670 ? 45  PRO A CD   1 
ATOM   30   N N    . PRO A 1 5   ? -3.01587  7.34955   -13.85184 1.000 14.34509 ? 46  PRO A N    1 
ATOM   31   C CA   . PRO A 1 5   ? -2.45149  6.01616   -14.00062 1.000 13.97956 ? 46  PRO A CA   1 
ATOM   32   C C    . PRO A 1 5   ? -2.02996  5.49211   -12.64872 1.000 14.11310 ? 46  PRO A C    1 
ATOM   33   O O    . PRO A 1 5   ? -1.71677  6.27144   -11.72898 1.000 15.51924 ? 46  PRO A O    1 
ATOM   34   C CB   . PRO A 1 5   ? -1.24335  6.24323   -14.92270 1.000 17.97990 ? 46  PRO A CB   1 
ATOM   35   C CG   . PRO A 1 5   ? -0.92778  7.69033   -14.82425 1.000 21.44873 ? 46  PRO A CG   1 
ATOM   36   C CD   . PRO A 1 5   ? -2.19180  8.40358   -14.46255 1.000 14.06751 ? 46  PRO A CD   1 
ATOM   37   N N    . PRO A 1 6   ? -2.03006  4.17277   -12.46446 1.000 13.87650 ? 47  PRO A N    1 
ATOM   38   C CA   . PRO A 1 6   ? -1.61732  3.59060   -11.18640 1.000 14.91834 ? 47  PRO A CA   1 
ATOM   39   C C    . PRO A 1 6   ? -0.12521  3.76819   -10.97542 1.000 16.59754 ? 47  PRO A C    1 
ATOM   40   O O    . PRO A 1 6   ? 0.60029   4.15291   -11.90196 1.000 15.97153 ? 47  PRO A O    1 
ATOM   41   C CB   . PRO A 1 6   ? -1.96492  2.10461   -11.36068 1.000 18.17644 ? 47  PRO A CB   1 
ATOM   42   C CG   . PRO A 1 6   ? -1.88284  1.87395   -12.81853 1.000 18.60488 ? 47  PRO A CG   1 
ATOM   43   C CD   . PRO A 1 6   ? -2.38482  3.14395   -13.45604 1.000 18.35788 ? 47  PRO A CD   1 
ATOM   44   N N    . PRO A 1 7   ? 0.37815   3.51303   -9.77374  1.000 14.86798 ? 48  PRO A N    1 
ATOM   45   C CA   . PRO A 1 7   ? 1.82886   3.54577   -9.57975  1.000 14.56114 ? 48  PRO A CA   1 
ATOM   46   C C    . PRO A 1 7   ? 2.47782   2.46902   -10.43622 1.000 15.03820 ? 48  PRO A C    1 
ATOM   47   O O    . PRO A 1 7   ? 1.85661   1.46399   -10.78157 1.000 16.16082 ? 48  PRO A O    1 
ATOM   48   C CB   . PRO A 1 7   ? 1.99566   3.25240   -8.08288  1.000 15.24547 ? 48  PRO A CB   1 
ATOM   49   C CG   . PRO A 1 7   ? 0.65183   3.61249   -7.47546  1.000 14.72456 ? 48  PRO A CG   1 
ATOM   50   C CD   . PRO A 1 7   ? -0.33705  3.19476   -8.52814  1.000 13.90954 ? 48  PRO A CD   1 
ATOM   51   N N    . GLU A 1 8   ? 3.73883   2.70366   -10.78266 1.000 15.93450 ? 49  GLU A N    1 
ATOM   52   C CA   . GLU A 1 8   ? 4.49482   1.77220   -11.61042 1.000 16.99964 ? 49  GLU A CA   1 
ATOM   53   C C    . GLU A 1 8   ? 4.62335   0.41915   -10.91750 1.000 15.42934 ? 49  GLU A C    1 
ATOM   54   O O    . GLU A 1 8   ? 4.94875   0.34246   -9.72802  1.000 15.78553 ? 49  GLU A O    1 
ATOM   55   C CB   . GLU A 1 8   ? 5.88343   2.36910   -11.83841 1.000 17.66203 ? 49  GLU A CB   1 
ATOM   56   C CG   . GLU A 1 8   ? 6.81242   1.55598   -12.69095 1.000 21.32192 ? 49  GLU A CG   1 
ATOM   57   C CD   . GLU A 1 8   ? 8.09917   2.30200   -12.98119 1.000 22.59492 ? 49  GLU A CD   1 
ATOM   58   O OE1  . GLU A 1 8   ? 8.16163   3.00190   -14.01427 1.000 27.49179 ? 49  GLU A OE1  1 
ATOM   59   O OE2  . GLU A 1 8   ? 9.04295   2.20397   -12.16891 1.000 23.05617 ? 49  GLU A OE2  1 
ATOM   60   N N    . THR A 1 9   ? 4.38297   -0.66119  -11.67154 1.000 15.83281 ? 50  THR A N    1 
ATOM   61   C CA   . THR A 1 9   ? 4.58825   -2.01308  -11.17418 1.000 15.66862 ? 50  THR A CA   1 
ATOM   62   C C    . THR A 1 9   ? 5.53479   -2.84351  -12.02600 1.000 15.56041 ? 50  THR A C    1 
ATOM   63   O O    . THR A 1 9   ? 5.88208   -3.95788  -11.61988 1.000 17.10026 ? 50  THR A O    1 
ATOM   64   C CB   . THR A 1 9   ? 3.25365   -2.76179  -11.01404 1.000 15.35755 ? 50  THR A CB   1 
ATOM   65   O OG1  . THR A 1 9   ? 2.53800   -2.73836  -12.25691 1.000 18.71166 ? 50  THR A OG1  1 
ATOM   66   C CG2  . THR A 1 9   ? 2.40667   -2.14215  -9.90819  1.000 18.19751 ? 50  THR A CG2  1 
ATOM   67   N N    . SER A 1 10  ? 5.95133   -2.34092  -13.18570 1.000 17.14703 ? 51  SER A N    1 
ATOM   68   C CA   . SER A 1 10  ? 6.87068   -3.04085  -14.07602 1.000 15.15189 ? 51  SER A CA   1 
ATOM   69   C C    . SER A 1 10  ? 7.77815   -2.00294  -14.70963 1.000 17.90823 ? 51  SER A C    1 
ATOM   70   O O    . SER A 1 10  ? 7.30223   -0.98325  -15.21884 1.000 19.48148 ? 51  SER A O    1 
ATOM   71   C CB   . SER A 1 10  ? 6.09659   -3.79010  -15.16784 1.000 17.61182 ? 51  SER A CB   1 
ATOM   72   O OG   . SER A 1 10  ? 6.96259   -4.27450  -16.18346 1.000 23.91698 ? 51  SER A OG   1 
ATOM   73   N N    . ASN A 1 11  ? 9.07890   -2.25667  -14.65972 1.000 16.07257 ? 52  ASN A N    1 
ATOM   74   C CA   . ASN A 1 11  ? 10.05735  -1.38132  -15.28568 1.000 16.57459 ? 52  ASN A CA   1 
ATOM   75   C C    . ASN A 1 11  ? 11.32476  -2.19304  -15.51029 1.000 16.76682 ? 52  ASN A C    1 
ATOM   76   O O    . ASN A 1 11  ? 12.09164  -2.40157  -14.56471 1.000 15.75866 ? 52  ASN A O    1 
ATOM   77   C CB   . ASN A 1 11  ? 10.35591  -0.18647  -14.38060 1.000 17.86797 ? 52  ASN A CB   1 
ATOM   78   C CG   . ASN A 1 11  ? 11.33584  0.78999   -15.00376 1.000 21.42436 ? 52  ASN A CG   1 
ATOM   79   O OD1  . ASN A 1 11  ? 11.96701  0.50460   -16.02470 1.000 20.78687 ? 52  ASN A OD1  1 
ATOM   80   N ND2  . ASN A 1 11  ? 11.46067  1.96101   -14.38947 1.000 28.41054 ? 52  ASN A ND2  1 
ATOM   81   N N    . PRO A 1 12  ? 11.58233  -2.66918  -16.73127 1.000 16.32218 ? 53  PRO A N    1 
ATOM   82   C CA   . PRO A 1 12  ? 12.75206  -3.53312  -16.94469 1.000 16.69618 ? 53  PRO A CA   1 
ATOM   83   C C    . PRO A 1 12  ? 14.08045  -2.85473  -16.67176 1.000 17.60707 ? 53  PRO A C    1 
ATOM   84   O O    . PRO A 1 12  ? 15.08499  -3.55557  -16.49206 1.000 20.81623 ? 53  PRO A O    1 
ATOM   85   C CB   . PRO A 1 12  ? 12.62600  -3.94729  -18.41729 1.000 16.33205 ? 53  PRO A CB   1 
ATOM   86   C CG   . PRO A 1 12  ? 11.19298  -3.78351  -18.73050 1.000 22.72115 ? 53  PRO A CG   1 
ATOM   87   C CD   . PRO A 1 12  ? 10.73641  -2.59004  -17.93297 1.000 19.20885 ? 53  PRO A CD   1 
ATOM   88   N N    . ASN A 1 13  ? 14.12630  -1.52137  -16.61918 1.000 16.33496 ? 54  ASN A N    1 
ATOM   89   C CA   . ASN A 1 13  ? 15.38964  -0.84789  -16.34404 1.000 19.01276 ? 54  ASN A CA   1 
ATOM   90   C C    . ASN A 1 13  ? 15.72647  -0.78820  -14.85799 1.000 18.72371 ? 54  ASN A C    1 
ATOM   91   O O    . ASN A 1 13  ? 16.89105  -0.55573  -14.50500 1.000 19.82123 ? 54  ASN A O    1 
ATOM   92   C CB   . ASN A 1 13  ? 15.37901  0.54927   -16.96794 1.000 18.37745 ? 54  ASN A CB   1 
ATOM   93   C CG   . ASN A 1 13  ? 15.72874  0.51982   -18.44468 1.000 20.29981 ? 54  ASN A CG   1 
ATOM   94   O OD1  . ASN A 1 13  ? 16.75434  -0.04265  -18.83396 1.000 24.58800 ? 54  ASN A OD1  1 
ATOM   95   N ND2  . ASN A 1 13  ? 14.87283  1.10458   -19.27058 1.000 22.05359 ? 54  ASN A ND2  1 
ATOM   96   N N    . LYS A 1 14  ? 14.75274  -0.99455  -13.98464 1.000 15.92526 ? 55  LYS A N    1 
ATOM   97   C CA   . LYS A 1 14  ? 15.01315  -0.93449  -12.54401 1.000 17.88395 ? 55  LYS A CA   1 
ATOM   98   C C    . LYS A 1 14  ? 15.61835  -2.25207  -12.06840 1.000 15.73069 ? 55  LYS A C    1 
ATOM   99   O O    . LYS A 1 14  ? 15.04288  -3.31953  -12.31758 1.000 15.85672 ? 55  LYS A O    1 
ATOM   100  C CB   . LYS A 1 14  ? 13.70379  -0.67736  -11.79785 1.000 14.84590 ? 55  LYS A CB   1 
ATOM   101  C CG   . LYS A 1 14  ? 13.86460  -0.51955  -10.28415 1.000 15.03013 ? 55  LYS A CG   1 
ATOM   102  C CD   . LYS A 1 14  ? 12.50537  -0.32583  -9.61194  1.000 15.36305 ? 55  LYS A CD   1 
ATOM   103  C CE   . LYS A 1 14  ? 12.60949  0.06668   -8.13889  1.000 14.99860 ? 55  LYS A CE   1 
ATOM   104  N NZ   . LYS A 1 14  ? 13.20728  -1.00676  -7.27811  1.000 15.05863 ? 55  LYS A NZ   1 
ATOM   105  N N    . PRO A 1 15  ? 16.77625  -2.22746  -11.40387 1.000 14.56121 ? 56  PRO A N    1 
ATOM   106  C CA   . PRO A 1 15  ? 17.38480  -3.49016  -10.96680 1.000 17.07828 ? 56  PRO A CA   1 
ATOM   107  C C    . PRO A 1 15  ? 16.56823  -4.13964  -9.86062  1.000 17.18636 ? 56  PRO A C    1 
ATOM   108  O O    . PRO A 1 15  ? 16.06365  -3.46850  -8.95824  1.000 17.28122 ? 56  PRO A O    1 
ATOM   109  C CB   . PRO A 1 15  ? 18.78028  -3.07882  -10.47478 1.000 20.97740 ? 56  PRO A CB   1 
ATOM   110  C CG   . PRO A 1 15  ? 18.73368  -1.59909  -10.31193 1.000 23.16640 ? 56  PRO A CG   1 
ATOM   111  C CD   . PRO A 1 15  ? 17.68157  -1.07888  -11.23847 1.000 16.93513 ? 56  PRO A CD   1 
ATOM   112  N N    . LYS A 1 16  ? 16.44941  -5.46000  -9.94679  1.000 16.37957 ? 57  LYS A N    1 
ATOM   113  C CA   . LYS A 1 16  ? 15.62590  -6.26109  -9.05963  1.000 16.75343 ? 57  LYS A CA   1 
ATOM   114  C C    . LYS A 1 16  ? 16.51032  -7.22843  -8.29519  1.000 17.18652 ? 57  LYS A C    1 
ATOM   115  O O    . LYS A 1 16  ? 17.53483  -7.68726  -8.80288  1.000 16.31219 ? 57  LYS A O    1 
ATOM   116  C CB   . LYS A 1 16  ? 14.62836  -7.09824  -9.87046  1.000 15.10189 ? 57  LYS A CB   1 
ATOM   117  C CG   . LYS A 1 16  ? 13.83534  -6.30929  -10.91632 1.000 15.64495 ? 57  LYS A CG   1 
ATOM   118  C CD   . LYS A 1 16  ? 13.20700  -5.06334  -10.30344 1.000 16.53143 ? 57  LYS A CD   1 
ATOM   119  C CE   . LYS A 1 16  ? 12.14024  -4.48246  -11.22076 1.000 17.97259 ? 57  LYS A CE   1 
ATOM   120  N NZ   . LYS A 1 16  ? 12.64138  -4.34136  -12.63024 1.000 15.21337 ? 57  LYS A NZ   1 
ATOM   121  N N    . ARG A 1 17  ? 16.09525  -7.55187  -7.07500  1.000 16.90706 ? 58  ARG A N    1 
ATOM   122  C CA   . ARG A 1 17  ? 16.83298  -8.51111  -6.27575  1.000 16.85966 ? 58  ARG A CA   1 
ATOM   123  C C    . ARG A 1 17  ? 15.85154  -9.18994  -5.34249  1.000 18.53429 ? 58  ARG A C    1 
ATOM   124  O O    . ARG A 1 17  ? 15.10679  -8.50976  -4.63388  1.000 18.79959 ? 58  ARG A O    1 
ATOM   125  C CB   . ARG A 1 17  ? 17.90458  -7.79021  -5.45564  1.000 17.85039 ? 58  ARG A CB   1 
ATOM   126  C CG   . ARG A 1 17  ? 18.72860  -8.69014  -4.56260  1.000 19.37908 ? 58  ARG A CG   1 
ATOM   127  C CD   . ARG A 1 17  ? 19.73621  -7.85765  -3.80575  1.000 17.09582 ? 58  ARG A CD   1 
ATOM   128  N NE   . ARG A 1 17  ? 19.06958  -6.94909  -2.87887  1.000 17.41363 ? 58  ARG A NE   1 
ATOM   129  C CZ   . ARG A 1 17  ? 19.58975  -6.56356  -1.71933  1.000 15.87980 ? 58  ARG A CZ   1 
ATOM   130  N NH1  . ARG A 1 17  ? 20.78496  -6.99709  -1.35601  1.000 18.28818 ? 58  ARG A NH1  1 
ATOM   131  N NH2  . ARG A 1 17  ? 18.91335  -5.74068  -0.91624  1.000 17.13285 ? 58  ARG A NH2  1 
ATOM   132  N N    . GLN A 1 18  ? 15.84498  -10.51893 -5.35514  1.000 19.35716 ? 59  GLN A N    1 
ATOM   133  C CA   . GLN A 1 18  ? 15.05697  -11.27141 -4.39131  1.000 26.38935 ? 59  GLN A CA   1 
ATOM   134  C C    . GLN A 1 18  ? 15.85874  -11.41101 -3.10205  1.000 25.66502 ? 59  GLN A C    1 
ATOM   135  O O    . GLN A 1 18  ? 17.06036  -11.70068 -3.13661  1.000 26.00273 ? 59  GLN A O    1 
ATOM   136  C CB   . GLN A 1 18  ? 14.71716  -12.64660 -4.96469  1.000 26.71108 ? 59  GLN A CB   1 
ATOM   137  C CG   . GLN A 1 18  ? 13.55669  -13.33586 -4.27933  1.000 33.45497 ? 59  GLN A CG   1 
ATOM   138  C CD   . GLN A 1 18  ? 12.37594  -12.41138 -4.08161  1.000 26.78291 ? 59  GLN A CD   1 
ATOM   139  O OE1  . GLN A 1 18  ? 12.19832  -11.84219 -3.00435  1.000 26.95717 ? 59  GLN A OE1  1 
ATOM   140  N NE2  . GLN A 1 18  ? 11.57041  -12.24476 -5.12314  1.000 30.72198 ? 59  GLN A NE2  1 
ATOM   141  N N    . THR A 1 19  ? 15.20532  -11.16827 -1.96667  1.000 21.85450 ? 60  THR A N    1 
ATOM   142  C CA   . THR A 1 19  ? 15.81893  -11.33103 -0.65563  1.000 21.55252 ? 60  THR A CA   1 
ATOM   143  C C    . THR A 1 19  ? 14.85512  -12.07933 0.25538   1.000 23.84932 ? 60  THR A C    1 
ATOM   144  O O    . THR A 1 19  ? 13.64455  -12.10957 0.02531   1.000 21.44880 ? 60  THR A O    1 
ATOM   145  C CB   . THR A 1 19  ? 16.21612  -9.98619  -0.01581  1.000 19.81688 ? 60  THR A CB   1 
ATOM   146  O OG1  . THR A 1 19  ? 15.05043  -9.32180  0.49281   1.000 21.63360 ? 60  THR A OG1  1 
ATOM   147  C CG2  . THR A 1 19  ? 16.89239  -9.07506  -1.03030  1.000 23.91503 ? 60  THR A CG2  1 
ATOM   148  N N    . ASN A 1 20  ? 15.40330  -12.70345 1.29752   1.000 24.55584 ? 61  ASN A N    1 
ATOM   149  C CA   . ASN A 1 20  ? 14.53173  -13.41013 2.22973   1.000 21.80141 ? 61  ASN A CA   1 
ATOM   150  C C    . ASN A 1 20  ? 13.57985  -12.45128 2.93779   1.000 18.98060 ? 61  ASN A C    1 
ATOM   151  O O    . ASN A 1 20  ? 12.45572  -12.83421 3.28595   1.000 21.01093 ? 61  ASN A O    1 
ATOM   152  C CB   . ASN A 1 20  ? 15.35638  -14.22692 3.22511   1.000 26.77912 ? 61  ASN A CB   1 
ATOM   153  C CG   . ASN A 1 20  ? 16.18623  -13.36152 4.14418   1.000 27.47967 ? 61  ASN A CG   1 
ATOM   154  O OD1  . ASN A 1 20  ? 16.91430  -12.47201 3.69937   1.000 32.34624 ? 61  ASN A OD1  1 
ATOM   155  N ND2  . ASN A 1 20  ? 16.07125  -13.60877 5.44403   1.000 28.12068 ? 61  ASN A ND2  1 
ATOM   156  N N    . GLN A 1 21  ? 13.99109  -11.19606 3.12514   1.000 19.82865 ? 62  GLN A N    1 
ATOM   157  C CA   . GLN A 1 21  ? 13.09259  -10.21320 3.72222   1.000 18.49220 ? 62  GLN A CA   1 
ATOM   158  C C    . GLN A 1 21  ? 11.91893  -9.89992  2.80083   1.000 16.30739 ? 62  GLN A C    1 
ATOM   159  O O    . GLN A 1 21  ? 10.76521  -9.85500  3.24388   1.000 17.29324 ? 62  GLN A O    1 
ATOM   160  C CB   . GLN A 1 21  ? 13.86455  -8.94927  4.08630   1.000 19.61443 ? 62  GLN A CB   1 
ATOM   161  C CG   . GLN A 1 21  ? 14.87474  -9.19010  5.19698   1.000 21.43985 ? 62  GLN A CG   1 
ATOM   162  C CD   . GLN A 1 21  ? 15.53220  -7.92020  5.66526   1.000 23.96290 ? 62  GLN A CD   1 
ATOM   163  O OE1  . GLN A 1 21  ? 15.64303  -6.94673  4.91854   1.000 25.70873 ? 62  GLN A OE1  1 
ATOM   164  N NE2  . GLN A 1 21  ? 15.96822  -7.91485  6.91795   1.000 23.52596 ? 62  GLN A NE2  1 
ATOM   165  N N    . LEU A 1 22  ? 12.19141  -9.68070  1.51329   1.000 17.22995 ? 63  LEU A N    1 
ATOM   166  C CA   . LEU A 1 22  ? 11.10187  -9.48556  0.56407   1.000 17.15564 ? 63  LEU A CA   1 
ATOM   167  C C    . LEU A 1 22  ? 10.18885  -10.70385 0.50825   1.000 15.94504 ? 63  LEU A C    1 
ATOM   168  O O    . LEU A 1 22  ? 8.96295   -10.56246 0.41715   1.000 16.78004 ? 63  LEU A O    1 
ATOM   169  C CB   . LEU A 1 22  ? 11.65583  -9.13059  -0.81595  1.000 15.45158 ? 63  LEU A CB   1 
ATOM   170  C CG   . LEU A 1 22  ? 12.15303  -7.68852  -0.92632  1.000 15.20801 ? 63  LEU A CG   1 
ATOM   171  C CD1  . LEU A 1 22  ? 13.05724  -7.53234  -2.15196  1.000 17.34266 ? 63  LEU A CD1  1 
ATOM   172  C CD2  . LEU A 1 22  ? 10.98227  -6.71657  -0.99848  1.000 15.39212 ? 63  LEU A CD2  1 
ATOM   173  N N    . GLN A 1 23  ? 10.75568  -11.91305 0.57782   1.000 17.64855 ? 64  GLN A N    1 
ATOM   174  C CA   . GLN A 1 23  ? 9.90340   -13.09691 0.53657   1.000 18.00265 ? 64  GLN A CA   1 
ATOM   175  C C    . GLN A 1 23  ? 8.99009   -13.14903 1.75397   1.000 17.68892 ? 64  GLN A C    1 
ATOM   176  O O    . GLN A 1 23  ? 7.81411   -13.51774 1.64455   1.000 19.78945 ? 64  GLN A O    1 
ATOM   177  C CB   . GLN A 1 23  ? 10.75398  -14.36114 0.41306   1.000 20.57880 ? 64  GLN A CB   1 
ATOM   178  C CG   . GLN A 1 23  ? 11.57320  -14.41932 -0.88268  1.000 22.57533 ? 64  GLN A CG   1 
ATOM   179  C CD   . GLN A 1 23  ? 12.59732  -15.54422 -0.89274  1.000 29.55880 ? 64  GLN A CD   1 
ATOM   180  O OE1  . GLN A 1 23  ? 13.36244  -15.71608 0.05938   1.000 31.13080 ? 64  GLN A OE1  1 
ATOM   181  N NE2  . GLN A 1 23  ? 12.61852  -16.31383 -1.97764  1.000 37.03646 ? 64  GLN A NE2  1 
ATOM   182  N N    . TYR A 1 24  ? 9.51216   -12.76288 2.91676   1.000 18.66240 ? 65  TYR A N    1 
ATOM   183  C CA   . TYR A 1 24  ? 8.68321   -12.68886 4.11612   1.000 16.63482 ? 65  TYR A CA   1 
ATOM   184  C C    . TYR A 1 24  ? 7.58809   -11.64014 3.95921   1.000 19.26339 ? 65  TYR A C    1 
ATOM   185  O O    . TYR A 1 24  ? 6.44435   -11.84943 4.38545   1.000 18.17633 ? 65  TYR A O    1 
ATOM   186  C CB   . TYR A 1 24  ? 9.57832   -12.36860 5.31220   1.000 17.27865 ? 65  TYR A CB   1 
ATOM   187  C CG   . TYR A 1 24  ? 8.87543   -12.06207 6.61685   1.000 22.09172 ? 65  TYR A CG   1 
ATOM   188  C CD1  . TYR A 1 24  ? 8.53785   -13.07668 7.49881   1.000 27.08298 ? 65  TYR A CD1  1 
ATOM   189  C CD2  . TYR A 1 24  ? 8.58338   -10.75097 6.97961   1.000 19.53638 ? 65  TYR A CD2  1 
ATOM   190  C CE1  . TYR A 1 24  ? 7.91000   -12.79833 8.70248   1.000 23.12515 ? 65  TYR A CE1  1 
ATOM   191  C CE2  . TYR A 1 24  ? 7.95335   -10.45961 8.18048   1.000 21.76211 ? 65  TYR A CE2  1 
ATOM   192  C CZ   . TYR A 1 24  ? 7.62182   -11.48964 9.03836   1.000 21.62225 ? 65  TYR A CZ   1 
ATOM   193  O OH   . TYR A 1 24  ? 7.00019   -11.21340 10.24029  1.000 23.29626 ? 65  TYR A OH   1 
ATOM   194  N N    . LEU A 1 25  ? 7.92519   -10.49253 3.36894   1.000 16.22286 ? 66  LEU A N    1 
ATOM   195  C CA   . LEU A 1 25  ? 6.92150   -9.45492  3.15552   1.000 17.22224 ? 66  LEU A CA   1 
ATOM   196  C C    . LEU A 1 25  ? 5.75584   -9.95431  2.31211   1.000 19.25850 ? 66  LEU A C    1 
ATOM   197  O O    . LEU A 1 25  ? 4.61197   -9.54579  2.54221   1.000 17.37730 ? 66  LEU A O    1 
ATOM   198  C CB   . LEU A 1 25  ? 7.56476   -8.21217  2.53510   1.000 17.06014 ? 66  LEU A CB   1 
ATOM   199  C CG   . LEU A 1 25  ? 8.34812   -7.34137  3.51267   1.000 17.23344 ? 66  LEU A CG   1 
ATOM   200  C CD1  . LEU A 1 25  ? 9.14954   -6.28622  2.77711   1.000 20.21510 ? 66  LEU A CD1  1 
ATOM   201  C CD2  . LEU A 1 25  ? 7.40770   -6.67935  4.50579   1.000 23.37964 ? 66  LEU A CD2  1 
ATOM   202  N N    . LEU A 1 26  ? 6.01427   -10.82696 1.33747   1.000 17.03621 ? 67  LEU A N    1 
ATOM   203  C CA   . LEU A 1 26  ? 4.92934   -11.39854 0.54608   1.000 16.70251 ? 67  LEU A CA   1 
ATOM   204  C C    . LEU A 1 26  ? 4.24671   -12.54626 1.28131   1.000 20.02679 ? 67  LEU A C    1 
ATOM   205  O O    . LEU A 1 26  ? 3.01888   -12.55084 1.43935   1.000 20.92079 ? 67  LEU A O    1 
ATOM   206  C CB   . LEU A 1 26  ? 5.44732   -11.86113 -0.81771  1.000 18.33712 ? 67  LEU A CB   1 
ATOM   207  C CG   . LEU A 1 26  ? 4.42633   -12.53897 -1.73126  1.000 19.45281 ? 67  LEU A CG   1 
ATOM   208  C CD1  . LEU A 1 26  ? 3.20647   -11.64996 -1.95051  1.000 20.50962 ? 67  LEU A CD1  1 
ATOM   209  C CD2  . LEU A 1 26  ? 5.06566   -12.92839 -3.05823  1.000 20.20708 ? 67  LEU A CD2  1 
ATOM   210  N N    . ARG A 1 27  ? 5.03582   -13.50927 1.76511   1.000 18.64846 ? 68  ARG A N    1 
ATOM   211  C CA   . ARG A 1 27  ? 4.47673   -14.75223 2.28911   1.000 21.80547 ? 68  ARG A CA   1 
ATOM   212  C C    . ARG A 1 27  ? 3.71307   -14.51598 3.58265   1.000 20.50910 ? 68  ARG A C    1 
ATOM   213  O O    . ARG A 1 27  ? 2.67788   -15.14896 3.82415   1.000 24.56650 ? 68  ARG A O    1 
ATOM   214  C CB   . ARG A 1 27  ? 5.60722   -15.75762 2.51969   1.000 24.22675 ? 68  ARG A CB   1 
ATOM   215  C CG   . ARG A 1 27  ? 5.17923   -17.05890 3.18793   1.000 33.67676 ? 68  ARG A CG   1 
ATOM   216  C CD   . ARG A 1 27  ? 6.37951   -17.92616 3.59872   1.000 32.26511 ? 68  ARG A CD   1 
ATOM   217  N NE   . ARG A 1 27  ? 7.15495   -17.34539 4.69595   1.000 31.23008 ? 68  ARG A NE   1 
ATOM   218  C CZ   . ARG A 1 27  ? 8.32942   -16.73523 4.54821   1.000 36.53875 ? 68  ARG A CZ   1 
ATOM   219  N NH1  . ARG A 1 27  ? 8.88553   -16.63128 3.34593   1.000 32.61645 ? 68  ARG A NH1  1 
ATOM   220  N NH2  . ARG A 1 27  ? 8.95545   -16.23270 5.60607   1.000 37.30165 ? 68  ARG A NH2  1 
ATOM   221  N N    . VAL A 1 28  ? 4.19624   -13.60234 4.41679   1.000 18.44384 ? 69  VAL A N    1 
ATOM   222  C CA   . VAL A 1 28  ? 3.63509   -13.36109 5.74252   1.000 21.36402 ? 69  VAL A CA   1 
ATOM   223  C C    . VAL A 1 28  ? 2.88869   -12.03502 5.80211   1.000 21.09063 ? 69  VAL A C    1 
ATOM   224  O O    . VAL A 1 28  ? 1.70255   -11.99503 6.13533   1.000 20.01961 ? 69  VAL A O    1 
ATOM   225  C CB   . VAL A 1 28  ? 4.72169   -13.44911 6.83734   1.000 22.21721 ? 69  VAL A CB   1 
ATOM   226  C CG1  . VAL A 1 28  ? 4.15770   -13.04939 8.19692   1.000 23.62167 ? 69  VAL A CG1  1 
ATOM   227  C CG2  . VAL A 1 28  ? 5.31013   -14.85543 6.89227   1.000 26.78648 ? 69  VAL A CG2  1 
ATOM   228  N N    . VAL A 1 29  ? 3.57009   -10.93302 5.49234   1.000 18.16669 ? 70  VAL A N    1 
ATOM   229  C CA   . VAL A 1 29  ? 3.02047   -9.61316  5.78820   1.000 17.06395 ? 70  VAL A CA   1 
ATOM   230  C C    . VAL A 1 29  ? 1.84707   -9.29704  4.86938   1.000 17.90726 ? 70  VAL A C    1 
ATOM   231  O O    . VAL A 1 29  ? 0.71976   -9.07599  5.32731   1.000 18.50310 ? 70  VAL A O    1 
ATOM   232  C CB   . VAL A 1 29  ? 4.11134   -8.53225  5.72028   1.000 15.58688 ? 70  VAL A CB   1 
ATOM   233  C CG1  . VAL A 1 29  ? 3.51257   -7.17493  6.06306   1.000 19.76777 ? 70  VAL A CG1  1 
ATOM   234  C CG2  . VAL A 1 29  ? 5.26353   -8.88450  6.67580   1.000 17.68015 ? 70  VAL A CG2  1 
ATOM   235  N N    . LEU A 1 30  ? 2.09329   -9.27506  3.55919   1.000 17.74819 ? 71  LEU A N    1 
ATOM   236  C CA   . LEU A 1 30  ? 1.03166   -8.93470  2.61670   1.000 16.95051 ? 71  LEU A CA   1 
ATOM   237  C C    . LEU A 1 30  ? -0.12365  -9.91866  2.72356   1.000 18.12741 ? 71  LEU A C    1 
ATOM   238  O O    . LEU A 1 30  ? -1.29143  -9.52360  2.79522   1.000 17.60261 ? 71  LEU A O    1 
ATOM   239  C CB   . LEU A 1 30  ? 1.58677   -8.91267  1.19565   1.000 14.70725 ? 71  LEU A CB   1 
ATOM   240  C CG   . LEU A 1 30  ? 0.55141   -8.56115  0.11910   1.000 17.99842 ? 71  LEU A CG   1 
ATOM   241  C CD1  . LEU A 1 30  ? 0.01849   -7.14580  0.32148   1.000 17.95532 ? 71  LEU A CD1  1 
ATOM   242  C CD2  . LEU A 1 30  ? 1.11951   -8.75084  -1.27560  1.000 27.63202 ? 71  LEU A CD2  1 
ATOM   243  N N    . LYS A 1 31  ? 0.18180   -11.21069 2.75094   1.000 18.22542 ? 72  LYS A N    1 
ATOM   244  C CA   . LYS A 1 31  ? -0.89177  -12.19466 2.73675   1.000 20.63584 ? 72  LYS A CA   1 
ATOM   245  C C    . LYS A 1 31  ? -1.73982  -12.13908 4.00540   1.000 20.92854 ? 72  LYS A C    1 
ATOM   246  O O    . LYS A 1 31  ? -2.95680  -12.35590 3.93530   1.000 25.11015 ? 72  LYS A O    1 
ATOM   247  C CB   . LYS A 1 31  ? -0.34002  -13.58234 2.41228   1.000 24.20088 ? 72  LYS A CB   1 
ATOM   248  C CG   . LYS A 1 31  ? 0.05840   -13.70087 0.93963   1.000 27.77752 ? 72  LYS A CG   1 
ATOM   249  C CD   . LYS A 1 31  ? 0.75193   -15.01338 0.62552   1.000 27.37578 ? 72  LYS A CD   1 
ATOM   250  C CE   . LYS A 1 31  ? 0.97942   -15.16104 -0.87137  1.000 35.40085 ? 72  LYS A CE   1 
ATOM   251  N NZ   . LYS A 1 31  ? -0.31333  -15.22783 -1.61079  1.000 41.43850 ? 72  LYS A NZ   1 
ATOM   252  N N    . THR A 1 32  ? -1.14346  -11.78982 5.15100   1.000 20.48277 ? 73  THR A N    1 
ATOM   253  C CA   . THR A 1 32  ? -1.91903  -11.64459 6.38369   1.000 21.97078 ? 73  THR A CA   1 
ATOM   254  C C    . THR A 1 32  ? -2.79282  -10.39536 6.35188   1.000 21.19729 ? 73  THR A C    1 
ATOM   255  O O    . THR A 1 32  ? -3.98224  -10.45281 6.69186   1.000 22.57015 ? 73  THR A O    1 
ATOM   256  C CB   . THR A 1 32  ? -1.00178  -11.62753 7.60657   1.000 23.23228 ? 73  THR A CB   1 
ATOM   257  O OG1  . THR A 1 32  ? -0.32223  -12.88567 7.71313   1.000 29.02750 ? 73  THR A OG1  1 
ATOM   258  C CG2  . THR A 1 32  ? -1.81293  -11.39213 8.87499   1.000 25.29337 ? 73  THR A CG2  1 
ATOM   259  N N    . LEU A 1 33  ? -2.22489  -9.25035  5.95841   1.000 18.48195 ? 74  LEU A N    1 
ATOM   260  C CA   . LEU A 1 33  ? -3.03077  -8.03433  5.89046   1.000 17.41967 ? 74  LEU A CA   1 
ATOM   261  C C    . LEU A 1 33  ? -4.15282  -8.17718  4.87473   1.000 17.32861 ? 74  LEU A C    1 
ATOM   262  O O    . LEU A 1 33  ? -5.26026  -7.66715  5.09208   1.000 16.77766 ? 74  LEU A O    1 
ATOM   263  C CB   . LEU A 1 33  ? -2.16358  -6.81422  5.56147   1.000 15.22459 ? 74  LEU A CB   1 
ATOM   264  C CG   . LEU A 1 33  ? -1.66977  -5.98631  6.75664   1.000 18.48598 ? 74  LEU A CG   1 
ATOM   265  C CD1  . LEU A 1 33  ? -0.66264  -6.77671  7.57392   1.000 20.54911 ? 74  LEU A CD1  1 
ATOM   266  C CD2  . LEU A 1 33  ? -1.07639  -4.66532  6.28250   1.000 21.91182 ? 74  LEU A CD2  1 
ATOM   267  N N    . TRP A 1 34  ? -3.89021  -8.88234  3.76972   1.000 17.04654 ? 75  TRP A N    1 
ATOM   268  C CA   . TRP A 1 34  ? -4.86617  -8.99124  2.69326   1.000 17.38960 ? 75  TRP A CA   1 
ATOM   269  C C    . TRP A 1 34  ? -6.16062  -9.63771  3.16662   1.000 20.59574 ? 75  TRP A C    1 
ATOM   270  O O    . TRP A 1 34  ? -7.24216  -9.28852  2.67830   1.000 18.91281 ? 75  TRP A O    1 
ATOM   271  C CB   . TRP A 1 34  ? -4.26842  -9.79872  1.54787   1.000 18.07551 ? 75  TRP A CB   1 
ATOM   272  C CG   . TRP A 1 34  ? -5.05748  -9.72220  0.28925   1.000 17.78832 ? 75  TRP A CG   1 
ATOM   273  C CD1  . TRP A 1 34  ? -6.05860  -10.55966 -0.09859  1.000 21.10655 ? 75  TRP A CD1  1 
ATOM   274  C CD2  . TRP A 1 34  ? -4.89811  -8.76627  -0.76039  1.000 18.08654 ? 75  TRP A CD2  1 
ATOM   275  N NE1  . TRP A 1 34  ? -6.53581  -10.18338 -1.33024  1.000 20.78868 ? 75  TRP A NE1  1 
ATOM   276  C CE2  . TRP A 1 34  ? -5.84223  -9.08144  -1.75737  1.000 20.05384 ? 75  TRP A CE2  1 
ATOM   277  C CE3  . TRP A 1 34  ? -4.04962  -7.66937  -0.95460  1.000 17.97254 ? 75  TRP A CE3  1 
ATOM   278  C CZ2  . TRP A 1 34  ? -5.96429  -8.34286  -2.93104  1.000 19.87398 ? 75  TRP A CZ2  1 
ATOM   279  C CZ3  . TRP A 1 34  ? -4.17411  -6.94161  -2.12547  1.000 16.04546 ? 75  TRP A CZ3  1 
ATOM   280  C CH2  . TRP A 1 34  ? -5.12437  -7.27927  -3.09400  1.000 16.64161 ? 75  TRP A CH2  1 
ATOM   281  N N    . LYS A 1 35  ? -6.07853  -10.57749 4.10694   1.000 18.27870 ? 76  LYS A N    1 
ATOM   282  C CA   . LYS A 1 35  ? -7.25540  -11.30264 4.56485   1.000 18.22045 ? 76  LYS A CA   1 
ATOM   283  C C    . LYS A 1 35  ? -7.97474  -10.60874 5.71255   1.000 21.80141 ? 76  LYS A C    1 
ATOM   284  O O    . LYS A 1 35  ? -9.02542  -11.09283 6.14816   1.000 25.84198 ? 76  LYS A O    1 
ATOM   285  C CB   . LYS A 1 35  ? -6.88597  -12.74349 4.95096   1.000 23.13538 ? 76  LYS A CB   1 
ATOM   286  C CG   . LYS A 1 35  ? -6.02063  -12.87386 6.18632   1.000 28.39670 ? 76  LYS A CG   1 
ATOM   287  C CD   . LYS A 1 35  ? -5.59497  -14.32626 6.38323   1.000 33.61915 ? 76  LYS A CD   1 
ATOM   288  C CE   . LYS A 1 35  ? -5.01916  -14.89871 5.09334   1.000 36.34925 ? 76  LYS A CE   1 
ATOM   289  N NZ   . LYS A 1 35  ? -4.53548  -16.30207 5.24850   1.000 44.95491 ? 76  LYS A NZ   1 
ATOM   290  N N    . HIS A 1 36  ? -7.45622  -9.48474  6.19828   1.000 17.86371 ? 77  HIS A N    1 
ATOM   291  C CA   . HIS A 1 36  ? -8.07929  -8.78018  7.30606   1.000 17.49700 ? 77  HIS A CA   1 
ATOM   292  C C    . HIS A 1 36  ? -9.43101  -8.20037  6.89211   1.000 19.66176 ? 77  HIS A C    1 
ATOM   293  O O    . HIS A 1 36  ? -9.63444  -7.78121  5.74718   1.000 17.79196 ? 77  HIS A O    1 
ATOM   294  C CB   . HIS A 1 36  ? -7.16556  -7.65122  7.76364   1.000 17.44453 ? 77  HIS A CB   1 
ATOM   295  C CG   . HIS A 1 36  ? -7.55453  -7.05806  9.07517   1.000 19.20144 ? 77  HIS A CG   1 
ATOM   296  N ND1  . HIS A 1 36  ? -8.58151  -6.15021  9.20974   1.000 18.26524 ? 77  HIS A ND1  1 
ATOM   297  C CD2  . HIS A 1 36  ? -7.04608  -7.23821  10.31709  1.000 20.60329 ? 77  HIS A CD2  1 
ATOM   298  C CE1  . HIS A 1 36  ? -8.69582  -5.80342  10.47913  1.000 20.13175 ? 77  HIS A CE1  1 
ATOM   299  N NE2  . HIS A 1 36  ? -7.77386  -6.44823  11.17103  1.000 20.60428 ? 77  HIS A NE2  1 
ATOM   300  N N    . GLN A 1 37  ? -10.37312 -8.18232  7.84020   1.000 17.81156 ? 78  GLN A N    1 
ATOM   301  C CA   . GLN A 1 37  ? -11.71744 -7.72848  7.49470   1.000 19.20139 ? 78  GLN A CA   1 
ATOM   302  C C    . GLN A 1 37  ? -11.73832 -6.28267  7.01281   1.000 17.76848 ? 78  GLN A C    1 
ATOM   303  O O    . GLN A 1 37  ? -12.69919 -5.87702  6.35104   1.000 18.33899 ? 78  GLN A O    1 
ATOM   304  C CB   . GLN A 1 37  ? -12.70164 -7.93989  8.65137   1.000 18.66292 ? 78  GLN A CB   1 
ATOM   305  C CG   . GLN A 1 37  ? -12.46672 -7.05567  9.85660   1.000 19.07193 ? 78  GLN A CG   1 
ATOM   306  C CD   . GLN A 1 37  ? -13.60789 -7.11668  10.86018  1.000 20.78277 ? 78  GLN A CD   1 
ATOM   307  O OE1  . GLN A 1 37  ? -14.76337 -6.85249  10.52093  1.000 22.20869 ? 78  GLN A OE1  1 
ATOM   308  N NE2  . GLN A 1 37  ? -13.28431 -7.44989  12.10612  1.000 24.45232 ? 78  GLN A NE2  1 
ATOM   309  N N    . PHE A 1 38  ? -10.70160 -5.50084  7.31499   1.000 16.19624 ? 79  PHE A N    1 
ATOM   310  C CA   . PHE A 1 38  ? -10.65497 -4.09394  6.94333   1.000 17.40441 ? 79  PHE A CA   1 
ATOM   311  C C    . PHE A 1 38  ? -9.75697  -3.84034  5.73812   1.000 16.94062 ? 79  PHE A C    1 
ATOM   312  O O    . PHE A 1 38  ? -9.50346  -2.67542  5.41616   1.000 17.22692 ? 79  PHE A O    1 
ATOM   313  C CB   . PHE A 1 38  ? -10.18475 -3.22769  8.11984   1.000 17.18279 ? 79  PHE A CB   1 
ATOM   314  C CG   . PHE A 1 38  ? -11.17730 -3.11427  9.25004   1.000 20.57571 ? 79  PHE A CG   1 
ATOM   315  C CD1  . PHE A 1 38  ? -12.52819 -3.32725  9.04370   1.000 20.48889 ? 79  PHE A CD1  1 
ATOM   316  C CD2  . PHE A 1 38  ? -10.74566 -2.77717  10.53219  1.000 21.53604 ? 79  PHE A CD2  1 
ATOM   317  C CE1  . PHE A 1 38  ? -13.43309 -3.21229  10.08900  1.000 22.05461 ? 79  PHE A CE1  1 
ATOM   318  C CE2  . PHE A 1 38  ? -11.64819 -2.66553  11.57951  1.000 22.82539 ? 79  PHE A CE2  1 
ATOM   319  C CZ   . PHE A 1 38  ? -12.99363 -2.88098  11.35517  1.000 24.51178 ? 79  PHE A CZ   1 
ATOM   320  N N    . ALA A 1 39  ? -9.27935  -4.89547  5.06304   1.000 14.79124 ? 80  ALA A N    1 
ATOM   321  C CA   . ALA A 1 39  ? -8.33510  -4.70290  3.96678   1.000 14.25438 ? 80  ALA A CA   1 
ATOM   322  C C    . ALA A 1 39  ? -8.98859  -4.18902  2.69503   1.000 14.36233 ? 80  ALA A C    1 
ATOM   323  O O    . ALA A 1 39  ? -8.31338  -3.55317  1.88363   1.000 14.50057 ? 80  ALA A O    1 
ATOM   324  C CB   . ALA A 1 39  ? -7.62462  -6.01115  3.62213   1.000 16.82356 ? 80  ALA A CB   1 
ATOM   325  N N    . TRP A 1 40  ? -10.27425 -4.46710  2.48597   1.000 14.39735 ? 81  TRP A N    1 
ATOM   326  C CA   . TRP A 1 40  ? -10.85691 -4.30420  1.15270   1.000 15.53620 ? 81  TRP A CA   1 
ATOM   327  C C    . TRP A 1 40  ? -10.70356 -2.91063  0.54075   1.000 13.24879 ? 81  TRP A C    1 
ATOM   328  O O    . TRP A 1 40  ? -10.46132 -2.83596  -0.67641  1.000 14.75114 ? 81  TRP A O    1 
ATOM   329  C CB   . TRP A 1 40  ? -12.30924 -4.82279  1.11209   1.000 15.86127 ? 81  TRP A CB   1 
ATOM   330  C CG   . TRP A 1 40  ? -13.22564 -4.13809  2.06571   1.000 15.17466 ? 81  TRP A CG   1 
ATOM   331  C CD1  . TRP A 1 40  ? -13.43946 -4.45739  3.36928   1.000 16.83756 ? 81  TRP A CD1  1 
ATOM   332  C CD2  . TRP A 1 40  ? -14.03424 -2.99378  1.79238   1.000 16.14669 ? 81  TRP A CD2  1 
ATOM   333  N NE1  . TRP A 1 40  ? -14.33872 -3.58428  3.93212   1.000 19.70395 ? 81  TRP A NE1  1 
ATOM   334  C CE2  . TRP A 1 40  ? -14.72029 -2.67494  2.98112   1.000 16.51987 ? 81  TRP A CE2  1 
ATOM   335  C CE3  . TRP A 1 40  ? -14.25008 -2.21003  0.65623   1.000 17.65867 ? 81  TRP A CE3  1 
ATOM   336  C CZ2  . TRP A 1 40  ? -15.60578 -1.60358  3.06610   1.000 18.39454 ? 81  TRP A CZ2  1 
ATOM   337  C CZ3  . TRP A 1 40  ? -15.14003 -1.14531  0.74569   1.000 17.18160 ? 81  TRP A CZ3  1 
ATOM   338  C CH2  . TRP A 1 40  ? -15.79610 -0.85466  1.93930   1.000 17.88237 ? 81  TRP A CH2  1 
ATOM   339  N N    . PRO A 1 41  ? -10.83269 -1.79912  1.27875   1.000 12.76121 ? 82  PRO A N    1 
ATOM   340  C CA   . PRO A 1 41  ? -10.64303 -0.48460  0.64523   1.000 12.92592 ? 82  PRO A CA   1 
ATOM   341  C C    . PRO A 1 41  ? -9.22408  -0.25579  0.18014   1.000 12.92305 ? 82  PRO A C    1 
ATOM   342  O O    . PRO A 1 41  ? -8.98266  0.64971   -0.63757  1.000 14.04070 ? 82  PRO A O    1 
ATOM   343  C CB   . PRO A 1 41  ? -11.01735 0.50737   1.75510   1.000 13.52134 ? 82  PRO A CB   1 
ATOM   344  C CG   . PRO A 1 41  ? -11.80735 -0.30334  2.76244   1.000 13.30451 ? 82  PRO A CG   1 
ATOM   345  C CD   . PRO A 1 41  ? -11.19017 -1.66851  2.70446   1.000 13.97893 ? 82  PRO A CD   1 
ATOM   346  N N    . PHE A 1 42  ? -8.28196  -1.04939  0.68108   1.000 13.17491 ? 83  PHE A N    1 
ATOM   347  C CA   . PHE A 1 42  ? -6.86686  -0.86641  0.40949   1.000 12.44711 ? 83  PHE A CA   1 
ATOM   348  C C    . PHE A 1 42  ? -6.32447  -1.88803  -0.57852  1.000 13.04305 ? 83  PHE A C    1 
ATOM   349  O O    . PHE A 1 42  ? -5.12180  -1.88379  -0.84716  1.000 14.19703 ? 83  PHE A O    1 
ATOM   350  C CB   . PHE A 1 42  ? -6.06668  -0.91951  1.72761   1.000 11.62274 ? 83  PHE A CB   1 
ATOM   351  C CG   . PHE A 1 42  ? -6.56115  0.03957   2.76443   1.000 12.01358 ? 83  PHE A CG   1 
ATOM   352  C CD1  . PHE A 1 42  ? -6.08363  1.33384   2.80531   1.000 14.13482 ? 83  PHE A CD1  1 
ATOM   353  C CD2  . PHE A 1 42  ? -7.53269  -0.34000  3.68910   1.000 13.08329 ? 83  PHE A CD2  1 
ATOM   354  C CE1  . PHE A 1 42  ? -6.55047  2.23635   3.74878   1.000 12.67480 ? 83  PHE A CE1  1 
ATOM   355  C CE2  . PHE A 1 42  ? -8.00090  0.54981   4.62700   1.000 13.31151 ? 83  PHE A CE2  1 
ATOM   356  C CZ   . PHE A 1 42  ? -7.51307  1.84872   4.65890   1.000 12.87259 ? 83  PHE A CZ   1 
ATOM   357  N N    . GLN A 1 43  ? -7.17667  -2.75127  -1.14006  1.000 13.72409 ? 84  GLN A N    1 
ATOM   358  C CA   . GLN A 1 43  ? -6.72713  -3.80967  -2.03958  1.000 14.69263 ? 84  GLN A CA   1 
ATOM   359  C C    . GLN A 1 43  ? -6.55737  -3.35850  -3.48893  1.000 13.78058 ? 84  GLN A C    1 
ATOM   360  O O    . GLN A 1 43  ? -6.19239  -4.17615  -4.34192  1.000 15.58631 ? 84  GLN A O    1 
ATOM   361  C CB   . GLN A 1 43  ? -7.67921  -5.00730  -1.95597  1.000 15.58899 ? 84  GLN A CB   1 
ATOM   362  C CG   . GLN A 1 43  ? -7.55373  -5.79263  -0.64972  1.000 14.61907 ? 84  GLN A CG   1 
ATOM   363  C CD   . GLN A 1 43  ? -8.61883  -6.86188  -0.49427  1.000 18.61289 ? 84  GLN A CD   1 
ATOM   364  O OE1  . GLN A 1 43  ? -9.65949  -6.82731  -1.15376  1.000 18.82854 ? 84  GLN A OE1  1 
ATOM   365  N NE2  . GLN A 1 43  ? -8.36770  -7.81658  0.39409   1.000 20.95511 ? 84  GLN A NE2  1 
ATOM   366  N N    . GLN A 1 44  ? -6.82853  -2.09499  -3.78653  1.000 13.61768 ? 85  GLN A N    1 
ATOM   367  C CA   . GLN A 1 44  ? -6.68241  -1.54771  -5.12402  1.000 14.11687 ? 85  GLN A CA   1 
ATOM   368  C C    . GLN A 1 44  ? -6.57581  -0.04195  -4.99953  1.000 13.17885 ? 85  GLN A C    1 
ATOM   369  O O    . GLN A 1 44  ? -6.93536  0.52293   -3.95275  1.000 14.62173 ? 85  GLN A O    1 
ATOM   370  C CB   . GLN A 1 44  ? -7.87078  -1.93019  -6.02453  1.000 15.42197 ? 85  GLN A CB   1 
ATOM   371  C CG   . GLN A 1 44  ? -9.23051  -1.46538  -5.53616  1.000 15.10493 ? 85  GLN A CG   1 
ATOM   372  C CD   . GLN A 1 44  ? -9.74047  -2.27314  -4.35958  1.000 14.69358 ? 85  GLN A CD   1 
ATOM   373  O OE1  . GLN A 1 44  ? -9.75723  -3.50932  -4.40486  1.000 17.45910 ? 85  GLN A OE1  1 
ATOM   374  N NE2  . GLN A 1 44  ? -10.14590 -1.58799  -3.29676  1.000 15.34421 ? 85  GLN A NE2  1 
ATOM   375  N N    . PRO A 1 45  ? -6.09258  0.63874   -6.03606  1.000 13.15570 ? 86  PRO A N    1 
ATOM   376  C CA   . PRO A 1 45  ? -6.00780  2.09910   -5.97720  1.000 14.15613 ? 86  PRO A CA   1 
ATOM   377  C C    . PRO A 1 45  ? -7.35511  2.72411   -5.64695  1.000 13.84478 ? 86  PRO A C    1 
ATOM   378  O O    . PRO A 1 45  ? -8.41646  2.19100   -5.98168  1.000 16.26716 ? 86  PRO A O    1 
ATOM   379  C CB   . PRO A 1 45  ? -5.54703  2.48294   -7.38738  1.000 14.97477 ? 86  PRO A CB   1 
ATOM   380  C CG   . PRO A 1 45  ? -4.72607  1.31842   -7.81303  1.000 14.08816 ? 86  PRO A CG   1 
ATOM   381  C CD   . PRO A 1 45  ? -5.44306  0.10528   -7.24785  1.000 15.26710 ? 86  PRO A CD   1 
ATOM   382  N N    . VAL A 1 46  ? -7.30781  3.87329   -4.98114  1.000 13.02540 ? 87  VAL A N    1 
ATOM   383  C CA   . VAL A 1 46  ? -8.52271  4.64856   -4.75848  1.000 13.59823 ? 87  VAL A CA   1 
ATOM   384  C C    . VAL A 1 46  ? -9.10634  5.06675   -6.10251  1.000 14.28437 ? 87  VAL A C    1 
ATOM   385  O O    . VAL A 1 46  ? -8.44231  5.72805   -6.91374  1.000 15.14869 ? 87  VAL A O    1 
ATOM   386  C CB   . VAL A 1 46  ? -8.22931  5.85704   -3.86157  1.000 13.17115 ? 87  VAL A CB   1 
ATOM   387  C CG1  . VAL A 1 46  ? -9.38922  6.84045   -3.92056  1.000 14.57200 ? 87  VAL A CG1  1 
ATOM   388  C CG2  . VAL A 1 46  ? -8.00136  5.42122   -2.43203  1.000 15.58712 ? 87  VAL A CG2  1 
ATOM   389  N N    . ASP A 1 47  ? -10.35476 4.65923   -6.35337  1.000 14.64710 ? 88  ASP A N    1 
ATOM   390  C CA   . ASP A 1 47  ? -11.08418 5.02158   -7.56887  1.000 15.57494 ? 88  ASP A CA   1 
ATOM   391  C C    . ASP A 1 47  ? -11.85995 6.28766   -7.23183  1.000 14.84791 ? 88  ASP A C    1 
ATOM   392  O O    . ASP A 1 47  ? -13.01377 6.25288   -6.79127  1.000 15.64212 ? 88  ASP A O    1 
ATOM   393  C CB   . ASP A 1 47  ? -11.99825 3.88103   -7.99678  1.000 16.11262 ? 88  ASP A CB   1 
ATOM   394  C CG   . ASP A 1 47  ? -12.63539 4.11780   -9.36328  1.000 18.92812 ? 88  ASP A CG   1 
ATOM   395  O OD1  . ASP A 1 47  ? -12.72297 5.28960   -9.78153  1.000 17.05215 ? 88  ASP A OD1  1 
ATOM   396  O OD2  . ASP A 1 47  ? -13.06021 3.13385   -10.00785 1.000 21.74021 ? 88  ASP A OD2  1 
ATOM   397  N N    . ALA A 1 48  ? -11.19555 7.42769   -7.41765  1.000 13.57976 ? 89  ALA A N    1 
ATOM   398  C CA   . ALA A 1 48  ? -11.78504 8.70184   -7.02985  1.000 15.44253 ? 89  ALA A CA   1 
ATOM   399  C C    . ALA A 1 48  ? -12.97458 9.05312   -7.90636  1.000 16.84830 ? 89  ALA A C    1 
ATOM   400  O O    . ALA A 1 48  ? -13.85954 9.79495   -7.47326  1.000 16.31693 ? 89  ALA A O    1 
ATOM   401  C CB   . ALA A 1 48  ? -10.72346 9.79488   -7.10158  1.000 18.73089 ? 89  ALA A CB   1 
ATOM   402  N N    . VAL A 1 49  ? -13.01328 8.53333   -9.13265  1.000 14.17565 ? 90  VAL A N    1 
ATOM   403  C CA   . VAL A 1 49  ? -14.17465 8.75434   -9.99298  1.000 15.73957 ? 90  VAL A CA   1 
ATOM   404  C C    . VAL A 1 49  ? -15.39132 8.01906   -9.44202  1.000 16.43886 ? 90  VAL A C    1 
ATOM   405  O O    . VAL A 1 49  ? -16.44758 8.62011   -9.21087  1.000 18.79443 ? 90  VAL A O    1 
ATOM   406  C CB   . VAL A 1 49  ? -13.86031 8.33873   -11.43978 1.000 16.82573 ? 90  VAL A CB   1 
ATOM   407  C CG1  . VAL A 1 49  ? -15.10699 8.48891   -12.29651 1.000 19.02870 ? 90  VAL A CG1  1 
ATOM   408  C CG2  . VAL A 1 49  ? -12.70668 9.18667   -12.00430 1.000 16.60729 ? 90  VAL A CG2  1 
ATOM   409  N N    . LYS A 1 50  ? -15.25445 6.70779   -9.20883  1.000 14.72977 ? 91  LYS A N    1 
ATOM   410  C CA   . LYS A 1 50  ? -16.37740 5.91770   -8.71508  1.000 14.96695 ? 91  LYS A CA   1 
ATOM   411  C C    . LYS A 1 50  ? -16.87710 6.43126   -7.36813  1.000 15.68262 ? 91  LYS A C    1 
ATOM   412  O O    . LYS A 1 50  ? -18.08196 6.40788   -7.09532  1.000 18.28946 ? 91  LYS A O    1 
ATOM   413  C CB   . LYS A 1 50  ? -15.95358 4.45282   -8.61087  1.000 19.40801 ? 91  LYS A CB   1 
ATOM   414  C CG   . LYS A 1 50  ? -17.03083 3.51129   -8.09811  1.000 23.97258 ? 91  LYS A CG   1 
ATOM   415  C CD   . LYS A 1 50  ? -16.43948 2.17310   -7.69081  1.000 26.26424 ? 91  LYS A CD   1 
ATOM   416  C CE   . LYS A 1 50  ? -15.81309 1.43945   -8.86517  1.000 30.59872 ? 91  LYS A CE   1 
ATOM   417  N NZ   . LYS A 1 50  ? -15.26226 0.12123   -8.43292  1.000 39.69128 ? 91  LYS A NZ   1 
ATOM   418  N N    . LEU A 1 51  ? -15.97246 6.89920   -6.50966  1.000 16.07132 ? 92  LEU A N    1 
ATOM   419  C CA   . LEU A 1 51  ? -16.34951 7.34736   -5.17687  1.000 15.30761 ? 92  LEU A CA   1 
ATOM   420  C C    . LEU A 1 51  ? -16.72353 8.82148   -5.11390  1.000 18.28104 ? 92  LEU A C    1 
ATOM   421  O O    . LEU A 1 51  ? -17.04248 9.31458   -4.02649  1.000 17.37046 ? 92  LEU A O    1 
ATOM   422  C CB   . LEU A 1 51  ? -15.20029 7.09100   -4.20732  1.000 17.27351 ? 92  LEU A CB   1 
ATOM   423  C CG   . LEU A 1 51  ? -14.78613 5.63374   -4.02797  1.000 18.09625 ? 92  LEU A CG   1 
ATOM   424  C CD1  . LEU A 1 51  ? -13.48810 5.57046   -3.23789  1.000 19.25293 ? 92  LEU A CD1  1 
ATOM   425  C CD2  . LEU A 1 51  ? -15.89298 4.85840   -3.32234  1.000 20.78518 ? 92  LEU A CD2  1 
ATOM   426  N N    . ASN A 1 52  ? -16.68787 9.53509   -6.23910  1.000 18.51929 ? 93  ASN A N    1 
ATOM   427  C CA   . ASN A 1 52  ? -16.98440 10.96770  -6.26812  1.000 19.56887 ? 93  ASN A CA   1 
ATOM   428  C C    . ASN A 1 52  ? -16.13686 11.73194  -5.25615  1.000 17.99333 ? 93  ASN A C    1 
ATOM   429  O O    . ASN A 1 52  ? -16.63710 12.48175  -4.41297  1.000 18.09957 ? 93  ASN A O    1 
ATOM   430  C CB   . ASN A 1 52  ? -18.47525 11.24772  -6.07209  1.000 18.82817 ? 93  ASN A CB   1 
ATOM   431  C CG   . ASN A 1 52  ? -18.82359 12.71043  -6.27562  1.000 27.23382 ? 93  ASN A CG   1 
ATOM   432  O OD1  . ASN A 1 52  ? -18.16606 13.41820  -7.03966  1.000 29.41713 ? 93  ASN A OD1  1 
ATOM   433  N ND2  . ASN A 1 52  ? -19.86029 13.17247  -5.58671  1.000 29.87981 ? 93  ASN A ND2  1 
ATOM   434  N N    . LEU A 1 53  ? -14.82696 11.51636  -5.33464  1.000 17.29574 ? 94  LEU A N    1 
ATOM   435  C CA   . LEU A 1 53  ? -13.84945 12.21627  -4.50774  1.000 15.83074 ? 94  LEU A CA   1 
ATOM   436  C C    . LEU A 1 53  ? -12.92397 12.98230  -5.44454  1.000 16.56893 ? 94  LEU A C    1 
ATOM   437  O O    . LEU A 1 53  ? -11.75201 12.62202  -5.61822  1.000 16.79026 ? 94  LEU A O    1 
ATOM   438  C CB   . LEU A 1 53  ? -13.07334 11.23905  -3.62531  1.000 17.35334 ? 94  LEU A CB   1 
ATOM   439  C CG   . LEU A 1 53  ? -13.89835 10.40955  -2.63109  1.000 18.11510 ? 94  LEU A CG   1 
ATOM   440  C CD1  . LEU A 1 53  ? -13.01623 9.38355   -1.93015  1.000 18.07823 ? 94  LEU A CD1  1 
ATOM   441  C CD2  . LEU A 1 53  ? -14.59194 11.29012  -1.60653  1.000 18.01962 ? 94  LEU A CD2  1 
ATOM   442  N N    . PRO A 1 54  ? -13.42391 14.04460  -6.07986  1.000 15.65261 ? 95  PRO A N    1 
ATOM   443  C CA   . PRO A 1 54  ? -12.62057 14.71466  -7.11881  1.000 15.19661 ? 95  PRO A CA   1 
ATOM   444  C C    . PRO A 1 54  ? -11.34965 15.35717  -6.60970  1.000 14.00034 ? 95  PRO A C    1 
ATOM   445  O O    . PRO A 1 54  ? -10.43184 15.58619  -7.40685  1.000 17.27052 ? 95  PRO A O    1 
ATOM   446  C CB   . PRO A 1 54  ? -13.58164 15.75923  -7.69978  1.000 15.72135 ? 95  PRO A CB   1 
ATOM   447  C CG   . PRO A 1 54  ? -14.58915 15.97730  -6.60733  1.000 16.65153 ? 95  PRO A CG   1 
ATOM   448  C CD   . PRO A 1 54  ? -14.76742 14.63733  -5.95421  1.000 16.98918 ? 95  PRO A CD   1 
ATOM   449  N N    . ASP A 1 55  ? -11.25493 15.66863  -5.32303  1.000 16.80094 ? 96  ASP A N    1 
ATOM   450  C CA   . ASP A 1 55  ? -10.03798 16.26538  -4.79200  1.000 15.41945 ? 96  ASP A CA   1 
ATOM   451  C C    . ASP A 1 55  ? -8.99291  15.24235  -4.37341  1.000 13.92723 ? 96  ASP A C    1 
ATOM   452  O O    . ASP A 1 55  ? -7.89576  15.64392  -3.98099  1.000 15.63023 ? 96  ASP A O    1 
ATOM   453  C CB   . ASP A 1 55  ? -10.34344 17.22048  -3.62833  1.000 17.62942 ? 96  ASP A CB   1 
ATOM   454  C CG   . ASP A 1 55  ? -10.91011 16.50664  -2.41468  1.000 17.28743 ? 96  ASP A CG   1 
ATOM   455  O OD1  . ASP A 1 55  ? -11.20624 15.30335  -2.51438  1.000 19.14537 ? 96  ASP A OD1  1 
ATOM   456  O OD2  . ASP A 1 55  ? -11.06935 17.15592  -1.35823  1.000 19.98546 ? 96  ASP A OD2  1 
ATOM   457  N N    . TYR A 1 56  ? -9.29093  13.93764  -4.44727  1.000 15.55066 ? 97  TYR A N    1 
ATOM   458  C CA   . TYR A 1 56  ? -8.38449  12.96677  -3.83836  1.000 14.64259 ? 97  TYR A CA   1 
ATOM   459  C C    . TYR A 1 56  ? -6.98599  13.08165  -4.42537  1.000 14.99419 ? 97  TYR A C    1 
ATOM   460  O O    . TYR A 1 56  ? -6.00093  13.21038  -3.69256  1.000 14.80798 ? 97  TYR A O    1 
ATOM   461  C CB   . TYR A 1 56  ? -8.91302  11.53305  -3.96744  1.000 15.32618 ? 97  TYR A CB   1 
ATOM   462  C CG   . TYR A 1 56  ? -8.00964  10.54856  -3.25166  1.000 14.40775 ? 97  TYR A CG   1 
ATOM   463  C CD1  . TYR A 1 56  ? -8.15422  10.31067  -1.88840  1.000 13.78164 ? 97  TYR A CD1  1 
ATOM   464  C CD2  . TYR A 1 56  ? -6.98251  9.90130   -3.92613  1.000 14.76123 ? 97  TYR A CD2  1 
ATOM   465  C CE1  . TYR A 1 56  ? -7.31578  9.44611   -1.22053  1.000 14.56012 ? 97  TYR A CE1  1 
ATOM   466  C CE2  . TYR A 1 56  ? -6.13399  9.03093   -3.26992  1.000 14.24190 ? 97  TYR A CE2  1 
ATOM   467  C CZ   . TYR A 1 56  ? -6.30259  8.80674   -1.91437  1.000 12.98254 ? 97  TYR A CZ   1 
ATOM   468  O OH   . TYR A 1 56  ? -5.46347  7.94510   -1.26397  1.000 14.83749 ? 97  TYR A OH   1 
ATOM   469  N N    . TYR A 1 57  ? -6.88393  13.06286  -5.74906  1.000 14.07018 ? 98  TYR A N    1 
ATOM   470  C CA   . TYR A 1 57  ? -5.58814  13.10466  -6.41182  1.000 14.40728 ? 98  TYR A CA   1 
ATOM   471  C C    . TYR A 1 57  ? -5.08445  14.52229  -6.63033  1.000 15.52935 ? 98  TYR A C    1 
ATOM   472  O O    . TYR A 1 57  ? -4.01349  14.69646  -7.22061  1.000 17.69919 ? 98  TYR A O    1 
ATOM   473  C CB   . TYR A 1 57  ? -5.62899  12.30209  -7.71455  1.000 15.37052 ? 98  TYR A CB   1 
ATOM   474  C CG   . TYR A 1 57  ? -5.75120  10.81946  -7.44938  1.000 14.68115 ? 98  TYR A CG   1 
ATOM   475  C CD1  . TYR A 1 57  ? -4.69520  10.12046  -6.88397  1.000 15.38589 ? 98  TYR A CD1  1 
ATOM   476  C CD2  . TYR A 1 57  ? -6.91605  10.11844  -7.74701  1.000 14.07795 ? 98  TYR A CD2  1 
ATOM   477  C CE1  . TYR A 1 57  ? -4.78738  8.76797   -6.63195  1.000 13.34994 ? 98  TYR A CE1  1 
ATOM   478  C CE2  . TYR A 1 57  ? -7.02210  8.75102   -7.48799  1.000 13.85056 ? 98  TYR A CE2  1 
ATOM   479  C CZ   . TYR A 1 57  ? -5.94182  8.08511   -6.93482  1.000 13.63207 ? 98  TYR A CZ   1 
ATOM   480  O OH   . TYR A 1 57  ? -6.01662  6.73511   -6.66792  1.000 15.30726 ? 98  TYR A OH   1 
ATOM   481  N N    . LYS A 1 58  ? -5.82657  15.53242  -6.16394  1.000 14.39063 ? 99  LYS A N    1 
ATOM   482  C CA   . LYS A 1 58  ? -5.25644  16.86144  -5.98603  1.000 15.40115 ? 99  LYS A CA   1 
ATOM   483  C C    . LYS A 1 58  ? -4.45110  16.94951  -4.69727  1.000 15.51347 ? 99  LYS A C    1 
ATOM   484  O O    . LYS A 1 58  ? -3.48673  17.71754  -4.62415  1.000 19.54056 ? 99  LYS A O    1 
ATOM   485  C CB   . LYS A 1 58  ? -6.38126  17.90418  -5.95728  1.000 15.74513 ? 99  LYS A CB   1 
ATOM   486  C CG   . LYS A 1 58  ? -7.23754  17.96161  -7.22088  1.000 18.82321 ? 99  LYS A CG   1 
ATOM   487  C CD   . LYS A 1 58  ? -6.44620  18.54275  -8.37834  1.000 18.78278 ? 99  LYS A CD   1 
ATOM   488  C CE   . LYS A 1 58  ? -7.28762  18.66243  -9.63187  1.000 21.45006 ? 99  LYS A CE   1 
ATOM   489  N NZ   . LYS A 1 58  ? -7.62128  17.33461  -10.21481 1.000 35.95921 ? 99  LYS A NZ   1 
ATOM   490  N N    . ILE A 1 59  ? -4.81599  16.15164  -3.69703  1.000 14.35167 ? 100 ILE A N    1 
ATOM   491  C CA   A ILE A 1 59  ? -4.19052  16.19067  -2.38204  1.000 16.50229 ? 100 ILE A CA   1 
ATOM   492  C CA   B ILE A 1 59  ? -4.18594  16.19528  -2.38595  0.000 16.52017 ? 100 ILE A CA   1 
ATOM   493  C C    . ILE A 1 59  ? -3.15581  15.08769  -2.21591  1.000 17.34930 ? 100 ILE A C    1 
ATOM   494  O O    . ILE A 1 59  ? -2.07311  15.32254  -1.67980  1.000 19.19327 ? 100 ILE A O    1 
ATOM   495  C CB   A ILE A 1 59  ? -5.28504  16.10532  -1.29642  1.000 16.37041 ? 100 ILE A CB   1 
ATOM   496  C CB   B ILE A 1 59  ? -5.25563  16.14328  -1.27364  0.000 16.48647 ? 100 ILE A CB   1 
ATOM   497  C CG1  A ILE A 1 59  ? -6.20197  17.33270  -1.38477  1.000 18.33194 ? 100 ILE A CG1  1 
ATOM   498  C CG1  B ILE A 1 59  ? -6.24195  17.30209  -1.42266  0.000 18.26477 ? 100 ILE A CG1  1 
ATOM   499  C CG2  A ILE A 1 59  ? -4.66803  15.94685  0.09729   1.000 19.04800 ? 100 ILE A CG2  1 
ATOM   500  C CG2  B ILE A 1 59  ? -4.60101  16.16753  0.09861   0.000 18.75559 ? 100 ILE A CG2  1 
ATOM   501  C CD1  A ILE A 1 59  ? -7.49845  17.16582  -0.64772  1.000 19.17245 ? 100 ILE A CD1  1 
ATOM   502  C CD1  B ILE A 1 59  ? -5.61374  18.66260  -1.23873  0.000 17.97108 ? 100 ILE A CD1  1 
ATOM   503  N N    . ILE A 1 60  ? -3.47423  13.87793  -2.66025  1.000 15.39970 ? 101 ILE A N    1 
ATOM   504  C CA   . ILE A 1 60  ? -2.58911  12.73134  -2.48575  1.000 16.01886 ? 101 ILE A CA   1 
ATOM   505  C C    . ILE A 1 60  ? -1.72830  12.59767  -3.73773  1.000 14.27462 ? 101 ILE A C    1 
ATOM   506  O O    . ILE A 1 60  ? -2.21051  12.16993  -4.79119  1.000 17.67961 ? 101 ILE A O    1 
ATOM   507  C CB   . ILE A 1 60  ? -3.39090  11.45707  -2.20943  1.000 15.61637 ? 101 ILE A CB   1 
ATOM   508  C CG1  . ILE A 1 60  ? -4.15303  11.59379  -0.89224  1.000 15.64321 ? 101 ILE A CG1  1 
ATOM   509  C CG2  . ILE A 1 60  ? -2.46769  10.23934  -2.17748  1.000 16.27661 ? 101 ILE A CG2  1 
ATOM   510  C CD1  . ILE A 1 60  ? -3.26937  11.95914  0.29221   1.000 15.56695 ? 101 ILE A CD1  1 
ATOM   511  N N    . LYS A 1 61  ? -0.45228  12.96245  -3.61828  1.000 16.02758 ? 102 LYS A N    1 
ATOM   512  C CA   . LYS A 1 61  ? 0.45280   13.01458  -4.75878  1.000 18.31866 ? 102 LYS A CA   1 
ATOM   513  C C    . LYS A 1 61  ? 1.34578   11.78631  -4.87471  1.000 19.30106 ? 102 LYS A C    1 
ATOM   514  O O    . LYS A 1 61  ? 2.04073   11.63939  -5.88610  1.000 19.89693 ? 102 LYS A O    1 
ATOM   515  C CB   . LYS A 1 61  ? 1.31311   14.28915  -4.71343  1.000 22.02004 ? 102 LYS A CB   1 
ATOM   516  C CG   . LYS A 1 61  ? 0.53072   15.59242  -4.92081  1.000 23.67680 ? 102 LYS A CG   1 
ATOM   517  C CD   . LYS A 1 61  ? -0.49895  15.39132  -5.99677  1.000 28.37049 ? 102 LYS A CD   1 
ATOM   518  C CE   . LYS A 1 61  ? -0.92215  16.68841  -6.64667  1.000 32.28268 ? 102 LYS A CE   1 
ATOM   519  N NZ   . LYS A 1 61  ? -1.79911  16.34984  -7.79066  1.000 21.03905 ? 102 LYS A NZ   1 
ATOM   520  N N    . THR A 1 62  ? 1.35695   10.90502  -3.88100  1.000 16.17490 ? 103 THR A N    1 
ATOM   521  C CA   A THR A 1 62  ? 2.07258   9.63205   -3.96364  0.730 17.00042 ? 103 THR A CA   1 
ATOM   522  C CA   B THR A 1 62  ? 2.06948   9.63096   -3.96780  0.270 17.03317 ? 103 THR A CA   1 
ATOM   523  C C    . THR A 1 62  ? 1.10566   8.51832   -3.58389  1.000 14.04366 ? 103 THR A C    1 
ATOM   524  O O    . THR A 1 62  ? 1.19329   7.94500   -2.49419  1.000 14.68176 ? 103 THR A O    1 
ATOM   525  C CB   A THR A 1 62  ? 3.31160   9.61433   -3.06775  0.730 20.19320 ? 103 THR A CB   1 
ATOM   526  C CB   B THR A 1 62  ? 3.33166   9.61596   -3.10362  0.270 20.13609 ? 103 THR A CB   1 
ATOM   527  O OG1  A THR A 1 62  ? 4.08404   10.80326  -3.28738  0.730 23.39339 ? 103 THR A OG1  1 
ATOM   528  O OG1  B THR A 1 62  ? 3.00872   10.01466  -1.76693  0.270 19.96650 ? 103 THR A OG1  1 
ATOM   529  C CG2  A THR A 1 62  ? 4.16143   8.38875   -3.37772  0.730 19.36457 ? 103 THR A CG2  1 
ATOM   530  C CG2  B THR A 1 62  ? 4.37873   10.56183  -3.67589  0.270 21.03084 ? 103 THR A CG2  1 
ATOM   531  N N    . PRO A 1 63  ? 0.16712   8.19046   -4.46910  1.000 13.38835 ? 104 PRO A N    1 
ATOM   532  C CA   . PRO A 1 63  ? -0.80926  7.14095   -4.16056  1.000 12.98864 ? 104 PRO A CA   1 
ATOM   533  C C    . PRO A 1 63  ? -0.12512  5.80277   -3.95316  1.000 13.59504 ? 104 PRO A C    1 
ATOM   534  O O    . PRO A 1 63  ? 0.86243   5.47289   -4.61093  1.000 13.89857 ? 104 PRO A O    1 
ATOM   535  C CB   . PRO A 1 63  ? -1.70390  7.09561   -5.41093  1.000 16.50838 ? 104 PRO A CB   1 
ATOM   536  C CG   . PRO A 1 63  ? -1.36981  8.29499   -6.22028  1.000 17.54358 ? 104 PRO A CG   1 
ATOM   537  C CD   . PRO A 1 63  ? -0.01581  8.77299   -5.81069  1.000 15.86330 ? 104 PRO A CD   1 
ATOM   538  N N    . MET A 1 64  ? -0.68653  5.00454   -3.04887  1.000 12.67103 ? 105 MET A N    1 
ATOM   539  C CA   . MET A 1 64  ? -0.19500  3.64449   -2.87293  1.000 13.41675 ? 105 MET A CA   1 
ATOM   540  C C    . MET A 1 64  ? -1.30051  2.81122   -2.24319  1.000 13.14280 ? 105 MET A C    1 
ATOM   541  O O    . MET A 1 64  ? -2.12714  3.32529   -1.48548  1.000 14.72152 ? 105 MET A O    1 
ATOM   542  C CB   . MET A 1 64  ? 1.08098   3.61694   -2.01537  1.000 13.89360 ? 105 MET A CB   1 
ATOM   543  C CG   . MET A 1 64  ? 1.79744   2.26228   -1.94457  1.000 14.22046 ? 105 MET A CG   1 
ATOM   544  S SD   . MET A 1 64  ? 2.11031   1.48953   -3.54166  1.000 14.04094 ? 105 MET A SD   1 
ATOM   545  C CE   . MET A 1 64  ? 3.06159   2.76338   -4.35358  1.000 14.47282 ? 105 MET A CE   1 
ATOM   546  N N    . ASP A 1 65  ? -1.29107  1.51549   -2.54962  1.000 13.36781 ? 106 ASP A N    1 
ATOM   547  C CA   . ASP A 1 65  ? -2.34391  0.60332   -2.11665  1.000 12.63776 ? 106 ASP A CA   1 
ATOM   548  C C    . ASP A 1 65  ? -1.76373  -0.80258  -2.10561  1.000 14.10634 ? 106 ASP A C    1 
ATOM   549  O O    . ASP A 1 65  ? -0.71376  -1.05714  -2.69910  1.000 12.34207 ? 106 ASP A O    1 
ATOM   550  C CB   . ASP A 1 65  ? -3.54852  0.67276   -3.06612  1.000 12.77781 ? 106 ASP A CB   1 
ATOM   551  C CG   . ASP A 1 65  ? -3.20174  0.18698   -4.45649  1.000 13.06144 ? 106 ASP A CG   1 
ATOM   552  O OD1  . ASP A 1 65  ? -2.61171  0.96832   -5.23975  1.000 14.42017 ? 106 ASP A OD1  1 
ATOM   553  O OD2  . ASP A 1 65  ? -3.43378  -1.00770  -4.74767  1.000 13.84246 ? 106 ASP A OD2  1 
ATOM   554  N N    . MET A 1 66  ? -2.46692  -1.71892  -1.42860  1.000 12.78773 ? 107 MET A N    1 
ATOM   555  C CA   . MET A 1 66  ? -1.95784  -3.08474  -1.32623  1.000 13.13970 ? 107 MET A CA   1 
ATOM   556  C C    . MET A 1 66  ? -2.09033  -3.86889  -2.61989  1.000 14.44960 ? 107 MET A C    1 
ATOM   557  O O    . MET A 1 66  ? -1.36807  -4.85514  -2.80032  1.000 14.53761 ? 107 MET A O    1 
ATOM   558  C CB   . MET A 1 66  ? -2.62483  -3.86083  -0.19114  1.000 15.81923 ? 107 MET A CB   1 
ATOM   559  C CG   . MET A 1 66  ? -2.34041  -3.30062  1.18094   1.000 14.18675 ? 107 MET A CG   1 
ATOM   560  S SD   . MET A 1 66  ? -2.62680  -4.48974  2.50453   1.000 15.93869 ? 107 MET A SD   1 
ATOM   561  C CE   . MET A 1 66  ? -4.38238  -4.78256  2.33696   1.000 16.73010 ? 107 MET A CE   1 
ATOM   562  N N    . GLY A 1 67  ? -2.99888  -3.48494  -3.51784  1.000 13.85075 ? 108 GLY A N    1 
ATOM   563  C CA   . GLY A 1 67  ? -3.01907  -4.13243  -4.81670  1.000 14.30254 ? 108 GLY A CA   1 
ATOM   564  C C    . GLY A 1 67  ? -1.73293  -3.87810  -5.57701  1.000 13.45677 ? 108 GLY A C    1 
ATOM   565  O O    . GLY A 1 67  ? -1.13725  -4.79722  -6.15576  1.000 14.07969 ? 108 GLY A O    1 
ATOM   566  N N    . THR A 1 68  ? -1.27617  -2.62549  -5.56162  1.000 13.86418 ? 109 THR A N    1 
ATOM   567  C CA   . THR A 1 68  ? 0.00023   -2.27075  -6.16773  1.000 13.52047 ? 109 THR A CA   1 
ATOM   568  C C    . THR A 1 68  ? 1.15970   -2.96482  -5.47039  1.000 13.70874 ? 109 THR A C    1 
ATOM   569  O O    . THR A 1 68  ? 2.06603   -3.47781  -6.13430  1.000 14.23398 ? 109 THR A O    1 
ATOM   570  C CB   . THR A 1 68  ? 0.16726   -0.75591  -6.10544  1.000 12.23894 ? 109 THR A CB   1 
ATOM   571  O OG1  . THR A 1 68  ? -0.87274  -0.14271  -6.87641  1.000 14.22454 ? 109 THR A OG1  1 
ATOM   572  C CG2  . THR A 1 68  ? 1.51297   -0.33404  -6.66805  1.000 13.95467 ? 109 THR A CG2  1 
ATOM   573  N N    . ILE A 1 69  ? 1.15656   -2.98603  -4.13440  1.000 12.67584 ? 110 ILE A N    1 
ATOM   574  C CA   . ILE A 1 69  ? 2.22073   -3.66897  -3.40546  1.000 12.20488 ? 110 ILE A CA   1 
ATOM   575  C C    . ILE A 1 69  ? 2.24081   -5.14964  -3.75646  1.000 13.47988 ? 110 ILE A C    1 
ATOM   576  O O    . ILE A 1 69  ? 3.30994   -5.73771  -3.97114  1.000 13.66149 ? 110 ILE A O    1 
ATOM   577  C CB   . ILE A 1 69  ? 2.05940   -3.42637  -1.89553  1.000 12.27388 ? 110 ILE A CB   1 
ATOM   578  C CG1  . ILE A 1 69  ? 2.31277   -1.95301  -1.57598  1.000 14.14692 ? 110 ILE A CG1  1 
ATOM   579  C CG2  . ILE A 1 69  ? 3.01357   -4.32780  -1.11612  1.000 14.19786 ? 110 ILE A CG2  1 
ATOM   580  C CD1  . ILE A 1 69  ? 1.87637   -1.54599  -0.18090  1.000 13.64288 ? 110 ILE A CD1  1 
ATOM   581  N N    . LYS A 1 70  ? 1.06530   -5.77890  -3.81008  1.000 13.91654 ? 111 LYS A N    1 
ATOM   582  C CA   . LYS A 1 70  ? 0.99708   -7.19232  -4.17334  1.000 14.83934 ? 111 LYS A CA   1 
ATOM   583  C C    . LYS A 1 70  ? 1.62753   -7.44299  -5.53901  1.000 15.53078 ? 111 LYS A C    1 
ATOM   584  O O    . LYS A 1 70  ? 2.40710   -8.38711  -5.70133  1.000 15.98803 ? 111 LYS A O    1 
ATOM   585  C CB   . LYS A 1 70  ? -0.45652  -7.68064  -4.12742  1.000 16.47129 ? 111 LYS A CB   1 
ATOM   586  C CG   . LYS A 1 70  ? -0.63776  -9.13276  -4.55862  1.000 18.92349 ? 111 LYS A CG   1 
ATOM   587  C CD   . LYS A 1 70  ? -2.04805  -9.63125  -4.27332  1.000 23.93786 ? 111 LYS A CD   1 
ATOM   588  C CE   . LYS A 1 70  ? -2.28197  -10.99084 -4.93488  1.000 28.58942 ? 111 LYS A CE   1 
ATOM   589  N NZ   . LYS A 1 70  ? -3.54296  -11.62041 -4.46100  1.000 39.44151 ? 111 LYS A NZ   1 
ATOM   590  N N    . LYS A 1 71  ? 1.33344   -6.59158  -6.52636  1.000 15.05239 ? 112 LYS A N    1 
ATOM   591  C CA   . LYS A 1 71  ? 1.95279   -6.74447  -7.84345  1.000 15.32154 ? 112 LYS A CA   1 
ATOM   592  C C    . LYS A 1 71  ? 3.45863   -6.55015  -7.76311  1.000 14.90823 ? 112 LYS A C    1 
ATOM   593  O O    . LYS A 1 71  ? 4.22626   -7.29867  -8.38005  1.000 17.43704 ? 112 LYS A O    1 
ATOM   594  C CB   . LYS A 1 71  ? 1.36151   -5.74474  -8.83982  1.000 15.80533 ? 112 LYS A CB   1 
ATOM   595  C CG   . LYS A 1 71  ? -0.05111  -6.05747  -9.28041  1.000 19.94692 ? 112 LYS A CG   1 
ATOM   596  C CD   . LYS A 1 71  ? -0.57193  -4.97541  -10.21181 1.000 20.58893 ? 112 LYS A CD   1 
ATOM   597  C CE   . LYS A 1 71  ? -2.04054  -5.18790  -10.51759 1.000 22.20721 ? 112 LYS A CE   1 
ATOM   598  N NZ   . LYS A 1 71  ? -2.46755  -4.32976  -11.66138 1.000 31.93553 ? 112 LYS A NZ   1 
ATOM   599  N N    . ARG A 1 72  ? 3.89781   -5.54606  -7.00135  1.000 14.62000 ? 113 ARG A N    1 
ATOM   600  C CA   . ARG A 1 72  ? 5.32412   -5.28505  -6.84645  1.000 14.19754 ? 113 ARG A CA   1 
ATOM   601  C C    . ARG A 1 72  ? 6.04593   -6.44735  -6.17868  1.000 14.71644 ? 113 ARG A C    1 
ATOM   602  O O    . ARG A 1 72  ? 7.21401   -6.70472  -6.48308  1.000 15.07500 ? 113 ARG A O    1 
ATOM   603  C CB   . ARG A 1 72  ? 5.53018   -3.98004  -6.06787  1.000 12.31661 ? 113 ARG A CB   1 
ATOM   604  C CG   . ARG A 1 72  ? 5.26102   -2.70939  -6.88167  1.000 12.41138 ? 113 ARG A CG   1 
ATOM   605  C CD   . ARG A 1 72  ? 5.53218   -1.44480  -6.06189  1.000 12.97348 ? 113 ARG A CD   1 
ATOM   606  N NE   . ARG A 1 72  ? 5.40187   -0.26641  -6.91893  1.000 12.94655 ? 113 ARG A NE   1 
ATOM   607  C CZ   . ARG A 1 72  ? 5.76328   0.97267   -6.58868  1.000 14.23665 ? 113 ARG A CZ   1 
ATOM   608  N NH1  . ARG A 1 72  ? 6.27434   1.24172   -5.38968  1.000 14.75964 ? 113 ARG A NH1  1 
ATOM   609  N NH2  . ARG A 1 72  ? 5.61925   1.95471   -7.47308  1.000 14.85156 ? 113 ARG A NH2  1 
ATOM   610  N N    . LEU A 1 73  ? 5.38208   -7.16278  -5.26983  1.000 13.39970 ? 114 LEU A N    1 
ATOM   611  C CA   . LEU A 1 73  ? 6.03611   -8.30121  -4.63251  1.000 14.43242 ? 114 LEU A CA   1 
ATOM   612  C C    . LEU A 1 73  ? 5.99312   -9.54917  -5.50723  1.000 15.30590 ? 114 LEU A C    1 
ATOM   613  O O    . LEU A 1 73  ? 6.97789   -10.29810 -5.56369  1.000 16.63253 ? 114 LEU A O    1 
ATOM   614  C CB   . LEU A 1 73  ? 5.39312   -8.58227  -3.27298  1.000 13.61089 ? 114 LEU A CB   1 
ATOM   615  C CG   . LEU A 1 73  ? 5.70959   -7.61487  -2.12335  1.000 13.07638 ? 114 LEU A CG   1 
ATOM   616  C CD1  . LEU A 1 73  ? 4.74669   -7.80749  -0.94955  1.000 14.35261 ? 114 LEU A CD1  1 
ATOM   617  C CD2  . LEU A 1 73  ? 7.15158   -7.79778  -1.66475  1.000 16.01027 ? 114 LEU A CD2  1 
ATOM   618  N N    . GLU A 1 74  ? 4.86964   -9.79007  -6.19174  1.000 16.16191 ? 115 GLU A N    1 
ATOM   619  C CA   . GLU A 1 74  ? 4.69832   -11.02805 -6.95145  1.000 15.77469 ? 115 GLU A CA   1 
ATOM   620  C C    . GLU A 1 74  ? 5.47032   -11.02290 -8.26293  1.000 17.76104 ? 115 GLU A C    1 
ATOM   621  O O    . GLU A 1 74  ? 5.88523   -12.08684 -8.73693  1.000 19.70286 ? 115 GLU A O    1 
ATOM   622  C CB   . GLU A 1 74  ? 3.21078   -11.31520 -7.17668  1.000 17.27538 ? 115 GLU A CB   1 
ATOM   623  C CG   . GLU A 1 74  ? 2.48063   -11.60874 -5.86043  1.000 20.36077 ? 115 GLU A CG   1 
ATOM   624  C CD   . GLU A 1 74  ? 1.03567   -12.02524 -6.03440  1.000 26.96420 ? 115 GLU A CD   1 
ATOM   625  O OE1  . GLU A 1 74  ? 0.43358   -11.69375 -7.07517  1.000 25.05434 ? 115 GLU A OE1  1 
ATOM   626  O OE2  . GLU A 1 74  ? 0.50522   -12.68201 -5.11051  1.000 31.30176 ? 115 GLU A OE2  1 
ATOM   627  N N    . ASN A 1 75  ? 5.66832   -9.85656  -8.86822  1.000 16.37985 ? 116 ASN A N    1 
ATOM   628  C CA   . ASN A 1 75  ? 6.55844   -9.71298  -10.01834 1.000 17.39026 ? 116 ASN A CA   1 
ATOM   629  C C    . ASN A 1 75  ? 7.63597   -8.76362  -9.54436  1.000 16.93998 ? 116 ASN A C    1 
ATOM   630  O O    . ASN A 1 75  ? 7.56889   -7.55642  -9.78497  1.000 21.53190 ? 116 ASN A O    1 
ATOM   631  C CB   . ASN A 1 75  ? 5.84841   -9.17830  -11.21754 1.000 18.49668 ? 116 ASN A CB   1 
ATOM   632  C CG   . ASN A 1 75  ? 6.80010   -8.85029  -12.36082 1.000 19.21030 ? 116 ASN A CG   1 
ATOM   633  O OD1  . ASN A 1 75  ? 7.75349   -9.58889  -12.62876 1.000 21.16522 ? 116 ASN A OD1  1 
ATOM   634  N ND2  . ASN A 1 75  ? 6.55031   -7.72841  -13.03347 1.000 23.12589 ? 116 ASN A ND2  1 
ATOM   635  N N    . ASN A 1 76  ? 8.61826   -9.31697  -8.84200  1.000 15.91600 ? 117 ASN A N    1 
ATOM   636  C CA   . ASN A 1 76  ? 9.48599   -8.52668  -7.97946  1.000 17.32568 ? 117 ASN A CA   1 
ATOM   637  C C    . ASN A 1 76  ? 10.00424  -7.24063  -8.61089  1.000 16.19818 ? 117 ASN A C    1 
ATOM   638  O O    . ASN A 1 76  ? 10.83998  -7.24860  -9.52249  1.000 17.81556 ? 117 ASN A O    1 
ATOM   639  C CB   . ASN A 1 76  ? 10.61690  -9.35750  -7.38551  1.000 17.20099 ? 117 ASN A CB   1 
ATOM   640  C CG   . ASN A 1 76  ? 11.45654  -8.56228  -6.40879  1.000 20.48835 ? 117 ASN A CG   1 
ATOM   641  O OD1  . ASN A 1 76  ? 10.93066  -7.80194  -5.58676  1.000 19.08557 ? 117 ASN A OD1  1 
ATOM   642  N ND2  . ASN A 1 76  ? 12.76919  -8.70807  -6.51048  1.000 20.53407 ? 117 ASN A ND2  1 
ATOM   643  N N    . TYR A 1 77  ? 9.52034   -6.12964  -8.07302  1.000 14.24619 ? 118 TYR A N    1 
ATOM   644  C CA   . TYR A 1 77  ? 9.86610   -4.78539  -8.47968  1.000 12.71931 ? 118 TYR A CA   1 
ATOM   645  C C    . TYR A 1 77  ? 10.97517  -4.20279  -7.62701  1.000 12.61484 ? 118 TYR A C    1 
ATOM   646  O O    . TYR A 1 77  ? 11.57798  -3.19697  -8.00861  1.000 14.77212 ? 118 TYR A O    1 
ATOM   647  C CB   . TYR A 1 77  ? 8.60192   -3.93964  -8.31663  1.000 14.35251 ? 118 TYR A CB   1 
ATOM   648  C CG   . TYR A 1 77  ? 8.69664   -2.48696  -8.67958  1.000 14.98725 ? 118 TYR A CG   1 
ATOM   649  C CD1  . TYR A 1 77  ? 8.67180   -2.08250  -10.00360 1.000 14.61722 ? 118 TYR A CD1  1 
ATOM   650  C CD2  . TYR A 1 77  ? 8.76695   -1.51144  -7.69049  1.000 14.75918 ? 118 TYR A CD2  1 
ATOM   651  C CE1  . TYR A 1 77  ? 8.74427   -0.74168  -10.33471 1.000 16.60133 ? 118 TYR A CE1  1 
ATOM   652  C CE2  . TYR A 1 77  ? 8.82619   -0.17399  -8.01247  1.000 14.89662 ? 118 TYR A CE2  1 
ATOM   653  C CZ   . TYR A 1 77  ? 8.81239   0.20862   -9.33546  1.000 14.32411 ? 118 TYR A CZ   1 
ATOM   654  O OH   . TYR A 1 77  ? 8.88314   1.54763   -9.65659  1.000 18.26532 ? 118 TYR A OH   1 
ATOM   655  N N    . TYR A 1 78  ? 11.26318  -4.81775  -6.48827  1.000 14.94154 ? 119 TYR A N    1 
ATOM   656  C CA   . TYR A 1 78  ? 12.06845  -4.18349  -5.46155  1.000 14.11547 ? 119 TYR A CA   1 
ATOM   657  C C    . TYR A 1 78  ? 13.50762  -4.66842  -5.50165  1.000 15.46608 ? 119 TYR A C    1 
ATOM   658  O O    . TYR A 1 78  ? 13.80854  -5.78256  -5.95035  1.000 16.64690 ? 119 TYR A O    1 
ATOM   659  C CB   . TYR A 1 78  ? 11.50636  -4.51457  -4.08170  1.000 13.21015 ? 119 TYR A CB   1 
ATOM   660  C CG   . TYR A 1 78  ? 10.10474  -4.02012  -3.81404  1.000 13.23760 ? 119 TYR A CG   1 
ATOM   661  C CD1  . TYR A 1 78  ? 9.82906   -2.66065  -3.71833  1.000 14.30570 ? 119 TYR A CD1  1 
ATOM   662  C CD2  . TYR A 1 78  ? 9.06672   -4.91553  -3.58558  1.000 15.22359 ? 119 TYR A CD2  1 
ATOM   663  C CE1  . TYR A 1 78  ? 8.55381   -2.20479  -3.43447  1.000 15.02308 ? 119 TYR A CE1  1 
ATOM   664  C CE2  . TYR A 1 78  ? 7.78384   -4.46960  -3.30977  1.000 15.88725 ? 119 TYR A CE2  1 
ATOM   665  C CZ   . TYR A 1 78  ? 7.53892   -3.12152  -3.21641  1.000 13.34533 ? 119 TYR A CZ   1 
ATOM   666  O OH   . TYR A 1 78  ? 6.27556   -2.68141  -2.92783  1.000 14.68786 ? 119 TYR A OH   1 
ATOM   667  N N    . TRP A 1 79  ? 14.39851  -3.80618  -5.00523  1.000 14.81204 ? 120 TRP A N    1 
ATOM   668  C CA   . TRP A 1 79  ? 15.75629  -4.19974  -4.65077  1.000 14.91572 ? 120 TRP A CA   1 
ATOM   669  C C    . TRP A 1 79  ? 15.85958  -4.58188  -3.18400  1.000 15.45040 ? 120 TRP A C    1 
ATOM   670  O O    . TRP A 1 79  ? 16.62638  -5.48738  -2.84192  1.000 15.43486 ? 120 TRP A O    1 
ATOM   671  C CB   . TRP A 1 79  ? 16.73726  -3.05414  -4.94703  1.000 15.57508 ? 120 TRP A CB   1 
ATOM   672  C CG   . TRP A 1 79  ? 18.16443  -3.42785  -4.70843  1.000 14.33294 ? 120 TRP A CG   1 
ATOM   673  C CD1  . TRP A 1 79  ? 18.91967  -3.15919  -3.59436  1.000 15.16434 ? 120 TRP A CD1  1 
ATOM   674  C CD2  . TRP A 1 79  ? 19.00998  -4.16460  -5.59734  1.000 12.07326 ? 120 TRP A CD2  1 
ATOM   675  N NE1  . TRP A 1 79  ? 20.18579  -3.67826  -3.74916  1.000 17.31445 ? 120 TRP A NE1  1 
ATOM   676  C CE2  . TRP A 1 79  ? 20.26570  -4.30042  -4.96898  1.000 14.49762 ? 120 TRP A CE2  1 
ATOM   677  C CE3  . TRP A 1 79  ? 18.82798  -4.71142  -6.86972  1.000 14.17513 ? 120 TRP A CE3  1 
ATOM   678  C CZ2  . TRP A 1 79  ? 21.32935  -4.97591  -5.56040  1.000 14.66740 ? 120 TRP A CZ2  1 
ATOM   679  C CZ3  . TRP A 1 79  ? 19.89492  -5.37804  -7.46727  1.000 15.72231 ? 120 TRP A CZ3  1 
ATOM   680  C CH2  . TRP A 1 79  ? 21.13031  -5.50075  -6.81251  1.000 15.18093 ? 120 TRP A CH2  1 
ATOM   681  N N    . ASN A 1 80  ? 15.09001  -3.94287  -2.30094  1.000 13.90230 ? 121 ASN A N    1 
ATOM   682  C CA   . ASN A 1 80  ? 15.21894  -4.23531  -0.87873  1.000 13.80915 ? 121 ASN A CA   1 
ATOM   683  C C    . ASN A 1 80  ? 13.86880  -4.13681  -0.17977  1.000 15.74373 ? 121 ASN A C    1 
ATOM   684  O O    . ASN A 1 80  ? 12.89823  -3.58063  -0.70626  1.000 15.77820 ? 121 ASN A O    1 
ATOM   685  C CB   . ASN A 1 80  ? 16.30423  -3.36587  -0.21245  1.000 13.31894 ? 121 ASN A CB   1 
ATOM   686  C CG   . ASN A 1 80  ? 15.96092  -1.88494  -0.21040  1.000 16.63316 ? 121 ASN A CG   1 
ATOM   687  O OD1  . ASN A 1 80  ? 14.83489  -1.49449  0.11545   1.000 18.41882 ? 121 ASN A OD1  1 
ATOM   688  N ND2  . ASN A 1 80  ? 16.92358  -1.04708  -0.58897  1.000 16.47436 ? 121 ASN A ND2  1 
ATOM   689  N N    . ALA A 1 81  ? 13.82309  -4.69470  1.02694   1.000 14.29661 ? 122 ALA A N    1 
ATOM   690  C CA   . ALA A 1 81  ? 12.59251  -4.70294  1.80987   1.000 14.60180 ? 122 ALA A CA   1 
ATOM   691  C C    . ALA A 1 81  ? 12.17813  -3.30310  2.24219   1.000 14.14952 ? 122 ALA A C    1 
ATOM   692  O O    . ALA A 1 81  ? 10.97732  -3.03578  2.39580   1.000 15.83877 ? 122 ALA A O    1 
ATOM   693  C CB   . ALA A 1 81  ? 12.78818  -5.59624  3.03682   1.000 17.71461 ? 122 ALA A CB   1 
ATOM   694  N N    . GLN A 1 82  ? 13.13892  -2.40518  2.46348   1.000 14.44490 ? 123 GLN A N    1 
ATOM   695  C CA   . GLN A 1 82  ? 12.80377  -1.05956  2.91428   1.000 16.13375 ? 123 GLN A CA   1 
ATOM   696  C C    . GLN A 1 82  ? 11.93005  -0.33109  1.89987   1.000 16.78043 ? 123 GLN A C    1 
ATOM   697  O O    . GLN A 1 82  ? 11.04580  0.44731   2.28568   1.000 15.12272 ? 123 GLN A O    1 
ATOM   698  C CB   . GLN A 1 82  ? 14.08038  -0.26469  3.21355   1.000 18.30588 ? 123 GLN A CB   1 
ATOM   699  C CG   . GLN A 1 82  ? 15.06184  -0.93894  4.17556   1.000 33.86208 ? 123 GLN A CG   1 
ATOM   700  C CD   . GLN A 1 82  ? 16.15617  -1.73941  3.45874   1.000 31.91801 ? 123 GLN A CD   1 
ATOM   701  O OE1  . GLN A 1 82  ? 15.92945  -2.88338  3.03311   1.000 24.38719 ? 123 GLN A OE1  1 
ATOM   702  N NE2  . GLN A 1 82  ? 17.35756  -1.14285  3.33462   1.000 24.02580 ? 123 GLN A NE2  1 
ATOM   703  N N    . GLU A 1 83  ? 12.14289  -0.57932  0.60279   1.000 14.13328 ? 124 GLU A N    1 
ATOM   704  C CA   . GLU A 1 83  ? 11.29501  0.02908   -0.41533  1.000 12.72297 ? 124 GLU A CA   1 
ATOM   705  C C    . GLU A 1 83  ? 9.85479   -0.40795  -0.23855  1.000 13.27634 ? 124 GLU A C    1 
ATOM   706  O O    . GLU A 1 83  ? 8.92397   0.38814   -0.41905  1.000 13.55975 ? 124 GLU A O    1 
ATOM   707  C CB   . GLU A 1 83  ? 11.73316  -0.42941  -1.79885  1.000 14.11940 ? 124 GLU A CB   1 
ATOM   708  C CG   . GLU A 1 83  ? 13.00171  0.18548   -2.35854  1.000 15.44509 ? 124 GLU A CG   1 
ATOM   709  C CD   . GLU A 1 83  ? 13.32622  -0.44134  -3.68985  1.000 15.98263 ? 124 GLU A CD   1 
ATOM   710  O OE1  . GLU A 1 83  ? 13.88252  -1.55578  -3.68427  1.000 16.91958 ? 124 GLU A OE1  1 
ATOM   711  O OE2  . GLU A 1 83  ? 12.96862  0.14698   -4.72491  1.000 18.52398 ? 124 GLU A OE2  1 
ATOM   712  N N    . CYS A 1 84  ? 9.65166   -1.69170  0.06007   1.000 13.53734 ? 125 CYS A N    1 
ATOM   713  C CA   . CYS A 1 84  ? 8.30166   -2.20959  0.23017   1.000 12.80536 ? 125 CYS A CA   1 
ATOM   714  C C    . CYS A 1 84  ? 7.67938   -1.67651  1.51256   1.000 13.07212 ? 125 CYS A C    1 
ATOM   715  O O    . CYS A 1 84  ? 6.52530   -1.23047  1.51383   1.000 13.26450 ? 125 CYS A O    1 
ATOM   716  C CB   . CYS A 1 84  ? 8.33319   -3.73390  0.20150   1.000 13.55375 ? 125 CYS A CB   1 
ATOM   717  S SG   . CYS A 1 84  ? 6.74050   -4.50952  0.43380   1.000 16.46215 ? 125 CYS A SG   1 
ATOM   718  N N    . ILE A 1 85  ? 8.43511   -1.69504  2.60903   1.000 12.51041 ? 126 ILE A N    1 
ATOM   719  C CA   . ILE A 1 85  ? 7.96213   -1.10285  3.85755   1.000 14.82457 ? 126 ILE A CA   1 
ATOM   720  C C    . ILE A 1 85  ? 7.54802   0.34506   3.64187   1.000 13.76604 ? 126 ILE A C    1 
ATOM   721  O O    . ILE A 1 85  ? 6.51717   0.79516   4.16047   1.000 14.23192 ? 126 ILE A O    1 
ATOM   722  C CB   . ILE A 1 85  ? 9.02867   -1.26315  4.96078   1.000 13.07489 ? 126 ILE A CB   1 
ATOM   723  C CG1  . ILE A 1 85  ? 9.12182   -2.73709  5.35228   1.000 16.86125 ? 126 ILE A CG1  1 
ATOM   724  C CG2  . ILE A 1 85  ? 8.70192   -0.39464  6.16733   1.000 15.45251 ? 126 ILE A CG2  1 
ATOM   725  C CD1  . ILE A 1 85  ? 10.39896  -3.10324  6.10061   1.000 16.42865 ? 126 ILE A CD1  1 
ATOM   726  N N    . GLN A 1 86  ? 8.32651   1.09372   2.85248   1.000 13.12937 ? 127 GLN A N    1 
ATOM   727  C CA   . GLN A 1 86  ? 7.96089   2.46940   2.54662   1.000 12.83103 ? 127 GLN A CA   1 
ATOM   728  C C    . GLN A 1 86  ? 6.62617   2.54237   1.81801   1.000 13.23132 ? 127 GLN A C    1 
ATOM   729  O O    . GLN A 1 86  ? 5.83358   3.45636   2.06066   1.000 13.34285 ? 127 GLN A O    1 
ATOM   730  C CB   . GLN A 1 86  ? 9.04805   3.14308   1.71252   1.000 15.45957 ? 127 GLN A CB   1 
ATOM   731  C CG   . GLN A 1 86  ? 8.75759   4.60489   1.42323   1.000 21.84875 ? 127 GLN A CG   1 
ATOM   732  C CD   . GLN A 1 86  ? 8.57034   5.41819   2.69590   1.000 31.15856 ? 127 GLN A CD   1 
ATOM   733  O OE1  . GLN A 1 86  ? 9.49984   5.56143   3.49284   1.000 37.06682 ? 127 GLN A OE1  1 
ATOM   734  N NE2  . GLN A 1 86  ? 7.35926   5.94942   2.89635   1.000 25.92217 ? 127 GLN A NE2  1 
ATOM   735  N N    . ASP A 1 87  ? 6.36578   1.60959   0.89715   1.000 12.45424 ? 128 ASP A N    1 
ATOM   736  C CA   . ASP A 1 87  ? 5.07553   1.62234   0.20704   1.000 13.91112 ? 128 ASP A CA   1 
ATOM   737  C C    . ASP A 1 87  ? 3.92282   1.45260   1.19158   1.000 12.92064 ? 128 ASP A C    1 
ATOM   738  O O    . ASP A 1 87  ? 2.91391   2.16380   1.10419   1.000 12.73590 ? 128 ASP A O    1 
ATOM   739  C CB   . ASP A 1 87  ? 5.01351   0.54307   -0.87799  1.000 13.54997 ? 128 ASP A CB   1 
ATOM   740  C CG   . ASP A 1 87  ? 5.83629   0.88544   -2.12315  1.000 14.62749 ? 128 ASP A CG   1 
ATOM   741  O OD1  . ASP A 1 87  ? 6.21592   2.06300   -2.30986  1.000 15.69251 ? 128 ASP A OD1  1 
ATOM   742  O OD2  . ASP A 1 87  ? 6.10479   -0.04709  -2.91432  1.000 14.90666 ? 128 ASP A OD2  1 
ATOM   743  N N    . PHE A 1 88  ? 4.03700   0.50157   2.12368   1.000 12.35294 ? 129 PHE A N    1 
ATOM   744  C CA   . PHE A 1 88  ? 2.99972   0.35896   3.14119   1.000 12.22206 ? 129 PHE A CA   1 
ATOM   745  C C    . PHE A 1 88  ? 2.82671   1.65157   3.92894   1.000 14.28924 ? 129 PHE A C    1 
ATOM   746  O O    . PHE A 1 88  ? 1.70013   2.10376   4.17011   1.000 13.76352 ? 129 PHE A O    1 
ATOM   747  C CB   . PHE A 1 88  ? 3.33426   -0.78752  4.10018   1.000 12.69815 ? 129 PHE A CB   1 
ATOM   748  C CG   . PHE A 1 88  ? 2.95712   -2.15226  3.58415   1.000 11.85161 ? 129 PHE A CG   1 
ATOM   749  C CD1  . PHE A 1 88  ? 1.65502   -2.62413  3.70588   1.000 14.26373 ? 129 PHE A CD1  1 
ATOM   750  C CD2  . PHE A 1 88  ? 3.91674   -2.97990  3.01050   1.000 12.47892 ? 129 PHE A CD2  1 
ATOM   751  C CE1  . PHE A 1 88  ? 1.30758   -3.89787  3.24255   1.000 15.40421 ? 129 PHE A CE1  1 
ATOM   752  C CE2  . PHE A 1 88  ? 3.58062   -4.25196  2.55174   1.000 14.13132 ? 129 PHE A CE2  1 
ATOM   753  C CZ   . PHE A 1 88  ? 2.27657   -4.71251  2.67292   1.000 14.60450 ? 129 PHE A CZ   1 
ATOM   754  N N    . ASN A 1 89  ? 3.93923   2.25218   4.36452   1.000 13.64045 ? 130 ASN A N    1 
ATOM   755  C CA   . ASN A 1 89  ? 3.84847   3.46622   5.17115   1.000 13.24175 ? 130 ASN A CA   1 
ATOM   756  C C    . ASN A 1 89  ? 3.21849   4.61595   4.39149   1.000 15.34141 ? 130 ASN A C    1 
ATOM   757  O O    . ASN A 1 89  ? 2.43835   5.40222   4.94949   1.000 15.81350 ? 130 ASN A O    1 
ATOM   758  C CB   . ASN A 1 89  ? 5.22814   3.82276   5.72325   1.000 14.74712 ? 130 ASN A CB   1 
ATOM   759  C CG   . ASN A 1 89  ? 5.60303   2.96707   6.90998   1.000 19.15075 ? 130 ASN A CG   1 
ATOM   760  O OD1  . ASN A 1 89  ? 4.73670   2.53970   7.67660   1.000 29.70699 ? 130 ASN A OD1  1 
ATOM   761  N ND2  . ASN A 1 89  ? 6.89062   2.70233   7.06727   1.000 22.98770 ? 130 ASN A ND2  1 
ATOM   762  N N    . THR A 1 90  ? 3.52596   4.72181   3.09785   1.000 13.69758 ? 131 THR A N    1 
ATOM   763  C CA   . THR A 1 90  ? 2.87968   5.72849   2.25654   1.000 14.69740 ? 131 THR A CA   1 
ATOM   764  C C    . THR A 1 90  ? 1.37149   5.50074   2.18213   1.000 13.47819 ? 131 THR A C    1 
ATOM   765  O O    . THR A 1 90  ? 0.58578   6.44579   2.28793   1.000 13.82918 ? 131 THR A O    1 
ATOM   766  C CB   . THR A 1 90  ? 3.49530   5.70134   0.85311   1.000 15.05535 ? 131 THR A CB   1 
ATOM   767  O OG1  . THR A 1 90  ? 4.87734   6.08377   0.93017   1.000 19.83229 ? 131 THR A OG1  1 
ATOM   768  C CG2  . THR A 1 90  ? 2.77421   6.65217   -0.09283  1.000 15.20897 ? 131 THR A CG2  1 
ATOM   769  N N    . MET A 1 91  ? 0.95231   4.24885   1.99929   1.000 12.16285 ? 132 MET A N    1 
ATOM   770  C CA   . MET A 1 91  ? -0.47062  3.91917   1.98983   1.000 13.65988 ? 132 MET A CA   1 
ATOM   771  C C    . MET A 1 91  ? -1.16339  4.37950   3.26878   1.000 13.20271 ? 132 MET A C    1 
ATOM   772  O O    . MET A 1 91  ? -2.22237  5.02050   3.22080   1.000 12.47832 ? 132 MET A O    1 
ATOM   773  C CB   . MET A 1 91  ? -0.64083  2.41623   1.79080   1.000 13.70998 ? 132 MET A CB   1 
ATOM   774  C CG   . MET A 1 91  ? -2.09703  1.97277   1.83440   1.000 12.83307 ? 132 MET A CG   1 
ATOM   775  S SD   . MET A 1 91  ? -2.24371  0.19752   1.64325   1.000 14.21355 ? 132 MET A SD   1 
ATOM   776  C CE   . MET A 1 91  ? -1.90565  -0.31354  3.32284   1.000 18.14687 ? 132 MET A CE   1 
ATOM   777  N N    . PHE A 1 92  ? -0.58852  4.05116   4.42945   1.000 13.29599 ? 133 PHE A N    1 
ATOM   778  C CA   . PHE A 1 92  ? -1.21867  4.45191   5.68361   1.000 12.82397 ? 133 PHE A CA   1 
ATOM   779  C C    . PHE A 1 92  ? -1.24678  5.96721   5.81507   1.000 12.92487 ? 133 PHE A C    1 
ATOM   780  O O    . PHE A 1 92  ? -2.28470  6.55765   6.14023   1.000 12.59445 ? 133 PHE A O    1 
ATOM   781  C CB   . PHE A 1 92  ? -0.47007  3.83881   6.87207   1.000 13.90526 ? 133 PHE A CB   1 
ATOM   782  C CG   . PHE A 1 92  ? -0.47179  2.33703   6.89202   1.000 15.14709 ? 133 PHE A CG   1 
ATOM   783  C CD1  . PHE A 1 92  ? -1.63508  1.62174   6.65842   1.000 17.17412 ? 133 PHE A CD1  1 
ATOM   784  C CD2  . PHE A 1 92  ? 0.69736   1.63637   7.15465   1.000 17.29990 ? 133 PHE A CD2  1 
ATOM   785  C CE1  . PHE A 1 92  ? -1.62915  0.23395   6.68562   1.000 17.77030 ? 133 PHE A CE1  1 
ATOM   786  C CE2  . PHE A 1 92  ? 0.70305   0.25088   7.17597   1.000 18.66240 ? 133 PHE A CE2  1 
ATOM   787  C CZ   . PHE A 1 92  ? -0.45013  -0.44568  6.94521   1.000 16.95224 ? 133 PHE A CZ   1 
ATOM   788  N N    . THR A 1 93  ? -0.11229  6.62002   5.54312   1.000 13.42470 ? 134 THR A N    1 
ATOM   789  C CA   . THR A 1 93  ? -0.03979  8.06324   5.73321   1.000 14.08219 ? 134 THR A CA   1 
ATOM   790  C C    . THR A 1 93  ? -1.00184  8.79512   4.79954   1.000 15.88550 ? 134 THR A C    1 
ATOM   791  O O    . THR A 1 93  ? -1.63827  9.77841   5.20467   1.000 14.50467 ? 134 THR A O    1 
ATOM   792  C CB   . THR A 1 93  ? 1.40006   8.55088   5.56649   1.000 16.31813 ? 134 THR A CB   1 
ATOM   793  O OG1  . THR A 1 93  ? 2.19010   8.05005   6.65219   1.000 18.50201 ? 134 THR A OG1  1 
ATOM   794  C CG2  . THR A 1 93  ? 1.45739   10.07368  5.56838   1.000 19.83160 ? 134 THR A CG2  1 
ATOM   795  N N    . ASN A 1 94  ? -1.14571  8.32182   3.55234   1.000 13.88820 ? 135 ASN A N    1 
ATOM   796  C CA   . ASN A 1 94  ? -2.10509  8.94952   2.63939   1.000 12.81612 ? 135 ASN A CA   1 
ATOM   797  C C    . ASN A 1 94  ? -3.50016  8.96637   3.24815   1.000 12.29284 ? 135 ASN A C    1 
ATOM   798  O O    . ASN A 1 94  ? -4.22896  9.96191   3.14917   1.000 13.00895 ? 135 ASN A O    1 
ATOM   799  C CB   . ASN A 1 94  ? -2.17644  8.18595   1.31513   1.000 12.24886 ? 135 ASN A CB   1 
ATOM   800  C CG   . ASN A 1 94  ? -0.95071  8.38586   0.45226   1.000 14.37375 ? 135 ASN A CG   1 
ATOM   801  O OD1  . ASN A 1 94  ? -0.15888  9.30039   0.67643   1.000 15.86988 ? 135 ASN A OD1  1 
ATOM   802  N ND2  . ASN A 1 94  ? -0.80648  7.54515   -0.56042  1.000 15.45452 ? 135 ASN A ND2  1 
ATOM   803  N N    . CYS A 1 95  ? -3.90060  7.84810   3.84939   1.000 12.67344 ? 136 CYS A N    1 
ATOM   804  C CA   . CYS A 1 95  ? -5.23457  7.75036   4.42027   1.000 13.62491 ? 136 CYS A CA   1 
ATOM   805  C C    . CYS A 1 95  ? -5.39879  8.73235   5.56825   1.000 13.36865 ? 136 CYS A C    1 
ATOM   806  O O    . CYS A 1 95  ? -6.42891  9.40932   5.67381   1.000 13.64633 ? 136 CYS A O    1 
ATOM   807  C CB   . CYS A 1 95  ? -5.45191  6.31278   4.88809   1.000 12.25596 ? 136 CYS A CB   1 
ATOM   808  S SG   . CYS A 1 95  ? -7.09497  5.94819   5.47564   1.000 14.67451 ? 136 CYS A SG   1 
ATOM   809  N N    . TYR A 1 96  ? -4.38401  8.83496   6.42795   1.000 14.07307 ? 137 TYR A N    1 
ATOM   810  C CA   . TYR A 1 96  ? -4.45349  9.76251   7.54882   1.000 14.79076 ? 137 TYR A CA   1 
ATOM   811  C C    . TYR A 1 96  ? -4.45157  11.20805  7.07071   1.000 15.38655 ? 137 TYR A C    1 
ATOM   812  O O    . TYR A 1 96  ? -5.11158  12.05889  7.67963   1.000 18.45335 ? 137 TYR A O    1 
ATOM   813  C CB   . TYR A 1 96  ? -3.27994  9.51116   8.50035   1.000 13.43261 ? 137 TYR A CB   1 
ATOM   814  C CG   . TYR A 1 96  ? -3.14676  8.07260   8.95941   1.000 12.52994 ? 137 TYR A CG   1 
ATOM   815  C CD1  . TYR A 1 96  ? -4.26335  7.24650   9.06097   1.000 14.23161 ? 137 TYR A CD1  1 
ATOM   816  C CD2  . TYR A 1 96  ? -1.90486  7.53724   9.29268   1.000 13.29983 ? 137 TYR A CD2  1 
ATOM   817  C CE1  . TYR A 1 96  ? -4.14702  5.92800   9.49055   1.000 16.01427 ? 137 TYR A CE1  1 
ATOM   818  C CE2  . TYR A 1 96  ? -1.77545  6.21429   9.70119   1.000 15.30454 ? 137 TYR A CE2  1 
ATOM   819  C CZ   . TYR A 1 96  ? -2.90985  5.41406   9.80152   1.000 15.66304 ? 137 TYR A CZ   1 
ATOM   820  O OH   . TYR A 1 96  ? -2.78837  4.10459   10.20928  1.000 18.93061 ? 137 TYR A OH   1 
ATOM   821  N N    . ILE A 1 97  ? -3.73326  11.50597  5.98803   1.000 15.39195 ? 138 ILE A N    1 
ATOM   822  C CA   . ILE A 1 97  ? -3.68818  12.87304  5.47722   1.000 15.89918 ? 138 ILE A CA   1 
ATOM   823  C C    . ILE A 1 97  ? -5.02478  13.25598  4.85216   1.000 15.84094 ? 138 ILE A C    1 
ATOM   824  O O    . ILE A 1 97  ? -5.55783  14.34534  5.09858   1.000 17.07747 ? 138 ILE A O    1 
ATOM   825  C CB   . ILE A 1 97  ? -2.52968  13.03562  4.47463   1.000 16.27223 ? 138 ILE A CB   1 
ATOM   826  C CG1  . ILE A 1 97  ? -1.18453  13.03751  5.19504   1.000 22.80676 ? 138 ILE A CG1  1 
ATOM   827  C CG2  . ILE A 1 97  ? -2.72187  14.29388  3.62561   1.000 21.77886 ? 138 ILE A CG2  1 
ATOM   828  C CD1  . ILE A 1 97  ? 0.00390   13.02658  4.24295   1.000 26.99347 ? 138 ILE A CD1  1 
ATOM   829  N N    . TYR A 1 98  ? -5.58189  12.37601  4.01582   1.000 14.61774 ? 139 TYR A N    1 
ATOM   830  C CA   . TYR A 1 98  ? -6.78451  12.74107  3.27823   1.000 14.77292 ? 139 TYR A CA   1 
ATOM   831  C C    . TYR A 1 98  ? -8.01765  12.78987  4.17358   1.000 14.79788 ? 139 TYR A C    1 
ATOM   832  O O    . TYR A 1 98  ? -8.91253  13.62191  3.95584   1.000 16.36831 ? 139 TYR A O    1 
ATOM   833  C CB   . TYR A 1 98  ? -7.00274  11.77976  2.10414   1.000 14.54291 ? 139 TYR A CB   1 
ATOM   834  C CG   . TYR A 1 98  ? -8.20737  12.17287  1.29069   1.000 15.44866 ? 139 TYR A CG   1 
ATOM   835  C CD1  . TYR A 1 98  ? -8.15522  13.26332  0.44132   1.000 15.95736 ? 139 TYR A CD1  1 
ATOM   836  C CD2  . TYR A 1 98  ? -9.40707  11.48221  1.40162   1.000 14.78125 ? 139 TYR A CD2  1 
ATOM   837  C CE1  . TYR A 1 98  ? -9.25847  13.64981  -0.29122  1.000 15.14890 ? 139 TYR A CE1  1 
ATOM   838  C CE2  . TYR A 1 98  ? -10.51179 11.85707  0.67410   1.000 14.45582 ? 139 TYR A CE2  1 
ATOM   839  C CZ   . TYR A 1 98  ? -10.43386 12.94057  -0.16975  1.000 15.25587 ? 139 TYR A CZ   1 
ATOM   840  O OH   . TYR A 1 98  ? -11.54908 13.30486  -0.88748  1.000 16.38470 ? 139 TYR A OH   1 
ATOM   841  N N    . ASN A 1 99  ? -8.08861  11.92300  5.17493   1.000 13.87958 ? 140 ASN A N    1 
ATOM   842  C CA   . ASN A 1 99  ? -9.28634  11.75830  5.98279   1.000 14.90136 ? 140 ASN A CA   1 
ATOM   843  C C    . ASN A 1 99  ? -9.10591  12.42833  7.34884   1.000 17.35558 ? 140 ASN A C    1 
ATOM   844  O O    . ASN A 1 99  ? -8.08666  13.05367  7.63754   1.000 21.59415 ? 140 ASN A O    1 
ATOM   845  C CB   . ASN A 1 99  ? -9.61874  10.26556  6.08724   1.000 14.44596 ? 140 ASN A CB   1 
ATOM   846  C CG   . ASN A 1 99  ? -9.80974  9.61511   4.71818   1.000 14.65722 ? 140 ASN A CG   1 
ATOM   847  O OD1  . ASN A 1 99  ? -8.90819  8.94517   4.18906   1.000 16.64581 ? 140 ASN A OD1  1 
ATOM   848  N ND2  . ASN A 1 99  ? -10.95838 9.83929   4.11901   1.000 12.60238 ? 140 ASN A ND2  1 
ATOM   849  N N    . LYS A 1 100 ? -10.14034 12.31371  8.21015   1.000 20.78109 ? 141 LYS A N    1 
ATOM   850  C CA   . LYS A 1 100 ? -10.08835 12.97814  9.50472   1.000 22.08656 ? 141 LYS A CA   1 
ATOM   851  C C    . LYS A 1 100 ? -9.81314  11.95958  10.60413  1.000 19.29990 ? 141 LYS A C    1 
ATOM   852  O O    . LYS A 1 100 ? -10.19051 10.79026  10.47717  1.000 19.01384 ? 141 LYS A O    1 
ATOM   853  C CB   . LYS A 1 100 ? -11.43753 13.63898  9.80626   1.000 25.74734 ? 141 LYS A CB   1 
ATOM   854  C CG   . LYS A 1 100 ? -11.93307 14.61048  8.73985   1.000 33.71066 ? 141 LYS A CG   1 
ATOM   855  C CD   . LYS A 1 100 ? -11.55457 16.04993  9.05679   1.000 42.79916 ? 141 LYS A CD   1 
ATOM   856  C CE   . LYS A 1 100 ? -10.06980 16.31524  8.83708   1.000 43.09645 ? 141 LYS A CE   1 
ATOM   857  N NZ   . LYS A 1 100 ? -9.73306  17.75201  9.07807   1.000 49.35626 ? 141 LYS A NZ   1 
ATOM   858  N N    . PRO A 1 101 ? -9.16641  12.36613  11.69984  1.000 20.95005 ? 142 PRO A N    1 
ATOM   859  C CA   . PRO A 1 101 ? -8.93749  11.42763  12.80350  1.000 19.52629 ? 142 PRO A CA   1 
ATOM   860  C C    . PRO A 1 101 ? -10.27044 10.88969  13.29940  1.000 19.41737 ? 142 PRO A C    1 
ATOM   861  O O    . PRO A 1 101 ? -11.25998 11.61896  13.38595  1.000 24.04984 ? 142 PRO A O    1 
ATOM   862  C CB   . PRO A 1 101 ? -8.25724  12.29381  13.87139  1.000 27.92412 ? 142 PRO A CB   1 
ATOM   863  C CG   . PRO A 1 101 ? -7.66302  13.44233  13.11336  1.000 28.41703 ? 142 PRO A CG   1 
ATOM   864  C CD   . PRO A 1 101 ? -8.61782  13.70313  11.98059  1.000 25.73331 ? 142 PRO A CD   1 
ATOM   865  N N    . GLY A 1 102 ? -10.30785 9.59195   13.57197  1.000 22.19934 ? 143 GLY A N    1 
ATOM   866  C CA   . GLY A 1 102 ? -11.53863 8.96797   14.01305  1.000 20.68187 ? 143 GLY A CA   1 
ATOM   867  C C    . GLY A 1 102 ? -12.50980 8.55642   12.92129  1.000 20.52965 ? 143 GLY A C    1 
ATOM   868  O O    . GLY A 1 102 ? -13.50093 7.87969   13.23010  1.000 22.35325 ? 143 GLY A O    1 
ATOM   869  N N    . ASP A 1 103 ? -12.27134 8.93009   11.65921  1.000 19.00906 ? 144 ASP A N    1 
ATOM   870  C CA   . ASP A 1 103 ? -13.10454 8.44205   10.56722  1.000 17.30243 ? 144 ASP A CA   1 
ATOM   871  C C    . ASP A 1 103 ? -13.01136 6.92474   10.46812  1.000 17.54167 ? 144 ASP A C    1 
ATOM   872  O O    . ASP A 1 103 ? -11.97629 6.32468   10.77256  1.000 15.69103 ? 144 ASP A O    1 
ATOM   873  C CB   . ASP A 1 103 ? -12.61187 9.00552   9.23512   1.000 18.33647 ? 144 ASP A CB   1 
ATOM   874  C CG   . ASP A 1 103 ? -13.09889 10.41708  8.95858   1.000 25.66960 ? 144 ASP A CG   1 
ATOM   875  O OD1  . ASP A 1 103 ? -13.94054 10.95193  9.72169   1.000 26.14363 ? 144 ASP A OD1  1 
ATOM   876  O OD2  . ASP A 1 103 ? -12.62407 10.99017  7.95182   1.000 21.97551 ? 144 ASP A OD2  1 
ATOM   877  N N    . ASP A 1 104 ? -14.09011 6.30185   9.98561   1.000 17.51841 ? 145 ASP A N    1 
ATOM   878  C CA   . ASP A 1 104 ? -14.09689 4.85084   9.81345   1.000 15.61728 ? 145 ASP A CA   1 
ATOM   879  C C    . ASP A 1 104 ? -12.88642 4.36967   9.01858   1.000 15.59243 ? 145 ASP A C    1 
ATOM   880  O O    . ASP A 1 104 ? -12.22518 3.40154   9.40166   1.000 15.13489 ? 145 ASP A O    1 
ATOM   881  C CB   . ASP A 1 104 ? -15.37194 4.38837   9.10562   1.000 15.60695 ? 145 ASP A CB   1 
ATOM   882  C CG   . ASP A 1 104 ? -16.60073 4.44964   9.98915   1.000 18.44399 ? 145 ASP A CG   1 
ATOM   883  O OD1  . ASP A 1 104 ? -16.47436 4.53356   11.22779  1.000 17.48114 ? 145 ASP A OD1  1 
ATOM   884  O OD2  . ASP A 1 104 ? -17.70823 4.40454   9.42028   1.000 18.28472 ? 145 ASP A OD2  1 
ATOM   885  N N    . ILE A 1 105 ? -12.60260 5.01201   7.88173   1.000 16.48058 ? 146 ILE A N    1 
ATOM   886  C CA   . ILE A 1 105 ? -11.50390 4.55090   7.02924   1.000 14.23324 ? 146 ILE A CA   1 
ATOM   887  C C    . ILE A 1 105 ? -10.17041 4.66301   7.76068   1.000 15.10866 ? 146 ILE A C    1 
ATOM   888  O O    . ILE A 1 105 ? -9.26616  3.83638   7.57528   1.000 13.75857 ? 146 ILE A O    1 
ATOM   889  C CB   . ILE A 1 105 ? -11.49749 5.31656   5.69193   1.000 13.10148 ? 146 ILE A CB   1 
ATOM   890  C CG1  . ILE A 1 105 ? -10.54192 4.67067   4.68677   1.000 14.45925 ? 146 ILE A CG1  1 
ATOM   891  C CG2  . ILE A 1 105 ? -11.12235 6.79370   5.89836   1.000 15.67100 ? 146 ILE A CG2  1 
ATOM   892  C CD1  . ILE A 1 105 ? -11.00136 3.32846   4.17493   1.000 15.31190 ? 146 ILE A CD1  1 
ATOM   893  N N    . VAL A 1 106 ? -10.02182 5.69706   8.58694   1.000 14.94526 ? 147 VAL A N    1 
ATOM   894  C CA   . VAL A 1 106 ? -8.79299  5.86867   9.35490   1.000 14.04205 ? 147 VAL A CA   1 
ATOM   895  C C    . VAL A 1 106 ? -8.65498  4.77887   10.40966  1.000 15.31948 ? 147 VAL A C    1 
ATOM   896  O O    . VAL A 1 106 ? -7.55988  4.25007   10.62924  1.000 14.29961 ? 147 VAL A O    1 
ATOM   897  C CB   . VAL A 1 106 ? -8.72747  7.28369   9.95557   1.000 14.54167 ? 147 VAL A CB   1 
ATOM   898  C CG1  . VAL A 1 106 ? -7.61063  7.37930   10.99410  1.000 15.56922 ? 147 VAL A CG1  1 
ATOM   899  C CG2  . VAL A 1 106 ? -8.53099  8.30410   8.84720   1.000 16.02243 ? 147 VAL A CG2  1 
ATOM   900  N N    . LEU A 1 107 ? -9.75363  4.43417   11.08718  1.000 14.57531 ? 148 LEU A N    1 
ATOM   901  C CA   . LEU A 1 107 ? -9.71975  3.33406   12.04332  1.000 15.85934 ? 148 LEU A CA   1 
ATOM   902  C C    . LEU A 1 107 ? -9.35451  2.02746   11.35833  1.000 16.28188 ? 148 LEU A C    1 
ATOM   903  O O    . LEU A 1 107 ? -8.62796  1.20144   11.92118  1.000 16.66162 ? 148 LEU A O    1 
ATOM   904  C CB   . LEU A 1 107 ? -11.07021 3.20497   12.74324  1.000 16.94536 ? 148 LEU A CB   1 
ATOM   905  C CG   . LEU A 1 107 ? -11.43578 4.37432   13.64990  1.000 20.70395 ? 148 LEU A CG   1 
ATOM   906  C CD1  . LEU A 1 107 ? -12.86012 4.18083   14.18464  1.000 21.05285 ? 148 LEU A CD1  1 
ATOM   907  C CD2  . LEU A 1 107 ? -10.43199 4.49475   14.77630  1.000 23.15778 ? 148 LEU A CD2  1 
ATOM   908  N N    . MET A 1 108 ? -9.83286  1.82832   10.13038  1.000 15.08485 ? 149 MET A N    1 
ATOM   909  C CA   . MET A 1 108 ? -9.46832  0.63038   9.38652   1.000 15.10854 ? 149 MET A CA   1 
ATOM   910  C C    . MET A 1 108 ? -7.97782  0.62520   9.06820   1.000 15.61226 ? 149 MET A C    1 
ATOM   911  O O    . MET A 1 108 ? -7.28757  -0.37399  9.29642   1.000 15.52743 ? 149 MET A O    1 
ATOM   912  C CB   . MET A 1 108 ? -10.31883 0.53712   8.12013   1.000 15.12206 ? 149 MET A CB   1 
ATOM   913  C CG   . MET A 1 108 ? -11.79909 0.41121   8.44402   1.000 14.37675 ? 149 MET A CG   1 
ATOM   914  S SD   . MET A 1 108 ? -12.79195 0.52228   6.94750   1.000 20.76235 ? 149 MET A SD   1 
ATOM   915  C CE   . MET A 1 108 ? -12.57118 -1.05501  6.22477   1.000 16.95065 ? 149 MET A CE   1 
ATOM   916  N N    . ALA A 1 109 ? -7.45532  1.74903   8.57024   1.000 13.93811 ? 150 ALA A N    1 
ATOM   917  C CA   . ALA A 1 109 ? -6.02230  1.82837   8.28943   1.000 13.82571 ? 150 ALA A CA   1 
ATOM   918  C C    . ALA A 1 109 ? -5.19913  1.61574   9.55359   1.000 15.38340 ? 150 ALA A C    1 
ATOM   919  O O    . ALA A 1 109 ? -4.17177  0.92565   9.51812   1.000 13.41629 ? 150 ALA A O    1 
ATOM   920  C CB   . ALA A 1 109 ? -5.67798  3.17308   7.64983   1.000 13.76752 ? 150 ALA A CB   1 
ATOM   921  N N    . GLU A 1 110 ? -5.63776  2.19396   10.68125  1.000 14.52316 ? 151 GLU A N    1 
ATOM   922  C CA   . GLU A 1 110 ? -4.87541  2.06786   11.92032  1.000 15.91618 ? 151 GLU A CA   1 
ATOM   923  C C    . GLU A 1 110 ? -4.80280  0.61842   12.37419  1.000 16.13623 ? 151 GLU A C    1 
ATOM   924  O O    . GLU A 1 110 ? -3.77435  0.17628   12.90279  1.000 14.67158 ? 151 GLU A O    1 
ATOM   925  C CB   . GLU A 1 110 ? -5.48657  2.95592   13.00631  1.000 15.41117 ? 151 GLU A CB   1 
ATOM   926  C CG   . GLU A 1 110 ? -5.19634  4.43134   12.78860  1.000 17.59365 ? 151 GLU A CG   1 
ATOM   927  C CD   . GLU A 1 110 ? -5.87586  5.34192   13.79409  1.000 23.31988 ? 151 GLU A CD   1 
ATOM   928  O OE1  . GLU A 1 110 ? -6.84845  4.90372   14.43750  1.000 28.11208 ? 151 GLU A OE1  1 
ATOM   929  O OE2  . GLU A 1 110 ? -5.43326  6.50161   13.92671  1.000 25.38497 ? 151 GLU A OE2  1 
ATOM   930  N N    . ALA A 1 111 ? -5.88790  -0.13648  12.19029  1.000 15.45964 ? 152 ALA A N    1 
ATOM   931  C CA   . ALA A 1 111 ? -5.86580  -1.55633  12.52315  1.000 14.19641 ? 152 ALA A CA   1 
ATOM   932  C C    . ALA A 1 111 ? -4.89222  -2.31301  11.63034  1.000 13.81407 ? 152 ALA A C    1 
ATOM   933  O O    . ALA A 1 111 ? -4.15537  -3.18931  12.10517  1.000 15.73288 ? 152 ALA A O    1 
ATOM   934  C CB   . ALA A 1 111 ? -7.27312  -2.14976  12.39969  1.000 17.20647 ? 152 ALA A CB   1 
ATOM   935  N N    . LEU A 1 112 ? -4.89244  -2.01813  10.32525  1.000 14.98047 ? 153 LEU A N    1 
ATOM   936  C CA   . LEU A 1 112 ? -3.93341  -2.66379  9.43365   1.000 14.18129 ? 153 LEU A CA   1 
ATOM   937  C C    . LEU A 1 112 ? -2.50253  -2.29070  9.80104   1.000 13.53884 ? 153 LEU A C    1 
ATOM   938  O O    . LEU A 1 112 ? -1.60530  -3.14276  9.76228   1.000 14.46373 ? 153 LEU A O    1 
ATOM   939  C CB   . LEU A 1 112 ? -4.22867  -2.30022  7.97684   1.000 14.59072 ? 153 LEU A CB   1 
ATOM   940  C CG   . LEU A 1 112 ? -5.58162  -2.74943  7.43213   1.000 16.16908 ? 153 LEU A CG   1 
ATOM   941  C CD1  . LEU A 1 112 ? -5.78542  -2.21532  6.02743   1.000 19.22231 ? 153 LEU A CD1  1 
ATOM   942  C CD2  . LEU A 1 112 ? -5.73182  -4.25965  7.45343   1.000 17.16102 ? 153 LEU A CD2  1 
ATOM   943  N N    . GLU A 1 113 ? -2.27655  -1.02337  10.16372  1.000 12.74911 ? 154 GLU A N    1 
ATOM   944  C CA   . GLU A 1 113 ? -0.92349  -0.57302  10.47283  1.000 14.49607 ? 154 GLU A CA   1 
ATOM   945  C C    . GLU A 1 113 ? -0.41160  -1.20203  11.76033  1.000 14.01681 ? 154 GLU A C    1 
ATOM   946  O O    . GLU A 1 113 ? 0.75988   -1.59401  11.83715  1.000 14.30949 ? 154 GLU A O    1 
ATOM   947  C CB   . GLU A 1 113 ? -0.85491  0.95249   10.54623  1.000 14.51348 ? 154 GLU A CB   1 
ATOM   948  C CG   . GLU A 1 113 ? 0.55402   1.44262   10.85540  1.000 16.72654 ? 154 GLU A CG   1 
ATOM   949  C CD   . GLU A 1 113 ? 0.67446   2.94859   10.93775  1.000 19.92150 ? 154 GLU A CD   1 
ATOM   950  O OE1  . GLU A 1 113 ? -0.32888  3.62070   11.23468  1.000 21.71107 ? 154 GLU A OE1  1 
ATOM   951  O OE2  . GLU A 1 113 ? 1.78968   3.46116   10.70727  1.000 26.67801 ? 154 GLU A OE2  1 
ATOM   952  N N    . LYS A 1 114 ? -1.27476  -1.32843  12.77056  1.000 14.60216 ? 155 LYS A N    1 
ATOM   953  C CA   . LYS A 1 114 ? -0.86698  -1.99561  14.00438  1.000 14.81498 ? 155 LYS A CA   1 
ATOM   954  C C    . LYS A 1 114 ? -0.41436  -3.41915  13.70648  1.000 16.40944 ? 155 LYS A C    1 
ATOM   955  O O    . LYS A 1 114 ? 0.64096   -3.86825  14.17703  1.000 17.37600 ? 155 LYS A O    1 
ATOM   956  C CB   . LYS A 1 114 ? -2.03083  -1.98833  14.99981  1.000 15.87710 ? 155 LYS A CB   1 
ATOM   957  C CG   . LYS A 1 114 ? -1.68416  -2.51688  16.39329  1.000 18.10261 ? 155 LYS A CG   1 
ATOM   958  C CD   . LYS A 1 114 ? -2.92735  -2.57179  17.27264  1.000 20.04911 ? 155 LYS A CD   1 
ATOM   959  C CE   . LYS A 1 114 ? -2.62429  -3.16515  18.64745  1.000 31.39262 ? 155 LYS A CE   1 
ATOM   960  N NZ   . LYS A 1 114 ? -2.02639  -2.17351  19.58178  1.000 38.22517 ? 155 LYS A NZ   1 
ATOM   961  N N    . LEU A 1 115 ? -1.20166  -4.14014  12.90723  1.000 14.68649 ? 156 LEU A N    1 
ATOM   962  C CA   . LEU A 1 115 ? -0.84263  -5.49222  12.50650  1.000 15.39217 ? 156 LEU A CA   1 
ATOM   963  C C    . LEU A 1 115 ? 0.44309   -5.49864  11.68696  1.000 16.49950 ? 156 LEU A C    1 
ATOM   964  O O    . LEU A 1 115 ? 1.32501   -6.34257  11.89477  1.000 17.01752 ? 156 LEU A O    1 
ATOM   965  C CB   . LEU A 1 115 ? -2.00340  -6.08135  11.70959  1.000 18.68981 ? 156 LEU A CB   1 
ATOM   966  C CG   . LEU A 1 115 ? -1.89084  -7.50262  11.18585  1.000 17.84756 ? 156 LEU A CG   1 
ATOM   967  C CD1  . LEU A 1 115 ? -1.66169  -8.46374  12.34452  1.000 21.09614 ? 156 LEU A CD1  1 
ATOM   968  C CD2  . LEU A 1 115 ? -3.16712  -7.85073  10.40742  1.000 19.43524 ? 156 LEU A CD2  1 
ATOM   969  N N    . PHE A 1 116 ? 0.57014   -4.55326  10.75883  1.000 15.01510 ? 157 PHE A N    1 
ATOM   970  C CA   . PHE A 1 116 ? 1.76872   -4.45740  9.93619   1.000 16.43702 ? 157 PHE A CA   1 
ATOM   971  C C    . PHE A 1 116 ? 3.01600   -4.33302  10.79995  1.000 16.36991 ? 157 PHE A C    1 
ATOM   972  O O    . PHE A 1 116 ? 4.00429   -5.05229  10.59426  1.000 15.16920 ? 157 PHE A O    1 
ATOM   973  C CB   . PHE A 1 116 ? 1.62142   -3.24464  9.01546   1.000 14.72677 ? 157 PHE A CB   1 
ATOM   974  C CG   . PHE A 1 116 ? 2.85746   -2.91949  8.22719   1.000 13.55358 ? 157 PHE A CG   1 
ATOM   975  C CD1  . PHE A 1 116 ? 3.23779   -3.71054  7.15285   1.000 14.77311 ? 157 PHE A CD1  1 
ATOM   976  C CD2  . PHE A 1 116 ? 3.63013   -1.81960  8.55334   1.000 15.45545 ? 157 PHE A CD2  1 
ATOM   977  C CE1  . PHE A 1 116 ? 4.39243   -3.40784  6.42410   1.000 14.69831 ? 157 PHE A CE1  1 
ATOM   978  C CE2  . PHE A 1 116 ? 4.77418   -1.50756  7.82107   1.000 17.62515 ? 157 PHE A CE2  1 
ATOM   979  C CZ   . PHE A 1 116 ? 5.14621   -2.30012  6.75980   1.000 15.67593 ? 157 PHE A CZ   1 
ATOM   980  N N    . LEU A 1 117 ? 2.98041   -3.43410  11.78571  1.000 15.08201 ? 158 LEU A N    1 
ATOM   981  C CA   . LEU A 1 117 ? 4.15024   -3.20381  12.62648  1.000 16.17148 ? 158 LEU A CA   1 
ATOM   982  C C    . LEU A 1 117 ? 4.48952   -4.43615  13.45247  1.000 17.13222 ? 158 LEU A C    1 
ATOM   983  O O    . LEU A 1 117 ? 5.66717   -4.76299  13.64030  1.000 14.90506 ? 158 LEU A O    1 
ATOM   984  C CB   . LEU A 1 117 ? 3.90733   -1.99140  13.51961  1.000 15.94076 ? 158 LEU A CB   1 
ATOM   985  C CG   . LEU A 1 117 ? 3.93484   -0.67673  12.74440  1.000 17.28219 ? 158 LEU A CG   1 
ATOM   986  C CD1  . LEU A 1 117 ? 3.48345   0.45975   13.63828  1.000 21.37506 ? 158 LEU A CD1  1 
ATOM   987  C CD2  . LEU A 1 117 ? 5.31505   -0.38978  12.16809  1.000 24.62879 ? 158 LEU A CD2  1 
ATOM   988  N N    . GLN A 1 118 ? 3.47326   -5.14280  13.94011  1.000 17.55157 ? 159 GLN A N    1 
ATOM   989  C CA   . GLN A 1 118 ? 3.72780   -6.38163  14.66296  1.000 17.80430 ? 159 GLN A CA   1 
ATOM   990  C C    . GLN A 1 118 ? 4.46528   -7.37976  13.77975  1.000 17.84219 ? 159 GLN A C    1 
ATOM   991  O O    . GLN A 1 118 ? 5.44824   -7.99926  14.20767  1.000 19.32283 ? 159 GLN A O    1 
ATOM   992  C CB   . GLN A 1 118 ? 2.40139   -6.93916  15.19424  1.000 18.84119 ? 159 GLN A CB   1 
ATOM   993  C CG   . GLN A 1 118 ? 1.83317   -6.08529  16.33979  1.000 22.19554 ? 159 GLN A CG   1 
ATOM   994  C CD   . GLN A 1 118 ? 0.39257   -6.41827  16.74215  1.000 29.84875 ? 159 GLN A CD   1 
ATOM   995  O OE1  . GLN A 1 118 ? -0.43917  -6.80079  15.91373  1.000 29.54231 ? 159 GLN A OE1  1 
ATOM   996  N NE2  . GLN A 1 118 ? 0.09476   -6.25238  18.02954  1.000 31.13958 ? 159 GLN A NE2  1 
ATOM   997  N N    . LYS A 1 119 ? 4.03981   -7.51366  12.52732  1.000 16.91193 ? 160 LYS A N    1 
ATOM   998  C CA   . LYS A 1 119 ? 4.70586   -8.44401  11.62314  1.000 19.13255 ? 160 LYS A CA   1 
ATOM   999  C C    . LYS A 1 119 ? 6.11458   -7.97754  11.27305  1.000 17.26151 ? 160 LYS A C    1 
ATOM   1000 O O    . LYS A 1 119 ? 7.03082   -8.80132  11.13234  1.000 19.71960 ? 160 LYS A O    1 
ATOM   1001 C CB   . LYS A 1 119 ? 3.85880   -8.64339  10.36807  1.000 21.17737 ? 160 LYS A CB   1 
ATOM   1002 C CG   . LYS A 1 119 ? 2.57943   -9.43228  10.63581  1.000 24.97063 ? 160 LYS A CG   1 
ATOM   1003 C CD   . LYS A 1 119 ? 2.92887   -10.82609 11.14925  1.000 32.64739 ? 160 LYS A CD   1 
ATOM   1004 C CE   . LYS A 1 119 ? 1.89461   -11.36896 12.13294  1.000 37.55517 ? 160 LYS A CE   1 
ATOM   1005 N NZ   . LYS A 1 119 ? 0.61161   -11.72854 11.47407  1.000 35.89440 ? 160 LYS A NZ   1 
ATOM   1006 N N    . ILE A 1 120 ? 6.31130   -6.66469  11.12034  1.000 16.72737 ? 161 ILE A N    1 
ATOM   1007 C CA   . ILE A 1 120 ? 7.64079   -6.15108  10.80617  1.000 17.69076 ? 161 ILE A CA   1 
ATOM   1008 C C    . ILE A 1 120 ? 8.62307   -6.42489  11.94089  1.000 18.23982 ? 161 ILE A C    1 
ATOM   1009 O O    . ILE A 1 120 ? 9.83033   -6.55775  11.70521  1.000 18.65726 ? 161 ILE A O    1 
ATOM   1010 C CB   . ILE A 1 120 ? 7.56427   -4.65994  10.40680  1.000 18.43252 ? 161 ILE A CB   1 
ATOM   1011 C CG1  . ILE A 1 120 ? 6.79283   -4.50883  9.09203   1.000 20.85209 ? 161 ILE A CG1  1 
ATOM   1012 C CG2  . ILE A 1 120 ? 8.95508   -4.06100  10.27511  1.000 21.54980 ? 161 ILE A CG2  1 
ATOM   1013 C CD1  . ILE A 1 120 ? 7.35307   -5.35698  7.96064   1.000 19.82473 ? 161 ILE A CD1  1 
ATOM   1014 N N    . ASN A 1 121 ? 8.13036   -6.52717  13.17897  1.000 15.60479 ? 162 ASN A N    1 
ATOM   1015 C CA   . ASN A 1 121 ? 9.00799   -6.86035  14.30060  1.000 18.46323 ? 162 ASN A CA   1 
ATOM   1016 C C    . ASN A 1 121 ? 9.64448   -8.23464  14.15156  1.000 20.81977 ? 162 ASN A C    1 
ATOM   1017 O O    . ASN A 1 121 ? 10.63440  -8.52664  14.83763  1.000 21.88422 ? 162 ASN A O    1 
ATOM   1018 C CB   . ASN A 1 121 ? 8.23704   -6.77424  15.62102  1.000 18.54175 ? 162 ASN A CB   1 
ATOM   1019 C CG   . ASN A 1 121 ? 8.24614   -5.37948  16.20857  1.000 20.34204 ? 162 ASN A CG   1 
ATOM   1020 O OD1  . ASN A 1 121 ? 8.78584   -4.44877  15.61320  1.000 23.88019 ? 162 ASN A OD1  1 
ATOM   1021 N ND2  . ASN A 1 121 ? 7.65525   -5.22927  17.38903  1.000 28.07698 ? 162 ASN A ND2  1 
ATOM   1022 N N    . GLU A 1 122 ? 9.10086   -9.08869  13.28676  1.000 17.78078 ? 163 GLU A N    1 
ATOM   1023 C CA   . GLU A 1 122 ? 9.65310   -10.41638 13.05399  1.000 18.49272 ? 163 GLU A CA   1 
ATOM   1024 C C    . GLU A 1 122 ? 10.22352  -10.56823 11.64842  1.000 20.18351 ? 163 GLU A C    1 
ATOM   1025 O O    . GLU A 1 122 ? 10.39270  -11.69196 11.16330  1.000 20.81373 ? 163 GLU A O    1 
ATOM   1026 C CB   . GLU A 1 122 ? 8.62324   -11.49342 13.39187  1.000 25.40675 ? 163 GLU A CB   1 
ATOM   1027 C CG   . GLU A 1 122 ? 8.27989   -11.51339 14.89176  1.000 30.27506 ? 163 GLU A CG   1 
ATOM   1028 C CD   . GLU A 1 122 ? 7.16732   -12.48446 15.25159  1.000 39.23420 ? 163 GLU A CD   1 
ATOM   1029 O OE1  . GLU A 1 122 ? 6.74823   -13.27858 14.38442  1.000 39.02401 ? 163 GLU A OE1  1 
ATOM   1030 O OE2  . GLU A 1 122 ? 6.71055   -12.45502 16.41396  1.000 43.24522 ? 163 GLU A OE2  1 
ATOM   1031 N N    . LEU A 1 123 ? 10.53650  -9.45536  10.99276  1.000 19.78997 ? 164 LEU A N    1 
ATOM   1032 C CA   . LEU A 1 123 ? 11.25867  -9.50676  9.73279   1.000 20.57424 ? 164 LEU A CA   1 
ATOM   1033 C C    . LEU A 1 123 ? 12.55331  -10.29270 9.93023   1.000 22.25200 ? 164 LEU A C    1 
ATOM   1034 O O    . LEU A 1 123 ? 13.33639  -9.96913  10.83360  1.000 22.61964 ? 164 LEU A O    1 
ATOM   1035 C CB   . LEU A 1 123 ? 11.59358  -8.08393  9.28821   1.000 21.28121 ? 164 LEU A CB   1 
ATOM   1036 C CG   . LEU A 1 123 ? 12.15463  -7.90433  7.87887   1.000 22.81367 ? 164 LEU A CG   1 
ATOM   1037 C CD1  . LEU A 1 123 ? 11.07144  -8.18510  6.84521   1.000 22.21936 ? 164 LEU A CD1  1 
ATOM   1038 C CD2  . LEU A 1 123 ? 12.72534  -6.50595  7.71529   1.000 24.62282 ? 164 LEU A CD2  1 
ATOM   1039 N N    . PRO A 1 124 ? 12.82105  -11.32238 9.11317   1.000 21.03397 ? 165 PRO A N    1 
ATOM   1040 C CA   . PRO A 1 124 ? 14.03578  -12.12529 9.30454   1.000 21.34067 ? 165 PRO A CA   1 
ATOM   1041 C C    . PRO A 1 124 ? 15.30162  -11.32260 9.04278   1.000 28.84671 ? 165 PRO A C    1 
ATOM   1042 O O    . PRO A 1 124 ? 15.24375  -10.33870 8.31042   1.000 23.64946 ? 165 PRO A O    1 
ATOM   1043 C CB   . PRO A 1 124 ? 13.88267  -13.24195 8.27467   1.000 24.34510 ? 165 PRO A CB   1 
ATOM   1044 C CG   . PRO A 1 124 ? 12.99263  -12.66555 7.22357   1.000 26.48021 ? 165 PRO A CG   1 
ATOM   1045 C CD   . PRO A 1 124 ? 12.02403  -11.79082 7.96938   1.000 23.82428 ? 165 PRO A CD   1 
HETATM 1046 C C10  . 97F B 2 .   ? -13.16579 3.51244   -0.19463  1.000 14.89334 ? 201 97F A C10  1 
HETATM 1047 C C13  . 97F B 2 .   ? -14.58356 1.56391   -1.56278  1.000 17.59838 ? 201 97F A C13  1 
HETATM 1048 C C15  . 97F B 2 .   ? -14.50850 3.33390   0.07009   1.000 14.06216 ? 201 97F A C15  1 
HETATM 1049 C C17  . 97F B 2 .   ? -15.04775 3.67525   2.35700   1.000 14.87257 ? 201 97F A C17  1 
HETATM 1050 C C20  . 97F B 2 .   ? -14.86653 2.93596   5.01623   1.000 14.87332 ? 201 97F A C20  1 
HETATM 1051 C C21  . 97F B 2 .   ? -15.31188 4.20257   4.67553   1.000 17.84386 ? 201 97F A C21  1 
HETATM 1052 C C22  . 97F B 2 .   ? -15.41114 4.56746   3.34792   1.000 17.16056 ? 201 97F A C22  1 
HETATM 1053 C C28  . 97F B 2 .   ? -8.84836  5.18383   1.28940   1.000 13.46873 ? 201 97F A C28  1 
HETATM 1054 C C01  . 97F B 2 .   ? -13.78580 10.05987  1.95338   1.000 16.07421 ? 201 97F A C01  1 
HETATM 1055 C C02  . 97F B 2 .   ? -13.73862 8.53452   1.94111   1.000 14.54150 ? 201 97F A C02  1 
HETATM 1056 C C03  . 97F B 2 .   ? -14.42217 8.01457   3.19492   1.000 17.34030 ? 201 97F A C03  1 
HETATM 1057 C C07  . 97F B 2 .   ? -11.96908 6.77769   1.43463   1.000 13.23763 ? 201 97F A C07  1 
HETATM 1058 C C08  . 97F B 2 .   ? -12.82742 5.83984   0.88548   1.000 14.26657 ? 201 97F A C08  1 
HETATM 1059 C C09  . 97F B 2 .   ? -12.32996 4.58525   0.46165   1.000 14.65776 ? 201 97F A C09  1 
HETATM 1060 C C11  . 97F B 2 .   ? -12.54181 2.72434   -1.15198  1.000 14.00030 ? 201 97F A C11  1 
HETATM 1061 C C12  . 97F B 2 .   ? -13.24105 1.74890   -1.83430  1.000 14.85216 ? 201 97F A C12  1 
HETATM 1062 C C14  . 97F B 2 .   ? -15.20714 2.35505   -0.61623  1.000 15.54883 ? 201 97F A C14  1 
HETATM 1063 C C18  . 97F B 2 .   ? -14.59222 2.40548   2.69574   1.000 13.22804 ? 201 97F A C18  1 
HETATM 1064 C C19  . 97F B 2 .   ? -14.50480 2.03272   4.03532   1.000 14.87802 ? 201 97F A C19  1 
HETATM 1065 C C25  . 97F B 2 .   ? -10.60968 6.43147   1.52055   1.000 13.26736 ? 201 97F A C25  1 
HETATM 1066 C C29  . 97F B 2 .   ? -7.99070  3.97057   0.93090   1.000 13.51895 ? 201 97F A C29  1 
HETATM 1067 N N04  . 97F B 2 .   ? -15.85773 7.99609   3.18248   1.000 18.42442 ? 201 97F A N04  1 
HETATM 1068 N N06  . 97F B 2 .   ? -12.35268 8.08974   1.91862   1.000 14.08699 ? 201 97F A N06  1 
HETATM 1069 N N23  . 97F B 2 .   ? -11.03174 4.29340   0.55301   1.000 14.17968 ? 201 97F A N23  1 
HETATM 1070 N N24  . 97F B 2 .   ? -10.19676 5.25855   1.10045   1.000 13.43193 ? 201 97F A N24  1 
HETATM 1071 N N26  . 97F B 2 .   ? -9.53659  7.10928   1.98759   1.000 13.23259 ? 201 97F A N26  1 
HETATM 1072 N N27  . 97F B 2 .   ? -8.45516  6.30926   1.83386   1.000 12.44665 ? 201 97F A N27  1 
HETATM 1073 O O05  . 97F B 2 .   ? -13.80905 7.63574   4.14896   1.000 18.35668 ? 201 97F A O05  1 
HETATM 1074 O O16  . 97F B 2 .   ? -15.15765 4.12714   1.02158   1.000 15.04485 ? 201 97F A O16  1 
HETATM 1075 H H131 . 97F B 2 .   ? -15.14009 0.79337   -2.07769  1.000 21.14436 ? 201 97F A H131 1 
HETATM 1076 H H201 . 97F B 2 .   ? -14.80013 2.65204   6.05923   1.000 17.87429 ? 201 97F A H201 1 
HETATM 1077 H H211 . 97F B 2 .   ? -15.59936 4.90077   5.45051   1.000 21.43893 ? 201 97F A H211 1 
HETATM 1078 H H221 . 97F B 2 .   ? -15.75690 5.55910   3.08337   1.000 20.61898 ? 201 97F A H221 1 
HETATM 1079 H H012 . 97F B 2 .   ? -13.51449 10.43813  0.97220   1.000 19.31536 ? 201 97F A H012 1 
HETATM 1080 H H013 . 97F B 2 .   ? -13.08637 10.43771  2.69328   1.000 19.31536 ? 201 97F A H013 1 
HETATM 1081 H H011 . 97F B 2 .   ? -14.79006 10.38913  2.20327   1.000 19.31536 ? 201 97F A H011 1 
HETATM 1082 H H021 . 97F B 2 .   ? -14.25383 8.16208   1.06557   1.000 17.47611 ? 201 97F A H021 1 
HETATM 1083 H H081 . 97F B 2 .   ? -13.88654 6.06194   0.79416   1.000 17.14619 ? 201 97F A H081 1 
HETATM 1084 H H111 . 97F B 2 .   ? -11.49194 2.88138   -1.37141  1.000 16.82666 ? 201 97F A H111 1 
HETATM 1085 H H121 . 97F B 2 .   ? -12.74320 1.13387   -2.56933  1.000 17.84890 ? 201 97F A H121 1 
HETATM 1086 H H141 . 97F B 2 .   ? -16.25472 2.19902   -0.39986  1.000 18.68490 ? 201 97F A H141 1 
HETATM 1087 H H181 . 97F B 2 .   ? -14.30999 1.70505   1.91806   1.000 15.89995 ? 201 97F A H181 1 
HETATM 1088 H H191 . 97F B 2 .   ? -14.15249 1.04491   4.30552   1.000 17.87993 ? 201 97F A H191 1 
HETATM 1089 H H292 . 97F B 2 .   ? -7.13394  4.29274   0.34833   1.000 16.24905 ? 201 97F A H292 1 
HETATM 1090 H H291 . 97F B 2 .   ? -8.58332  3.26654   0.34673   1.000 16.24905 ? 201 97F A H291 1 
HETATM 1091 H H293 . 97F B 2 .   ? -7.64905  3.48838   1.83964   1.000 16.24905 ? 201 97F A H293 1 
HETATM 1092 H H042 . 97F B 2 .   ? -16.35592 8.31683   2.37443   1.000 22.13561 ? 201 97F A H042 1 
HETATM 1093 H H041 . 97F B 2 .   ? -16.36094 7.66347   3.98132   1.000 22.13561 ? 201 97F A H041 1 
HETATM 1094 H H061 . 97F B 2 .   ? -11.63952 8.71133   2.24881   1.000 16.93069 ? 201 97F A H061 1 
HETATM 1095 O O    . HOH C 3 .   ? 7.54709   -11.91836 -12.96732 1.000 29.01934 ? 301 HOH A O    1 
HETATM 1096 O O    . HOH C 3 .   ? 4.14591   2.18999   10.02127  1.000 27.41523 ? 302 HOH A O    1 
HETATM 1097 O O    . HOH C 3 .   ? -1.54419  -11.92561 12.63491  1.000 28.43270 ? 303 HOH A O    1 
HETATM 1098 O O    . HOH C 3 .   ? -6.18246  14.60819  7.54752   1.000 25.27480 ? 304 HOH A O    1 
HETATM 1099 O O    . HOH C 3 .   ? -3.73047  7.66425   12.40923  1.000 27.98609 ? 305 HOH A O    1 
HETATM 1100 O O    . HOH C 3 .   ? -10.63065 -11.72813 8.04883   1.000 29.39557 ? 306 HOH A O    1 
HETATM 1101 O O    . HOH C 3 .   ? -7.36041  2.87743   15.93107  1.000 29.86605 ? 307 HOH A O    1 
HETATM 1102 O O    . HOH C 3 .   ? -10.90856 16.68771  1.17936   1.000 25.63050 ? 308 HOH A O    1 
HETATM 1103 O O    . HOH C 3 .   ? 7.66627   -2.90805  13.82427  1.000 21.17438 ? 309 HOH A O    1 
HETATM 1104 O O    . HOH C 3 .   ? -5.88033  7.26312   1.23328   1.000 14.06712 ? 310 HOH A O    1 
HETATM 1105 O O    . HOH C 3 .   ? 10.13462  -9.27192  -13.72576 1.000 21.68761 ? 311 HOH A O    1 
HETATM 1106 O O    . HOH C 3 .   ? -6.03781  4.70728   -13.91594 1.000 34.61116 ? 312 HOH A O    1 
HETATM 1107 O O    . HOH C 3 .   ? 1.92139   -17.43977 2.74008   1.000 35.00868 ? 313 HOH A O    1 
HETATM 1108 O O    . HOH C 3 .   ? 2.46513   -4.70447  -14.02655 1.000 33.11939 ? 314 HOH A O    1 
HETATM 1109 O O    . HOH C 3 .   ? -1.39924  6.52260   -9.10855  1.000 17.11701 ? 315 HOH A O    1 
HETATM 1110 O O    . HOH C 3 .   ? 13.00379  -7.36824  14.50567  1.000 26.37006 ? 316 HOH A O    1 
HETATM 1111 O O    . HOH C 3 .   ? -9.72888  -4.92078  -6.65968  1.000 28.98998 ? 317 HOH A O    1 
HETATM 1112 O O    . HOH C 3 .   ? 19.22372  -0.86667  -15.75441 1.000 25.50739 ? 318 HOH A O    1 
HETATM 1113 O O    . HOH C 3 .   ? 9.11778   3.40767   5.77218   1.000 27.92253 ? 319 HOH A O    1 
HETATM 1114 O O    . HOH C 3 .   ? -11.67090 -8.60308  -0.96912  1.000 30.58809 ? 320 HOH A O    1 
HETATM 1115 O O    . HOH C 3 .   ? 0.95122   -14.02495 9.79135   1.000 31.26985 ? 321 HOH A O    1 
HETATM 1116 O O    . HOH C 3 .   ? -5.92945  16.52057  3.55636   1.000 25.85584 ? 322 HOH A O    1 
HETATM 1117 O O    . HOH C 3 .   ? -14.85042 -7.40502  5.81578   1.000 25.84605 ? 323 HOH A O    1 
HETATM 1118 O O    . HOH C 3 .   ? -11.09465 -5.44294  -3.09177  1.000 22.01327 ? 324 HOH A O    1 
HETATM 1119 O O    . HOH C 3 .   ? -15.62421 6.21182   13.34341  1.000 21.39620 ? 325 HOH A O    1 
HETATM 1120 O O    . HOH C 3 .   ? -7.04170  -6.11863  -6.01919  1.000 27.46391 ? 326 HOH A O    1 
HETATM 1121 O O    . HOH C 3 .   ? -17.64701 10.86520  -10.12455 1.000 30.66839 ? 327 HOH A O    1 
HETATM 1122 O O    . HOH C 3 .   ? 16.00212  -1.07543  -7.69577  1.000 16.21816 ? 328 HOH A O    1 
HETATM 1123 O O    . HOH C 3 .   ? 8.03408   -12.71406 -6.18213  1.000 25.72755 ? 329 HOH A O    1 
HETATM 1124 O O    . HOH C 3 .   ? -8.67006  15.97511  2.60274   1.000 23.62972 ? 330 HOH A O    1 
HETATM 1125 O O    . HOH C 3 .   ? -12.99927 11.25152  5.25172   1.000 22.54622 ? 331 HOH A O    1 
HETATM 1126 O O    . HOH C 3 .   ? -8.29853  0.87135   14.60990  1.000 24.12509 ? 332 HOH A O    1 
HETATM 1127 O O    . HOH C 3 .   ? 8.92352   2.11207   -2.68680  1.000 19.71675 ? 333 HOH A O    1 
HETATM 1128 O O    . HOH C 3 .   ? -5.27791  10.23884  -15.95234 1.000 19.83699 ? 334 HOH A O    1 
HETATM 1129 O O    . HOH C 3 .   ? -18.66580 4.66038   12.86195  1.000 16.33182 ? 335 HOH A O    1 
HETATM 1130 O O    . HOH C 3 .   ? -4.61498  3.13232   -0.36138  1.000 19.99811 ? 336 HOH A O    1 
HETATM 1131 O O    . HOH C 3 .   ? -6.51234  11.61494  9.98888   1.000 24.46034 ? 337 HOH A O    1 
HETATM 1132 O O    . HOH C 3 .   ? 0.69638   11.31692  -1.06522  1.000 22.23553 ? 338 HOH A O    1 
HETATM 1133 O O    . HOH C 3 .   ? -16.15362 15.53210  -14.60469 1.000 23.90553 ? 339 HOH A O    1 
HETATM 1134 O O    . HOH C 3 .   ? -9.95039  11.29293  -9.82357  1.000 27.68125 ? 340 HOH A O    1 
HETATM 1135 O O    . HOH C 3 .   ? -20.98385 11.57874  -3.64776  1.000 40.79123 ? 341 HOH A O    1 
HETATM 1136 O O    . HOH C 3 .   ? 13.79221  2.75461   -5.13457  1.000 27.34990 ? 342 HOH A O    1 
HETATM 1137 O O    . HOH C 3 .   ? 9.34622   -9.75072  -4.24446  1.000 22.17842 ? 343 HOH A O    1 
HETATM 1138 O O    . HOH C 3 .   ? -9.15046  0.83597   -8.28083  1.000 19.98717 ? 344 HOH A O    1 
HETATM 1139 O O    . HOH C 3 .   ? -4.26135  5.04425   1.34869   1.000 20.18371 ? 345 HOH A O    1 
HETATM 1140 O O    . HOH C 3 .   ? 8.33814   -5.44779  -11.40882 1.000 17.75111 ? 346 HOH A O    1 
HETATM 1141 O O    . HOH C 3 .   ? -11.93745 19.78037  -1.59295  1.000 27.44105 ? 347 HOH A O    1 
HETATM 1142 O O    . HOH C 3 .   ? -14.44405 7.05798   6.79429   1.000 17.04076 ? 348 HOH A O    1 
HETATM 1143 O O    . HOH C 3 .   ? -2.58586  3.73511   -5.53919  1.000 14.70407 ? 349 HOH A O    1 
HETATM 1144 O O    . HOH C 3 .   ? 2.00164   9.67827   8.90171   1.000 25.21194 ? 350 HOH A O    1 
HETATM 1145 O O    . HOH C 3 .   ? 5.95325   4.72650   -1.53129  1.000 25.69609 ? 351 HOH A O    1 
HETATM 1146 O O    . HOH C 3 .   ? 0.79718   -0.57062  -12.46894 1.000 18.98726 ? 352 HOH A O    1 
HETATM 1147 O O    . HOH C 3 .   ? -13.70308 13.29893  -17.63831 1.000 25.42738 ? 353 HOH A O    1 
HETATM 1148 O O    . HOH C 3 .   ? -20.17663 5.78292   -8.83001  1.000 24.54187 ? 354 HOH A O    1 
HETATM 1149 O O    . HOH C 3 .   ? -16.47040 13.10322  -9.23607  1.000 29.22941 ? 355 HOH A O    1 
HETATM 1150 O O    . HOH C 3 .   ? 19.39094  -2.48708  1.97033   1.000 25.80485 ? 356 HOH A O    1 
HETATM 1151 O O    . HOH C 3 .   ? -4.07337  -13.81908 1.83274   1.000 31.92578 ? 357 HOH A O    1 
HETATM 1152 O O    . HOH C 3 .   ? 2.34217   6.90261   -6.50777  1.000 21.56489 ? 358 HOH A O    1 
HETATM 1153 O O    . HOH C 3 .   ? 7.00487   -2.71001  -18.50402 1.000 31.16212 ? 359 HOH A O    1 
HETATM 1154 O O    . HOH C 3 .   ? -6.59172  -6.86010  13.67564  1.000 25.66214 ? 360 HOH A O    1 
HETATM 1155 O O    . HOH C 3 .   ? 7.75944   1.79303   -16.50880 1.000 31.25571 ? 361 HOH A O    1 
HETATM 1156 O O    . HOH C 3 .   ? -9.72825  1.35313   -3.24609  1.000 15.46442 ? 362 HOH A O    1 
HETATM 1157 O O    . HOH C 3 .   ? -6.70253  2.09743   -1.64443  1.000 15.61026 ? 363 HOH A O    1 
HETATM 1158 O O    . HOH C 3 .   ? -11.34253 -7.17652  3.60030   1.000 19.96886 ? 364 HOH A O    1 
HETATM 1159 O O    . HOH C 3 .   ? 7.96933   -2.61703  18.37737  1.000 28.17923 ? 365 HOH A O    1 
HETATM 1160 O O    . HOH C 3 .   ? -14.23520 7.68631   15.93870  1.000 26.25497 ? 366 HOH A O    1 
HETATM 1161 O O    . HOH C 3 .   ? 12.15970  -4.97467  11.66525  1.000 31.88878 ? 367 HOH A O    1 
HETATM 1162 O O    . HOH C 3 .   ? -11.11149 15.31200  -10.12727 1.000 25.31164 ? 368 HOH A O    1 
HETATM 1163 O O    . HOH C 3 .   ? -3.34624  6.13596   -1.70054  1.000 16.40878 ? 369 HOH A O    1 
HETATM 1164 O O    . HOH C 3 .   ? -11.68113 2.75914   -4.73433  1.000 19.37524 ? 370 HOH A O    1 
HETATM 1165 O O    . HOH C 3 .   ? -10.88009 -8.74603  12.85456  1.000 28.26496 ? 371 HOH A O    1 
HETATM 1166 O O    . HOH C 3 .   ? -2.21578  1.91967   14.50101  1.000 26.05837 ? 372 HOH A O    1 
HETATM 1167 O O    . HOH C 3 .   ? 2.12965   9.68755   2.30268   1.000 24.10555 ? 373 HOH A O    1 
HETATM 1168 O O    . HOH C 3 .   ? -5.41717  -10.54106 9.13863   1.000 28.44250 ? 374 HOH A O    1 
HETATM 1169 O O    . HOH C 3 .   ? 4.85014   8.40183   5.71674   1.000 26.65540 ? 375 HOH A O    1 
HETATM 1170 O O    . HOH C 3 .   ? 18.29286  -2.26991  -19.70214 1.000 30.02267 ? 376 HOH A O    1 
HETATM 1171 O O    . HOH C 3 .   ? -5.00901  -4.62855  14.40368  1.000 21.63808 ? 377 HOH A O    1 
HETATM 1172 O O    . HOH C 3 .   ? -2.82153  -6.92957  -7.01130  1.000 24.12823 ? 378 HOH A O    1 
HETATM 1173 O O    . HOH C 3 .   ? -2.14013  -1.81455  -8.80869  1.000 21.12654 ? 379 HOH A O    1 
HETATM 1174 O O    . HOH C 3 .   ? -10.48208 7.25563   -14.95262 1.000 24.64969 ? 380 HOH A O    1 
HETATM 1175 O O    . HOH C 3 .   ? 2.01671   6.61726   -11.63593 1.000 17.44130 ? 381 HOH A O    1 
HETATM 1176 O O    . HOH C 3 .   ? 10.36335  1.25202   -5.11917  1.000 22.10583 ? 382 HOH A O    1 
HETATM 1177 O O    . HOH C 3 .   ? 1.37144   3.48602   -14.57238 1.000 23.18568 ? 383 HOH A O    1 
HETATM 1178 O O    . HOH C 3 .   ? -7.53491  5.03811   -9.54710  1.000 15.38176 ? 384 HOH A O    1 
HETATM 1179 O O    . HOH C 3 .   ? -9.96957  -9.69647  10.24482  1.000 24.60114 ? 385 HOH A O    1 
HETATM 1180 O O    . HOH C 3 .   ? -4.89391  4.85325   -10.28999 1.000 15.20878 ? 386 HOH A O    1 
HETATM 1181 O O    . HOH C 3 .   ? 22.02599  -3.07949  -1.60982  1.000 16.52819 ? 387 HOH A O    1 
HETATM 1182 O O    . HOH C 3 .   ? 3.94856   -0.44928  -14.52121 1.000 20.34118 ? 388 HOH A O    1 
HETATM 1183 O O    . HOH C 3 .   ? -1.59516  -1.55688  -11.54660 1.000 24.65482 ? 389 HOH A O    1 
HETATM 1184 O O    . HOH C 3 .   ? 21.60034  -6.70949  1.43631   1.000 29.78236 ? 390 HOH A O    1 
HETATM 1185 O O    . HOH C 3 .   ? -9.12747  12.98159  -7.66578  1.000 24.89125 ? 391 HOH A O    1 
HETATM 1186 O O    . HOH C 3 .   ? -4.67323  4.52706   -3.88858  1.000 17.84921 ? 392 HOH A O    1 
HETATM 1187 O O    . HOH C 3 .   ? 11.52164  -15.48644 4.09865   1.000 28.75760 ? 393 HOH A O    1 
HETATM 1188 O O    . HOH C 3 .   ? 1.96213   -2.68538  16.50749  1.000 25.03591 ? 394 HOH A O    1 
HETATM 1189 O O    . HOH C 3 .   ? -13.73579 13.90593  0.98587   1.000 28.59998 ? 395 HOH A O    1 
HETATM 1190 O O    . HOH C 3 .   ? -10.16205 -9.54054  2.41029   1.000 34.22773 ? 396 HOH A O    1 
HETATM 1191 O O    . HOH C 3 .   ? -13.97309 12.38563  -8.90031  1.000 26.36120 ? 397 HOH A O    1 
HETATM 1192 O O    . HOH C 3 .   ? -14.37515 -8.64346  14.60341  1.000 30.54053 ? 398 HOH A O    1 
HETATM 1193 O O    . HOH C 3 .   ? 18.33060  -13.07922 0.86280   1.000 34.99082 ? 399 HOH A O    1 
HETATM 1194 O O    . HOH C 3 .   ? -3.66103  5.30125   -7.86374  1.000 16.29757 ? 400 HOH A O    1 
HETATM 1195 O O    . HOH C 3 .   ? -14.54348 4.62993   -12.17437 1.000 26.76079 ? 401 HOH A O    1 
HETATM 1196 O O    . HOH C 3 .   ? 16.34054  1.90031   -0.26774  1.000 26.22965 ? 402 HOH A O    1 
HETATM 1197 O O    . HOH C 3 .   ? 5.36276   4.84141   -9.37719  1.000 22.25034 ? 403 HOH A O    1 
HETATM 1198 O O    . HOH C 3 .   ? 6.57635   4.25752   -5.42342  1.000 28.28656 ? 404 HOH A O    1 
HETATM 1199 O O    . HOH C 3 .   ? 15.90411  -6.73361  1.88636   1.000 23.31601 ? 405 HOH A O    1 
HETATM 1200 O O    . HOH C 3 .   ? 17.11613  -6.97134  -12.50744 1.000 28.02164 ? 406 HOH A O    1 
HETATM 1201 O O    . HOH C 3 .   ? -3.48991  -6.52916  15.88136  1.000 22.81143 ? 407 HOH A O    1 
HETATM 1202 O O    . HOH C 3 .   ? 10.14313  3.00193   -7.25025  1.000 28.48366 ? 408 HOH A O    1 
HETATM 1203 O O    . HOH C 3 .   ? -0.11693  -14.63999 12.31061  1.000 31.12988 ? 409 HOH A O    1 
HETATM 1204 O O    . HOH C 3 .   ? 0.65421   13.83669  -0.80836  1.000 32.79877 ? 410 HOH A O    1 
HETATM 1205 O O    . HOH C 3 .   ? -9.07417  4.42541   -13.80760 1.000 36.26458 ? 411 HOH A O    1 
HETATM 1206 O O    . HOH C 3 .   ? -17.42519 -4.61993  4.93992   1.000 27.98524 ? 412 HOH A O    1 
HETATM 1207 O O    . HOH C 3 .   ? 4.42300   -3.72127  16.99357  1.000 26.62075 ? 413 HOH A O    1 
HETATM 1208 O O    . HOH C 3 .   ? -11.61995 0.12243   -8.22481  1.000 39.63855 ? 414 HOH A O    1 
HETATM 1209 O O    . HOH C 3 .   ? -15.90713 10.81840  5.51577   1.000 29.53839 ? 415 HOH A O    1 
HETATM 1210 O O    . HOH C 3 .   ? 6.32655   -1.71112  16.41519  1.000 28.39295 ? 416 HOH A O    1 
HETATM 1211 O O    . HOH C 3 .   ? 4.59647   -3.79438  -19.07890 1.000 34.86388 ? 417 HOH A O    1 
HETATM 1212 O O    . HOH C 3 .   ? -13.19933 -2.23215  -5.42101  1.000 38.46638 ? 418 HOH A O    1 
HETATM 1213 O O    . HOH C 3 .   ? -5.91126  -0.23655  16.00550  1.000 26.10024 ? 419 HOH A O    1 
HETATM 1214 O O    . HOH C 3 .   ? 3.39054   -8.92704  -14.75433 1.000 32.09640 ? 420 HOH A O    1 
HETATM 1215 O O    . HOH C 3 .   ? -9.02732  2.82313   -10.24349 1.000 27.01464 ? 421 HOH A O    1 
HETATM 1216 O O    . HOH C 3 .   ? -15.93009 -7.05358  3.42410   1.000 28.55814 ? 422 HOH A O    1 
HETATM 1217 O O    . HOH C 3 .   ? 0.31020   1.09485   15.31677  1.000 31.25023 ? 423 HOH A O    1 
HETATM 1218 O O    . HOH C 3 .   ? 2.33295   -1.96990  -16.04692 1.000 32.33233 ? 424 HOH A O    1 
HETATM 1219 O O    . HOH C 3 .   ? -4.93927  -5.73207  -7.71986  1.000 29.15454 ? 425 HOH A O    1 
HETATM 1220 O O    . HOH C 3 .   ? 3.84507   -5.89280  -17.97759 1.000 32.73910 ? 426 HOH A O    1 
HETATM 1221 O O    . HOH C 3 .   ? 12.32292  3.45711   -8.95780  1.000 25.77381 ? 427 HOH A O    1 
HETATM 1222 O O    . HOH C 3 .   ? -3.85844  1.58184   16.67609  1.000 30.59749 ? 428 HOH A O    1 
HETATM 1223 O O    . HOH C 3 .   ? -4.39593  -3.15394  -8.06931  1.000 25.56304 ? 429 HOH A O    1 
HETATM 1224 O O    . HOH C 3 .   ? -2.16694  -8.91920  -8.55834  1.000 32.00032 ? 430 HOH A O    1 
HETATM 1225 O O    . HOH C 3 .   ? -2.04667  -10.50528 15.08561  1.000 30.00345 ? 431 HOH A O    1 
HETATM 1226 O O    . HOH C 3 .   ? 5.19247   10.99034  6.50037   1.000 26.95848 ? 432 HOH A O    1 
HETATM 1227 O O    . HOH C 3 .   ? -13.78798 -10.21183 6.44254   1.000 35.56850 ? 433 HOH A O    1 
HETATM 1228 O O    . HOH C 3 .   ? -16.83823 8.86568   7.45204   1.000 28.83488 ? 434 HOH A O    1 
HETATM 1229 O O    . HOH C 3 .   ? -5.75160  2.39079   -11.41915 1.000 24.42167 ? 435 HOH A O    1 
HETATM 1230 O O    . HOH C 3 .   ? -4.35473  -0.48905  -11.41522 1.000 33.72794 ? 436 HOH A O    1 
HETATM 1231 O O    . HOH C 3 .   ? -5.49121  -9.50461  13.22954  1.000 29.23312 ? 437 HOH A O    1 
HETATM 1232 O O    . HOH C 3 .   ? 10.49823  4.17977   -1.92841  1.000 29.21254 ? 438 HOH A O    1 
HETATM 1233 O O    . HOH C 3 .   ? 19.72855  -7.37668  3.25794   1.000 35.30928 ? 439 HOH A O    1 
HETATM 1234 O O    . HOH C 3 .   ? -6.37708  -3.03067  15.97663  1.000 27.75555 ? 440 HOH A O    1 
HETATM 1235 O O    . HOH C 3 .   ? 15.01542  3.13651   -7.65691  1.000 27.65156 ? 441 HOH A O    1 
HETATM 1236 O O    . HOH C 3 .   ? -8.31947  -1.38961  -9.69890  1.000 30.06134 ? 442 HOH A O    1 
HETATM 1237 O O    . HOH C 3 .   ? 0.20309   1.83499   -16.10072 1.000 35.06787 ? 443 HOH A O    1 
HETATM 1238 O O    . HOH C 3 .   ? -4.22428  -11.26694 11.49252  1.000 29.94338 ? 444 HOH A O    1 
HETATM 1239 O O    . HOH C 3 .   ? 8.87530   -2.59518  -20.85200 1.000 30.12565 ? 445 HOH A O    1 
HETATM 1240 O O    . HOH C 3 .   ? -9.14152  -2.58435  15.44180  1.000 33.70700 ? 446 HOH A O    1 
# 
loop_
_pdbx_poly_seq_scheme.asym_id 
_pdbx_poly_seq_scheme.entity_id 
_pdbx_poly_seq_scheme.seq_id 
_pdbx_poly_seq_scheme.mon_id 
_pdbx_poly_seq_scheme.ndb_seq_num 
_pdbx_poly_seq_scheme.pdb_seq_num 
_pdbx_poly_seq_scheme.auth_seq_num 
_pdbx_poly_seq_scheme.pdb_mon_id 
_pdbx_poly_seq_scheme.auth_mon_id 
_pdbx_poly_seq_scheme.pdb_strand_id 
_pdbx_poly_seq_scheme.pdb_ins_code 
_pdbx_poly_seq_scheme.hetero 
A 1 1   SER 1   42  42  SER SER A . n 
A 1 2   MET 2   43  43  MET MET A . n 
A 1 3   ASN 3   44  44  ASN ASN A . n 
A 1 4   PRO 4   45  45  PRO PRO A . n 
A 1 5   PRO 5   46  46  PRO PRO A . n 
A 1 6   PRO 6   47  47  PRO PRO A . n 
A 1 7   PRO 7   48  48  PRO PRO A . n 
A 1 8   GLU 8   49  49  GLU GLU A . n 
A 1 9   THR 9   50  50  THR THR A . n 
A 1 10  SER 10  51  51  SER SER A . n 
A 1 11  ASN 11  52  52  ASN ASN A . n 
A 1 12  PRO 12  53  53  PRO PRO A . n 
A 1 13  ASN 13  54  54  ASN ASN A . n 
A 1 14  LYS 14  55  55  LYS LYS A . n 
A 1 15  PRO 15  56  56  PRO PRO A . n 
A 1 16  LYS 16  57  57  LYS LYS A . n 
A 1 17  ARG 17  58  58  ARG ARG A . n 
A 1 18  GLN 18  59  59  GLN GLN A . n 
A 1 19  THR 19  60  60  THR THR A . n 
A 1 20  ASN 20  61  61  ASN ASN A . n 
A 1 21  GLN 21  62  62  GLN GLN A . n 
A 1 22  LEU 22  63  63  LEU LEU A . n 
A 1 23  GLN 23  64  64  GLN GLN A . n 
A 1 24  TYR 24  65  65  TYR TYR A . n 
A 1 25  LEU 25  66  66  LEU LEU A . n 
A 1 26  LEU 26  67  67  LEU LEU A . n 
A 1 27  ARG 27  68  68  ARG ARG A . n 
A 1 28  VAL 28  69  69  VAL VAL A . n 
A 1 29  VAL 29  70  70  VAL VAL A . n 
A 1 30  LEU 30  71  71  LEU LEU A . n 
A 1 31  LYS 31  72  72  LYS LYS A . n 
A 1 32  THR 32  73  73  THR THR A . n 
A 1 33  LEU 33  74  74  LEU LEU A . n 
A 1 34  TRP 34  75  75  TRP TRP A . n 
A 1 35  LYS 35  76  76  LYS LYS A . n 
A 1 36  HIS 36  77  77  HIS HIS A . n 
A 1 37  GLN 37  78  78  GLN GLN A . n 
A 1 38  PHE 38  79  79  PHE PHE A . n 
A 1 39  ALA 39  80  80  ALA ALA A . n 
A 1 40  TRP 40  81  81  TRP TRP A . n 
A 1 41  PRO 41  82  82  PRO PRO A . n 
A 1 42  PHE 42  83  83  PHE PHE A . n 
A 1 43  GLN 43  84  84  GLN GLN A . n 
A 1 44  GLN 44  85  85  GLN GLN A . n 
A 1 45  PRO 45  86  86  PRO PRO A . n 
A 1 46  VAL 46  87  87  VAL VAL A . n 
A 1 47  ASP 47  88  88  ASP ASP A . n 
A 1 48  ALA 48  89  89  ALA ALA A . n 
A 1 49  VAL 49  90  90  VAL VAL A . n 
A 1 50  LYS 50  91  91  LYS LYS A . n 
A 1 51  LEU 51  92  92  LEU LEU A . n 
A 1 52  ASN 52  93  93  ASN ASN A . n 
A 1 53  LEU 53  94  94  LEU LEU A . n 
A 1 54  PRO 54  95  95  PRO PRO A . n 
A 1 55  ASP 55  96  96  ASP ASP A . n 
A 1 56  TYR 56  97  97  TYR TYR A . n 
A 1 57  TYR 57  98  98  TYR TYR A . n 
A 1 58  LYS 58  99  99  LYS LYS A . n 
A 1 59  ILE 59  100 100 ILE ILE A . n 
A 1 60  ILE 60  101 101 ILE ILE A . n 
A 1 61  LYS 61  102 102 LYS LYS A . n 
A 1 62  THR 62  103 103 THR THR A . n 
A 1 63  PRO 63  104 104 PRO PRO A . n 
A 1 64  MET 64  105 105 MET MET A . n 
A 1 65  ASP 65  106 106 ASP ASP A . n 
A 1 66  MET 66  107 107 MET MET A . n 
A 1 67  GLY 67  108 108 GLY GLY A . n 
A 1 68  THR 68  109 109 THR THR A . n 
A 1 69  ILE 69  110 110 ILE ILE A . n 
A 1 70  LYS 70  111 111 LYS LYS A . n 
A 1 71  LYS 71  112 112 LYS LYS A . n 
A 1 72  ARG 72  113 113 ARG ARG A . n 
A 1 73  LEU 73  114 114 LEU LEU A . n 
A 1 74  GLU 74  115 115 GLU GLU A . n 
A 1 75  ASN 75  116 116 ASN ASN A . n 
A 1 76  ASN 76  117 117 ASN ASN A . n 
A 1 77  TYR 77  118 118 TYR TYR A . n 
A 1 78  TYR 78  119 119 TYR TYR A . n 
A 1 79  TRP 79  120 120 TRP TRP A . n 
A 1 80  ASN 80  121 121 ASN ASN A . n 
A 1 81  ALA 81  122 122 ALA ALA A . n 
A 1 82  GLN 82  123 123 GLN GLN A . n 
A 1 83  GLU 83  124 124 GLU GLU A . n 
A 1 84  CYS 84  125 125 CYS CYS A . n 
A 1 85  ILE 85  126 126 ILE ILE A . n 
A 1 86  GLN 86  127 127 GLN GLN A . n 
A 1 87  ASP 87  128 128 ASP ASP A . n 
A 1 88  PHE 88  129 129 PHE PHE A . n 
A 1 89  ASN 89  130 130 ASN ASN A . n 
A 1 90  THR 90  131 131 THR THR A . n 
A 1 91  MET 91  132 132 MET MET A . n 
A 1 92  PHE 92  133 133 PHE PHE A . n 
A 1 93  THR 93  134 134 THR THR A . n 
A 1 94  ASN 94  135 135 ASN ASN A . n 
A 1 95  CYS 95  136 136 CYS CYS A . n 
A 1 96  TYR 96  137 137 TYR TYR A . n 
A 1 97  ILE 97  138 138 ILE ILE A . n 
A 1 98  TYR 98  139 139 TYR TYR A . n 
A 1 99  ASN 99  140 140 ASN ASN A . n 
A 1 100 LYS 100 141 141 LYS LYS A . n 
A 1 101 PRO 101 142 142 PRO PRO A . n 
A 1 102 GLY 102 143 143 GLY GLY A . n 
A 1 103 ASP 103 144 144 ASP ASP A . n 
A 1 104 ASP 104 145 145 ASP ASP A . n 
A 1 105 ILE 105 146 146 ILE ILE A . n 
A 1 106 VAL 106 147 147 VAL VAL A . n 
A 1 107 LEU 107 148 148 LEU LEU A . n 
A 1 108 MET 108 149 149 MET MET A . n 
A 1 109 ALA 109 150 150 ALA ALA A . n 
A 1 110 GLU 110 151 151 GLU GLU A . n 
A 1 111 ALA 111 152 152 ALA ALA A . n 
A 1 112 LEU 112 153 153 LEU LEU A . n 
A 1 113 GLU 113 154 154 GLU GLU A . n 
A 1 114 LYS 114 155 155 LYS LYS A . n 
A 1 115 LEU 115 156 156 LEU LEU A . n 
A 1 116 PHE 116 157 157 PHE PHE A . n 
A 1 117 LEU 117 158 158 LEU LEU A . n 
A 1 118 GLN 118 159 159 GLN GLN A . n 
A 1 119 LYS 119 160 160 LYS LYS A . n 
A 1 120 ILE 120 161 161 ILE ILE A . n 
A 1 121 ASN 121 162 162 ASN ASN A . n 
A 1 122 GLU 122 163 163 GLU GLU A . n 
A 1 123 LEU 123 164 164 LEU LEU A . n 
A 1 124 PRO 124 165 165 PRO PRO A . n 
# 
_pdbx_contact_author.id                 3 
_pdbx_contact_author.email              duzhiyan@simm.ac.cn 
_pdbx_contact_author.name_first         Zhiyan 
_pdbx_contact_author.name_last          Du 
_pdbx_contact_author.name_mi            ? 
_pdbx_contact_author.role               'principal investigator/group leader' 
_pdbx_contact_author.identifier_ORCID   0000-0002-1048-4489 
# 
loop_
_pdbx_nonpoly_scheme.asym_id 
_pdbx_nonpoly_scheme.entity_id 
_pdbx_nonpoly_scheme.mon_id 
_pdbx_nonpoly_scheme.ndb_seq_num 
_pdbx_nonpoly_scheme.pdb_seq_num 
_pdbx_nonpoly_scheme.auth_seq_num 
_pdbx_nonpoly_scheme.pdb_mon_id 
_pdbx_nonpoly_scheme.auth_mon_id 
_pdbx_nonpoly_scheme.pdb_strand_id 
_pdbx_nonpoly_scheme.pdb_ins_code 
B 2 97F 1   201 201 97F LIG A . 
C 3 HOH 1   301 119 HOH HOH A . 
C 3 HOH 2   302 70  HOH HOH A . 
C 3 HOH 3   303 54  HOH HOH A . 
C 3 HOH 4   304 37  HOH HOH A . 
C 3 HOH 5   305 132 HOH HOH A . 
C 3 HOH 6   306 66  HOH HOH A . 
C 3 HOH 7   307 121 HOH HOH A . 
C 3 HOH 8   308 49  HOH HOH A . 
C 3 HOH 9   309 61  HOH HOH A . 
C 3 HOH 10  310 1   HOH HOH A . 
C 3 HOH 11  311 16  HOH HOH A . 
C 3 HOH 12  312 103 HOH HOH A . 
C 3 HOH 13  313 141 HOH HOH A . 
C 3 HOH 14  314 91  HOH HOH A . 
C 3 HOH 15  315 29  HOH HOH A . 
C 3 HOH 16  316 114 HOH HOH A . 
C 3 HOH 17  317 50  HOH HOH A . 
C 3 HOH 18  318 46  HOH HOH A . 
C 3 HOH 19  319 135 HOH HOH A . 
C 3 HOH 20  320 88  HOH HOH A . 
C 3 HOH 21  321 131 HOH HOH A . 
C 3 HOH 22  322 41  HOH HOH A . 
C 3 HOH 23  323 85  HOH HOH A . 
C 3 HOH 24  324 19  HOH HOH A . 
C 3 HOH 25  325 48  HOH HOH A . 
C 3 HOH 26  326 105 HOH HOH A . 
C 3 HOH 27  327 145 HOH HOH A . 
C 3 HOH 28  328 5   HOH HOH A . 
C 3 HOH 29  329 30  HOH HOH A . 
C 3 HOH 30  330 47  HOH HOH A . 
C 3 HOH 31  331 40  HOH HOH A . 
C 3 HOH 32  332 24  HOH HOH A . 
C 3 HOH 33  333 22  HOH HOH A . 
C 3 HOH 34  334 17  HOH HOH A . 
C 3 HOH 35  335 11  HOH HOH A . 
C 3 HOH 36  336 20  HOH HOH A . 
C 3 HOH 37  337 55  HOH HOH A . 
C 3 HOH 38  338 35  HOH HOH A . 
C 3 HOH 39  339 130 HOH HOH A . 
C 3 HOH 40  340 51  HOH HOH A . 
C 3 HOH 41  341 139 HOH HOH A . 
C 3 HOH 42  342 94  HOH HOH A . 
C 3 HOH 43  343 15  HOH HOH A . 
C 3 HOH 44  344 36  HOH HOH A . 
C 3 HOH 45  345 6   HOH HOH A . 
C 3 HOH 46  346 106 HOH HOH A . 
C 3 HOH 47  347 110 HOH HOH A . 
C 3 HOH 48  348 7   HOH HOH A . 
C 3 HOH 49  349 3   HOH HOH A . 
C 3 HOH 50  350 112 HOH HOH A . 
C 3 HOH 51  351 62  HOH HOH A . 
C 3 HOH 52  352 21  HOH HOH A . 
C 3 HOH 53  353 38  HOH HOH A . 
C 3 HOH 54  354 111 HOH HOH A . 
C 3 HOH 55  355 128 HOH HOH A . 
C 3 HOH 56  356 80  HOH HOH A . 
C 3 HOH 57  357 93  HOH HOH A . 
C 3 HOH 58  358 95  HOH HOH A . 
C 3 HOH 59  359 63  HOH HOH A . 
C 3 HOH 60  360 53  HOH HOH A . 
C 3 HOH 61  361 100 HOH HOH A . 
C 3 HOH 62  362 10  HOH HOH A . 
C 3 HOH 63  363 18  HOH HOH A . 
C 3 HOH 64  364 23  HOH HOH A . 
C 3 HOH 65  365 133 HOH HOH A . 
C 3 HOH 66  366 86  HOH HOH A . 
C 3 HOH 67  367 134 HOH HOH A . 
C 3 HOH 68  368 97  HOH HOH A . 
C 3 HOH 69  369 9   HOH HOH A . 
C 3 HOH 70  370 31  HOH HOH A . 
C 3 HOH 71  371 96  HOH HOH A . 
C 3 HOH 72  372 64  HOH HOH A . 
C 3 HOH 73  373 42  HOH HOH A . 
C 3 HOH 74  374 81  HOH HOH A . 
C 3 HOH 75  375 39  HOH HOH A . 
C 3 HOH 76  376 90  HOH HOH A . 
C 3 HOH 77  377 52  HOH HOH A . 
C 3 HOH 78  378 43  HOH HOH A . 
C 3 HOH 79  379 118 HOH HOH A . 
C 3 HOH 80  380 57  HOH HOH A . 
C 3 HOH 81  381 12  HOH HOH A . 
C 3 HOH 82  382 27  HOH HOH A . 
C 3 HOH 83  383 74  HOH HOH A . 
C 3 HOH 84  384 8   HOH HOH A . 
C 3 HOH 85  385 44  HOH HOH A . 
C 3 HOH 86  386 2   HOH HOH A . 
C 3 HOH 87  387 14  HOH HOH A . 
C 3 HOH 88  388 13  HOH HOH A . 
C 3 HOH 89  389 73  HOH HOH A . 
C 3 HOH 90  390 76  HOH HOH A . 
C 3 HOH 91  391 25  HOH HOH A . 
C 3 HOH 92  392 33  HOH HOH A . 
C 3 HOH 93  393 78  HOH HOH A . 
C 3 HOH 94  394 26  HOH HOH A . 
C 3 HOH 95  395 69  HOH HOH A . 
C 3 HOH 96  396 120 HOH HOH A . 
C 3 HOH 97  397 65  HOH HOH A . 
C 3 HOH 98  398 98  HOH HOH A . 
C 3 HOH 99  399 124 HOH HOH A . 
C 3 HOH 100 400 4   HOH HOH A . 
C 3 HOH 101 401 87  HOH HOH A . 
C 3 HOH 102 402 113 HOH HOH A . 
C 3 HOH 103 403 109 HOH HOH A . 
C 3 HOH 104 404 83  HOH HOH A . 
C 3 HOH 105 405 34  HOH HOH A . 
C 3 HOH 106 406 82  HOH HOH A . 
C 3 HOH 107 407 107 HOH HOH A . 
C 3 HOH 108 408 58  HOH HOH A . 
C 3 HOH 109 409 137 HOH HOH A . 
C 3 HOH 110 410 101 HOH HOH A . 
C 3 HOH 111 411 77  HOH HOH A . 
C 3 HOH 112 412 56  HOH HOH A . 
C 3 HOH 113 413 129 HOH HOH A . 
C 3 HOH 114 414 84  HOH HOH A . 
C 3 HOH 115 415 123 HOH HOH A . 
C 3 HOH 116 416 60  HOH HOH A . 
C 3 HOH 117 417 138 HOH HOH A . 
C 3 HOH 118 418 140 HOH HOH A . 
C 3 HOH 119 419 116 HOH HOH A . 
C 3 HOH 120 420 136 HOH HOH A . 
C 3 HOH 121 421 68  HOH HOH A . 
C 3 HOH 122 422 108 HOH HOH A . 
C 3 HOH 123 423 92  HOH HOH A . 
C 3 HOH 124 424 75  HOH HOH A . 
C 3 HOH 125 425 71  HOH HOH A . 
C 3 HOH 126 426 122 HOH HOH A . 
C 3 HOH 127 427 45  HOH HOH A . 
C 3 HOH 128 428 142 HOH HOH A . 
C 3 HOH 129 429 28  HOH HOH A . 
C 3 HOH 130 430 126 HOH HOH A . 
C 3 HOH 131 431 89  HOH HOH A . 
C 3 HOH 132 432 99  HOH HOH A . 
C 3 HOH 133 433 125 HOH HOH A . 
C 3 HOH 134 434 127 HOH HOH A . 
C 3 HOH 135 435 72  HOH HOH A . 
C 3 HOH 136 436 102 HOH HOH A . 
C 3 HOH 137 437 59  HOH HOH A . 
C 3 HOH 138 438 32  HOH HOH A . 
C 3 HOH 139 439 144 HOH HOH A . 
C 3 HOH 140 440 67  HOH HOH A . 
C 3 HOH 141 441 117 HOH HOH A . 
C 3 HOH 142 442 79  HOH HOH A . 
C 3 HOH 143 443 104 HOH HOH A . 
C 3 HOH 144 444 115 HOH HOH A . 
C 3 HOH 145 445 146 HOH HOH A . 
C 3 HOH 146 446 143 HOH HOH A . 
# 
_pdbx_struct_assembly.id                   1 
_pdbx_struct_assembly.details              author_defined_assembly 
_pdbx_struct_assembly.method_details       ? 
_pdbx_struct_assembly.oligomeric_details   monomeric 
_pdbx_struct_assembly.oligomeric_count     1 
# 
_pdbx_struct_assembly_gen.assembly_id       1 
_pdbx_struct_assembly_gen.oper_expression   1 
_pdbx_struct_assembly_gen.asym_id_list      A,B,C 
# 
_pdbx_struct_oper_list.id                   1 
_pdbx_struct_oper_list.type                 'identity operation' 
_pdbx_struct_oper_list.name                 1_555 
_pdbx_struct_oper_list.symmetry_operation   x,y,z 
_pdbx_struct_oper_list.matrix[1][1]         1.0000000000 
_pdbx_struct_oper_list.matrix[1][2]         0.0000000000 
_pdbx_struct_oper_list.matrix[1][3]         0.0000000000 
_pdbx_struct_oper_list.vector[1]            0.0000000000 
_pdbx_struct_oper_list.matrix[2][1]         0.0000000000 
_pdbx_struct_oper_list.matrix[2][2]         1.0000000000 
_pdbx_struct_oper_list.matrix[2][3]         0.0000000000 
_pdbx_struct_oper_list.vector[2]            0.0000000000 
_pdbx_struct_oper_list.matrix[3][1]         0.0000000000 
_pdbx_struct_oper_list.matrix[3][2]         0.0000000000 
_pdbx_struct_oper_list.matrix[3][3]         1.0000000000 
_pdbx_struct_oper_list.vector[3]            0.0000000000 
# 
loop_
_pdbx_audit_revision_history.ordinal 
_pdbx_audit_revision_history.data_content_type 
_pdbx_audit_revision_history.major_revision 
_pdbx_audit_revision_history.minor_revision 
_pdbx_audit_revision_history.revision_date 
1 'Structure model' 1 0 2023-03-22 
2 'Structure model' 1 1 2023-11-29 
# 
_pdbx_audit_revision_details.ordinal             1 
_pdbx_audit_revision_details.revision_ordinal    1 
_pdbx_audit_revision_details.data_content_type   'Structure model' 
_pdbx_audit_revision_details.provider            repository 
_pdbx_audit_revision_details.type                'Initial release' 
_pdbx_audit_revision_details.description         ? 
_pdbx_audit_revision_details.details             ? 
# 
loop_
_pdbx_audit_revision_group.ordinal 
_pdbx_audit_revision_group.revision_ordinal 
_pdbx_audit_revision_group.data_content_type 
_pdbx_audit_revision_group.group 
1 2 'Structure model' 'Data collection'        
2 2 'Structure model' 'Refinement description' 
# 
loop_
_pdbx_audit_revision_category.ordinal 
_pdbx_audit_revision_category.revision_ordinal 
_pdbx_audit_revision_category.data_content_type 
_pdbx_audit_revision_category.category 
1 2 'Structure model' chem_comp_atom                
2 2 'Structure model' chem_comp_bond                
3 2 'Structure model' pdbx_initial_refinement_model 
# 
loop_
_space_group_symop.id 
_space_group_symop.operation_xyz 
1 x,y,z           
2 x+1/2,-y+1/2,-z 
3 -x,y+1/2,-z+1/2 
4 -x+1/2,-y,z+1/2 
# 
loop_
_software.citation_id 
_software.classification 
_software.compiler_name 
_software.compiler_version 
_software.contact_author 
_software.contact_author_email 
_software.date 
_software.description 
_software.dependencies 
_software.hardware 
_software.language 
_software.location 
_software.mods 
_software.name 
_software.os 
_software.os_version 
_software.type 
_software.version 
_software.pdbx_ordinal 
? refinement        ? ? ? ? ? ? ? ? ? ? ? PHENIX      ? ? ? 1.12_2829 1 
? refinement        ? ? ? ? ? ? ? ? ? ? ? PHENIX      ? ? ? 1.12_2829 2 
? 'data scaling'    ? ? ? ? ? ? ? ? ? ? ? HKL-3000    ? ? ? 7.21      3 
? 'data extraction' ? ? ? ? ? ? ? ? ? ? ? PDB_EXTRACT ? ? ? 3.27      4 
? 'data reduction'  ? ? ? ? ? ? ? ? ? ? ? HKL-3000    ? ? ? 7.21      5 
? phasing           ? ? ? ? ? ? ? ? ? ? ? PHASER      ? ? ? 2.7.0     6 
# 
_pdbx_entry_details.entry_id                 7X6T 
_pdbx_entry_details.nonpolymer_details       ? 
_pdbx_entry_details.sequence_details         ? 
_pdbx_entry_details.compound_details         ? 
_pdbx_entry_details.source_details           ? 
_pdbx_entry_details.has_ligand_of_interest   Y 
# 
_pdbx_validate_torsion.id              1 
_pdbx_validate_torsion.PDB_model_num   1 
_pdbx_validate_torsion.auth_comp_id    LEU 
_pdbx_validate_torsion.auth_asym_id    A 
_pdbx_validate_torsion.auth_seq_id     94 
_pdbx_validate_torsion.PDB_ins_code    ? 
_pdbx_validate_torsion.label_alt_id    ? 
_pdbx_validate_torsion.phi             -119.17 
_pdbx_validate_torsion.psi             70.76 
# 
loop_
_pdbx_unobs_or_zero_occ_atoms.id 
_pdbx_unobs_or_zero_occ_atoms.PDB_model_num 
_pdbx_unobs_or_zero_occ_atoms.polymer_flag 
_pdbx_unobs_or_zero_occ_atoms.occupancy_flag 
_pdbx_unobs_or_zero_occ_atoms.auth_asym_id 
_pdbx_unobs_or_zero_occ_atoms.auth_comp_id 
_pdbx_unobs_or_zero_occ_atoms.auth_seq_id 
_pdbx_unobs_or_zero_occ_atoms.PDB_ins_code 
_pdbx_unobs_or_zero_occ_atoms.auth_atom_id 
_pdbx_unobs_or_zero_occ_atoms.label_alt_id 
_pdbx_unobs_or_zero_occ_atoms.label_asym_id 
_pdbx_unobs_or_zero_occ_atoms.label_comp_id 
_pdbx_unobs_or_zero_occ_atoms.label_seq_id 
_pdbx_unobs_or_zero_occ_atoms.label_atom_id 
1 1 Y 0 A ILE 100 ? CA  B A ILE 59 CA  
2 1 Y 0 A ILE 100 ? CB  B A ILE 59 CB  
3 1 Y 0 A ILE 100 ? CG1 B A ILE 59 CG1 
4 1 Y 0 A ILE 100 ? CG2 B A ILE 59 CG2 
5 1 Y 0 A ILE 100 ? CD1 B A ILE 59 CD1 
# 
loop_
_chem_comp_atom.comp_id 
_chem_comp_atom.atom_id 
_chem_comp_atom.type_symbol 
_chem_comp_atom.pdbx_aromatic_flag 
_chem_comp_atom.pdbx_stereo_config 
_chem_comp_atom.pdbx_ordinal 
97F C10  C Y N 1   
97F C13  C Y N 2   
97F C15  C Y N 3   
97F C17  C Y N 4   
97F C20  C Y N 5   
97F C21  C Y N 6   
97F C22  C Y N 7   
97F C28  C Y N 8   
97F C01  C N N 9   
97F C02  C N R 10  
97F C03  C N N 11  
97F C07  C Y N 12  
97F C08  C Y N 13  
97F C09  C Y N 14  
97F C11  C Y N 15  
97F C12  C Y N 16  
97F C14  C Y N 17  
97F C18  C Y N 18  
97F C19  C Y N 19  
97F C25  C Y N 20  
97F C29  C N N 21  
97F N04  N N N 22  
97F N06  N N N 23  
97F N23  N Y N 24  
97F N24  N Y N 25  
97F N26  N Y N 26  
97F N27  N Y N 27  
97F O05  O N N 28  
97F O16  O N N 29  
97F H131 H N N 30  
97F H201 H N N 31  
97F H211 H N N 32  
97F H221 H N N 33  
97F H012 H N N 34  
97F H013 H N N 35  
97F H011 H N N 36  
97F H021 H N N 37  
97F H081 H N N 38  
97F H111 H N N 39  
97F H121 H N N 40  
97F H141 H N N 41  
97F H181 H N N 42  
97F H191 H N N 43  
97F H292 H N N 44  
97F H291 H N N 45  
97F H293 H N N 46  
97F H042 H N N 47  
97F H041 H N N 48  
97F H061 H N N 49  
ALA N    N N N 50  
ALA CA   C N S 51  
ALA C    C N N 52  
ALA O    O N N 53  
ALA CB   C N N 54  
ALA OXT  O N N 55  
ALA H    H N N 56  
ALA H2   H N N 57  
ALA HA   H N N 58  
ALA HB1  H N N 59  
ALA HB2  H N N 60  
ALA HB3  H N N 61  
ALA HXT  H N N 62  
ARG N    N N N 63  
ARG CA   C N S 64  
ARG C    C N N 65  
ARG O    O N N 66  
ARG CB   C N N 67  
ARG CG   C N N 68  
ARG CD   C N N 69  
ARG NE   N N N 70  
ARG CZ   C N N 71  
ARG NH1  N N N 72  
ARG NH2  N N N 73  
ARG OXT  O N N 74  
ARG H    H N N 75  
ARG H2   H N N 76  
ARG HA   H N N 77  
ARG HB2  H N N 78  
ARG HB3  H N N 79  
ARG HG2  H N N 80  
ARG HG3  H N N 81  
ARG HD2  H N N 82  
ARG HD3  H N N 83  
ARG HE   H N N 84  
ARG HH11 H N N 85  
ARG HH12 H N N 86  
ARG HH21 H N N 87  
ARG HH22 H N N 88  
ARG HXT  H N N 89  
ASN N    N N N 90  
ASN CA   C N S 91  
ASN C    C N N 92  
ASN O    O N N 93  
ASN CB   C N N 94  
ASN CG   C N N 95  
ASN OD1  O N N 96  
ASN ND2  N N N 97  
ASN OXT  O N N 98  
ASN H    H N N 99  
ASN H2   H N N 100 
ASN HA   H N N 101 
ASN HB2  H N N 102 
ASN HB3  H N N 103 
ASN HD21 H N N 104 
ASN HD22 H N N 105 
ASN HXT  H N N 106 
ASP N    N N N 107 
ASP CA   C N S 108 
ASP C    C N N 109 
ASP O    O N N 110 
ASP CB   C N N 111 
ASP CG   C N N 112 
ASP OD1  O N N 113 
ASP OD2  O N N 114 
ASP OXT  O N N 115 
ASP H    H N N 116 
ASP H2   H N N 117 
ASP HA   H N N 118 
ASP HB2  H N N 119 
ASP HB3  H N N 120 
ASP HD2  H N N 121 
ASP HXT  H N N 122 
CYS N    N N N 123 
CYS CA   C N R 124 
CYS C    C N N 125 
CYS O    O N N 126 
CYS CB   C N N 127 
CYS SG   S N N 128 
CYS OXT  O N N 129 
CYS H    H N N 130 
CYS H2   H N N 131 
CYS HA   H N N 132 
CYS HB2  H N N 133 
CYS HB3  H N N 134 
CYS HG   H N N 135 
CYS HXT  H N N 136 
GLN N    N N N 137 
GLN CA   C N S 138 
GLN C    C N N 139 
GLN O    O N N 140 
GLN CB   C N N 141 
GLN CG   C N N 142 
GLN CD   C N N 143 
GLN OE1  O N N 144 
GLN NE2  N N N 145 
GLN OXT  O N N 146 
GLN H    H N N 147 
GLN H2   H N N 148 
GLN HA   H N N 149 
GLN HB2  H N N 150 
GLN HB3  H N N 151 
GLN HG2  H N N 152 
GLN HG3  H N N 153 
GLN HE21 H N N 154 
GLN HE22 H N N 155 
GLN HXT  H N N 156 
GLU N    N N N 157 
GLU CA   C N S 158 
GLU C    C N N 159 
GLU O    O N N 160 
GLU CB   C N N 161 
GLU CG   C N N 162 
GLU CD   C N N 163 
GLU OE1  O N N 164 
GLU OE2  O N N 165 
GLU OXT  O N N 166 
GLU H    H N N 167 
GLU H2   H N N 168 
GLU HA   H N N 169 
GLU HB2  H N N 170 
GLU HB3  H N N 171 
GLU HG2  H N N 172 
GLU HG3  H N N 173 
GLU HE2  H N N 174 
GLU HXT  H N N 175 
GLY N    N N N 176 
GLY CA   C N N 177 
GLY C    C N N 178 
GLY O    O N N 179 
GLY OXT  O N N 180 
GLY H    H N N 181 
GLY H2   H N N 182 
GLY HA2  H N N 183 
GLY HA3  H N N 184 
GLY HXT  H N N 185 
HIS N    N N N 186 
HIS CA   C N S 187 
HIS C    C N N 188 
HIS O    O N N 189 
HIS CB   C N N 190 
HIS CG   C Y N 191 
HIS ND1  N Y N 192 
HIS CD2  C Y N 193 
HIS CE1  C Y N 194 
HIS NE2  N Y N 195 
HIS OXT  O N N 196 
HIS H    H N N 197 
HIS H2   H N N 198 
HIS HA   H N N 199 
HIS HB2  H N N 200 
HIS HB3  H N N 201 
HIS HD1  H N N 202 
HIS HD2  H N N 203 
HIS HE1  H N N 204 
HIS HE2  H N N 205 
HIS HXT  H N N 206 
HOH O    O N N 207 
HOH H1   H N N 208 
HOH H2   H N N 209 
ILE N    N N N 210 
ILE CA   C N S 211 
ILE C    C N N 212 
ILE O    O N N 213 
ILE CB   C N S 214 
ILE CG1  C N N 215 
ILE CG2  C N N 216 
ILE CD1  C N N 217 
ILE OXT  O N N 218 
ILE H    H N N 219 
ILE H2   H N N 220 
ILE HA   H N N 221 
ILE HB   H N N 222 
ILE HG12 H N N 223 
ILE HG13 H N N 224 
ILE HG21 H N N 225 
ILE HG22 H N N 226 
ILE HG23 H N N 227 
ILE HD11 H N N 228 
ILE HD12 H N N 229 
ILE HD13 H N N 230 
ILE HXT  H N N 231 
LEU N    N N N 232 
LEU CA   C N S 233 
LEU C    C N N 234 
LEU O    O N N 235 
LEU CB   C N N 236 
LEU CG   C N N 237 
LEU CD1  C N N 238 
LEU CD2  C N N 239 
LEU OXT  O N N 240 
LEU H    H N N 241 
LEU H2   H N N 242 
LEU HA   H N N 243 
LEU HB2  H N N 244 
LEU HB3  H N N 245 
LEU HG   H N N 246 
LEU HD11 H N N 247 
LEU HD12 H N N 248 
LEU HD13 H N N 249 
LEU HD21 H N N 250 
LEU HD22 H N N 251 
LEU HD23 H N N 252 
LEU HXT  H N N 253 
LYS N    N N N 254 
LYS CA   C N S 255 
LYS C    C N N 256 
LYS O    O N N 257 
LYS CB   C N N 258 
LYS CG   C N N 259 
LYS CD   C N N 260 
LYS CE   C N N 261 
LYS NZ   N N N 262 
LYS OXT  O N N 263 
LYS H    H N N 264 
LYS H2   H N N 265 
LYS HA   H N N 266 
LYS HB2  H N N 267 
LYS HB3  H N N 268 
LYS HG2  H N N 269 
LYS HG3  H N N 270 
LYS HD2  H N N 271 
LYS HD3  H N N 272 
LYS HE2  H N N 273 
LYS HE3  H N N 274 
LYS HZ1  H N N 275 
LYS HZ2  H N N 276 
LYS HZ3  H N N 277 
LYS HXT  H N N 278 
MET N    N N N 279 
MET CA   C N S 280 
MET C    C N N 281 
MET O    O N N 282 
MET CB   C N N 283 
MET CG   C N N 284 
MET SD   S N N 285 
MET CE   C N N 286 
MET OXT  O N N 287 
MET H    H N N 288 
MET H2   H N N 289 
MET HA   H N N 290 
MET HB2  H N N 291 
MET HB3  H N N 292 
MET HG2  H N N 293 
MET HG3  H N N 294 
MET HE1  H N N 295 
MET HE2  H N N 296 
MET HE3  H N N 297 
MET HXT  H N N 298 
PHE N    N N N 299 
PHE CA   C N S 300 
PHE C    C N N 301 
PHE O    O N N 302 
PHE CB   C N N 303 
PHE CG   C Y N 304 
PHE CD1  C Y N 305 
PHE CD2  C Y N 306 
PHE CE1  C Y N 307 
PHE CE2  C Y N 308 
PHE CZ   C Y N 309 
PHE OXT  O N N 310 
PHE H    H N N 311 
PHE H2   H N N 312 
PHE HA   H N N 313 
PHE HB2  H N N 314 
PHE HB3  H N N 315 
PHE HD1  H N N 316 
PHE HD2  H N N 317 
PHE HE1  H N N 318 
PHE HE2  H N N 319 
PHE HZ   H N N 320 
PHE HXT  H N N 321 
PRO N    N N N 322 
PRO CA   C N S 323 
PRO C    C N N 324 
PRO O    O N N 325 
PRO CB   C N N 326 
PRO CG   C N N 327 
PRO CD   C N N 328 
PRO OXT  O N N 329 
PRO H    H N N 330 
PRO HA   H N N 331 
PRO HB2  H N N 332 
PRO HB3  H N N 333 
PRO HG2  H N N 334 
PRO HG3  H N N 335 
PRO HD2  H N N 336 
PRO HD3  H N N 337 
PRO HXT  H N N 338 
SER N    N N N 339 
SER CA   C N S 340 
SER C    C N N 341 
SER O    O N N 342 
SER CB   C N N 343 
SER OG   O N N 344 
SER OXT  O N N 345 
SER H    H N N 346 
SER H2   H N N 347 
SER HA   H N N 348 
SER HB2  H N N 349 
SER HB3  H N N 350 
SER HG   H N N 351 
SER HXT  H N N 352 
THR N    N N N 353 
THR CA   C N S 354 
THR C    C N N 355 
THR O    O N N 356 
THR CB   C N R 357 
THR OG1  O N N 358 
THR CG2  C N N 359 
THR OXT  O N N 360 
THR H    H N N 361 
THR H2   H N N 362 
THR HA   H N N 363 
THR HB   H N N 364 
THR HG1  H N N 365 
THR HG21 H N N 366 
THR HG22 H N N 367 
THR HG23 H N N 368 
THR HXT  H N N 369 
TRP N    N N N 370 
TRP CA   C N S 371 
TRP C    C N N 372 
TRP O    O N N 373 
TRP CB   C N N 374 
TRP CG   C Y N 375 
TRP CD1  C Y N 376 
TRP CD2  C Y N 377 
TRP NE1  N Y N 378 
TRP CE2  C Y N 379 
TRP CE3  C Y N 380 
TRP CZ2  C Y N 381 
TRP CZ3  C Y N 382 
TRP CH2  C Y N 383 
TRP OXT  O N N 384 
TRP H    H N N 385 
TRP H2   H N N 386 
TRP HA   H N N 387 
TRP HB2  H N N 388 
TRP HB3  H N N 389 
TRP HD1  H N N 390 
TRP HE1  H N N 391 
TRP HE3  H N N 392 
TRP HZ2  H N N 393 
TRP HZ3  H N N 394 
TRP HH2  H N N 395 
TRP HXT  H N N 396 
TYR N    N N N 397 
TYR CA   C N S 398 
TYR C    C N N 399 
TYR O    O N N 400 
TYR CB   C N N 401 
TYR CG   C Y N 402 
TYR CD1  C Y N 403 
TYR CD2  C Y N 404 
TYR CE1  C Y N 405 
TYR CE2  C Y N 406 
TYR CZ   C Y N 407 
TYR OH   O N N 408 
TYR OXT  O N N 409 
TYR H    H N N 410 
TYR H2   H N N 411 
TYR HA   H N N 412 
TYR HB2  H N N 413 
TYR HB3  H N N 414 
TYR HD1  H N N 415 
TYR HD2  H N N 416 
TYR HE1  H N N 417 
TYR HE2  H N N 418 
TYR HH   H N N 419 
TYR HXT  H N N 420 
VAL N    N N N 421 
VAL CA   C N S 422 
VAL C    C N N 423 
VAL O    O N N 424 
VAL CB   C N N 425 
VAL CG1  C N N 426 
VAL CG2  C N N 427 
VAL OXT  O N N 428 
VAL H    H N N 429 
VAL H2   H N N 430 
VAL HA   H N N 431 
VAL HB   H N N 432 
VAL HG11 H N N 433 
VAL HG12 H N N 434 
VAL HG13 H N N 435 
VAL HG21 H N N 436 
VAL HG22 H N N 437 
VAL HG23 H N N 438 
VAL HXT  H N N 439 
# 
loop_
_chem_comp_bond.comp_id 
_chem_comp_bond.atom_id_1 
_chem_comp_bond.atom_id_2 
_chem_comp_bond.value_order 
_chem_comp_bond.pdbx_aromatic_flag 
_chem_comp_bond.pdbx_stereo_config 
_chem_comp_bond.pdbx_ordinal 
97F C29 C28  sing N N 1   
97F C12 C11  doub Y N 2   
97F C12 C13  sing Y N 3   
97F C11 C10  sing Y N 4   
97F C28 N27  doub Y N 5   
97F C28 N24  sing Y N 6   
97F C13 C14  doub Y N 7   
97F N27 N26  sing Y N 8   
97F N23 N24  sing Y N 9   
97F N23 C09  doub Y N 10  
97F N24 C25  sing Y N 11  
97F C10 C09  sing N N 12  
97F C10 C15  doub Y N 13  
97F C09 C08  sing Y N 14  
97F N26 C25  doub Y N 15  
97F C25 C07  sing Y N 16  
97F C14 C15  sing Y N 17  
97F C15 O16  sing N N 18  
97F C08 C07  doub Y N 19  
97F C07 N06  sing N N 20  
97F O16 C17  sing N N 21  
97F N06 C02  sing N N 22  
97F C18 C17  doub Y N 23  
97F C18 C19  sing Y N 24  
97F C17 C22  sing Y N 25  
97F C19 C20  doub Y N 26  
97F C02 C01  sing N N 27  
97F C02 C03  sing N N 28  
97F C22 C21  doub Y N 29  
97F C20 C21  sing Y N 30  
97F C03 O05  doub N N 31  
97F C03 N04  sing N N 32  
97F C13 H131 sing N N 33  
97F C20 H201 sing N N 34  
97F C21 H211 sing N N 35  
97F C22 H221 sing N N 36  
97F C01 H012 sing N N 37  
97F C01 H013 sing N N 38  
97F C01 H011 sing N N 39  
97F C02 H021 sing N N 40  
97F C08 H081 sing N N 41  
97F C11 H111 sing N N 42  
97F C12 H121 sing N N 43  
97F C14 H141 sing N N 44  
97F C18 H181 sing N N 45  
97F C19 H191 sing N N 46  
97F C29 H292 sing N N 47  
97F C29 H291 sing N N 48  
97F C29 H293 sing N N 49  
97F N04 H042 sing N N 50  
97F N04 H041 sing N N 51  
97F N06 H061 sing N N 52  
ALA N   CA   sing N N 53  
ALA N   H    sing N N 54  
ALA N   H2   sing N N 55  
ALA CA  C    sing N N 56  
ALA CA  CB   sing N N 57  
ALA CA  HA   sing N N 58  
ALA C   O    doub N N 59  
ALA C   OXT  sing N N 60  
ALA CB  HB1  sing N N 61  
ALA CB  HB2  sing N N 62  
ALA CB  HB3  sing N N 63  
ALA OXT HXT  sing N N 64  
ARG N   CA   sing N N 65  
ARG N   H    sing N N 66  
ARG N   H2   sing N N 67  
ARG CA  C    sing N N 68  
ARG CA  CB   sing N N 69  
ARG CA  HA   sing N N 70  
ARG C   O    doub N N 71  
ARG C   OXT  sing N N 72  
ARG CB  CG   sing N N 73  
ARG CB  HB2  sing N N 74  
ARG CB  HB3  sing N N 75  
ARG CG  CD   sing N N 76  
ARG CG  HG2  sing N N 77  
ARG CG  HG3  sing N N 78  
ARG CD  NE   sing N N 79  
ARG CD  HD2  sing N N 80  
ARG CD  HD3  sing N N 81  
ARG NE  CZ   sing N N 82  
ARG NE  HE   sing N N 83  
ARG CZ  NH1  sing N N 84  
ARG CZ  NH2  doub N N 85  
ARG NH1 HH11 sing N N 86  
ARG NH1 HH12 sing N N 87  
ARG NH2 HH21 sing N N 88  
ARG NH2 HH22 sing N N 89  
ARG OXT HXT  sing N N 90  
ASN N   CA   sing N N 91  
ASN N   H    sing N N 92  
ASN N   H2   sing N N 93  
ASN CA  C    sing N N 94  
ASN CA  CB   sing N N 95  
ASN CA  HA   sing N N 96  
ASN C   O    doub N N 97  
ASN C   OXT  sing N N 98  
ASN CB  CG   sing N N 99  
ASN CB  HB2  sing N N 100 
ASN CB  HB3  sing N N 101 
ASN CG  OD1  doub N N 102 
ASN CG  ND2  sing N N 103 
ASN ND2 HD21 sing N N 104 
ASN ND2 HD22 sing N N 105 
ASN OXT HXT  sing N N 106 
ASP N   CA   sing N N 107 
ASP N   H    sing N N 108 
ASP N   H2   sing N N 109 
ASP CA  C    sing N N 110 
ASP CA  CB   sing N N 111 
ASP CA  HA   sing N N 112 
ASP C   O    doub N N 113 
ASP C   OXT  sing N N 114 
ASP CB  CG   sing N N 115 
ASP CB  HB2  sing N N 116 
ASP CB  HB3  sing N N 117 
ASP CG  OD1  doub N N 118 
ASP CG  OD2  sing N N 119 
ASP OD2 HD2  sing N N 120 
ASP OXT HXT  sing N N 121 
CYS N   CA   sing N N 122 
CYS N   H    sing N N 123 
CYS N   H2   sing N N 124 
CYS CA  C    sing N N 125 
CYS CA  CB   sing N N 126 
CYS CA  HA   sing N N 127 
CYS C   O    doub N N 128 
CYS C   OXT  sing N N 129 
CYS CB  SG   sing N N 130 
CYS CB  HB2  sing N N 131 
CYS CB  HB3  sing N N 132 
CYS SG  HG   sing N N 133 
CYS OXT HXT  sing N N 134 
GLN N   CA   sing N N 135 
GLN N   H    sing N N 136 
GLN N   H2   sing N N 137 
GLN CA  C    sing N N 138 
GLN CA  CB   sing N N 139 
GLN CA  HA   sing N N 140 
GLN C   O    doub N N 141 
GLN C   OXT  sing N N 142 
GLN CB  CG   sing N N 143 
GLN CB  HB2  sing N N 144 
GLN CB  HB3  sing N N 145 
GLN CG  CD   sing N N 146 
GLN CG  HG2  sing N N 147 
GLN CG  HG3  sing N N 148 
GLN CD  OE1  doub N N 149 
GLN CD  NE2  sing N N 150 
GLN NE2 HE21 sing N N 151 
GLN NE2 HE22 sing N N 152 
GLN OXT HXT  sing N N 153 
GLU N   CA   sing N N 154 
GLU N   H    sing N N 155 
GLU N   H2   sing N N 156 
GLU CA  C    sing N N 157 
GLU CA  CB   sing N N 158 
GLU CA  HA   sing N N 159 
GLU C   O    doub N N 160 
GLU C   OXT  sing N N 161 
GLU CB  CG   sing N N 162 
GLU CB  HB2  sing N N 163 
GLU CB  HB3  sing N N 164 
GLU CG  CD   sing N N 165 
GLU CG  HG2  sing N N 166 
GLU CG  HG3  sing N N 167 
GLU CD  OE1  doub N N 168 
GLU CD  OE2  sing N N 169 
GLU OE2 HE2  sing N N 170 
GLU OXT HXT  sing N N 171 
GLY N   CA   sing N N 172 
GLY N   H    sing N N 173 
GLY N   H2   sing N N 174 
GLY CA  C    sing N N 175 
GLY CA  HA2  sing N N 176 
GLY CA  HA3  sing N N 177 
GLY C   O    doub N N 178 
GLY C   OXT  sing N N 179 
GLY OXT HXT  sing N N 180 
HIS N   CA   sing N N 181 
HIS N   H    sing N N 182 
HIS N   H2   sing N N 183 
HIS CA  C    sing N N 184 
HIS CA  CB   sing N N 185 
HIS CA  HA   sing N N 186 
HIS C   O    doub N N 187 
HIS C   OXT  sing N N 188 
HIS CB  CG   sing N N 189 
HIS CB  HB2  sing N N 190 
HIS CB  HB3  sing N N 191 
HIS CG  ND1  sing Y N 192 
HIS CG  CD2  doub Y N 193 
HIS ND1 CE1  doub Y N 194 
HIS ND1 HD1  sing N N 195 
HIS CD2 NE2  sing Y N 196 
HIS CD2 HD2  sing N N 197 
HIS CE1 NE2  sing Y N 198 
HIS CE1 HE1  sing N N 199 
HIS NE2 HE2  sing N N 200 
HIS OXT HXT  sing N N 201 
HOH O   H1   sing N N 202 
HOH O   H2   sing N N 203 
ILE N   CA   sing N N 204 
ILE N   H    sing N N 205 
ILE N   H2   sing N N 206 
ILE CA  C    sing N N 207 
ILE CA  CB   sing N N 208 
ILE CA  HA   sing N N 209 
ILE C   O    doub N N 210 
ILE C   OXT  sing N N 211 
ILE CB  CG1  sing N N 212 
ILE CB  CG2  sing N N 213 
ILE CB  HB   sing N N 214 
ILE CG1 CD1  sing N N 215 
ILE CG1 HG12 sing N N 216 
ILE CG1 HG13 sing N N 217 
ILE CG2 HG21 sing N N 218 
ILE CG2 HG22 sing N N 219 
ILE CG2 HG23 sing N N 220 
ILE CD1 HD11 sing N N 221 
ILE CD1 HD12 sing N N 222 
ILE CD1 HD13 sing N N 223 
ILE OXT HXT  sing N N 224 
LEU N   CA   sing N N 225 
LEU N   H    sing N N 226 
LEU N   H2   sing N N 227 
LEU CA  C    sing N N 228 
LEU CA  CB   sing N N 229 
LEU CA  HA   sing N N 230 
LEU C   O    doub N N 231 
LEU C   OXT  sing N N 232 
LEU CB  CG   sing N N 233 
LEU CB  HB2  sing N N 234 
LEU CB  HB3  sing N N 235 
LEU CG  CD1  sing N N 236 
LEU CG  CD2  sing N N 237 
LEU CG  HG   sing N N 238 
LEU CD1 HD11 sing N N 239 
LEU CD1 HD12 sing N N 240 
LEU CD1 HD13 sing N N 241 
LEU CD2 HD21 sing N N 242 
LEU CD2 HD22 sing N N 243 
LEU CD2 HD23 sing N N 244 
LEU OXT HXT  sing N N 245 
LYS N   CA   sing N N 246 
LYS N   H    sing N N 247 
LYS N   H2   sing N N 248 
LYS CA  C    sing N N 249 
LYS CA  CB   sing N N 250 
LYS CA  HA   sing N N 251 
LYS C   O    doub N N 252 
LYS C   OXT  sing N N 253 
LYS CB  CG   sing N N 254 
LYS CB  HB2  sing N N 255 
LYS CB  HB3  sing N N 256 
LYS CG  CD   sing N N 257 
LYS CG  HG2  sing N N 258 
LYS CG  HG3  sing N N 259 
LYS CD  CE   sing N N 260 
LYS CD  HD2  sing N N 261 
LYS CD  HD3  sing N N 262 
LYS CE  NZ   sing N N 263 
LYS CE  HE2  sing N N 264 
LYS CE  HE3  sing N N 265 
LYS NZ  HZ1  sing N N 266 
LYS NZ  HZ2  sing N N 267 
LYS NZ  HZ3  sing N N 268 
LYS OXT HXT  sing N N 269 
MET N   CA   sing N N 270 
MET N   H    sing N N 271 
MET N   H2   sing N N 272 
MET CA  C    sing N N 273 
MET CA  CB   sing N N 274 
MET CA  HA   sing N N 275 
MET C   O    doub N N 276 
MET C   OXT  sing N N 277 
MET CB  CG   sing N N 278 
MET CB  HB2  sing N N 279 
MET CB  HB3  sing N N 280 
MET CG  SD   sing N N 281 
MET CG  HG2  sing N N 282 
MET CG  HG3  sing N N 283 
MET SD  CE   sing N N 284 
MET CE  HE1  sing N N 285 
MET CE  HE2  sing N N 286 
MET CE  HE3  sing N N 287 
MET OXT HXT  sing N N 288 
PHE N   CA   sing N N 289 
PHE N   H    sing N N 290 
PHE N   H2   sing N N 291 
PHE CA  C    sing N N 292 
PHE CA  CB   sing N N 293 
PHE CA  HA   sing N N 294 
PHE C   O    doub N N 295 
PHE C   OXT  sing N N 296 
PHE CB  CG   sing N N 297 
PHE CB  HB2  sing N N 298 
PHE CB  HB3  sing N N 299 
PHE CG  CD1  doub Y N 300 
PHE CG  CD2  sing Y N 301 
PHE CD1 CE1  sing Y N 302 
PHE CD1 HD1  sing N N 303 
PHE CD2 CE2  doub Y N 304 
PHE CD2 HD2  sing N N 305 
PHE CE1 CZ   doub Y N 306 
PHE CE1 HE1  sing N N 307 
PHE CE2 CZ   sing Y N 308 
PHE CE2 HE2  sing N N 309 
PHE CZ  HZ   sing N N 310 
PHE OXT HXT  sing N N 311 
PRO N   CA   sing N N 312 
PRO N   CD   sing N N 313 
PRO N   H    sing N N 314 
PRO CA  C    sing N N 315 
PRO CA  CB   sing N N 316 
PRO CA  HA   sing N N 317 
PRO C   O    doub N N 318 
PRO C   OXT  sing N N 319 
PRO CB  CG   sing N N 320 
PRO CB  HB2  sing N N 321 
PRO CB  HB3  sing N N 322 
PRO CG  CD   sing N N 323 
PRO CG  HG2  sing N N 324 
PRO CG  HG3  sing N N 325 
PRO CD  HD2  sing N N 326 
PRO CD  HD3  sing N N 327 
PRO OXT HXT  sing N N 328 
SER N   CA   sing N N 329 
SER N   H    sing N N 330 
SER N   H2   sing N N 331 
SER CA  C    sing N N 332 
SER CA  CB   sing N N 333 
SER CA  HA   sing N N 334 
SER C   O    doub N N 335 
SER C   OXT  sing N N 336 
SER CB  OG   sing N N 337 
SER CB  HB2  sing N N 338 
SER CB  HB3  sing N N 339 
SER OG  HG   sing N N 340 
SER OXT HXT  sing N N 341 
THR N   CA   sing N N 342 
THR N   H    sing N N 343 
THR N   H2   sing N N 344 
THR CA  C    sing N N 345 
THR CA  CB   sing N N 346 
THR CA  HA   sing N N 347 
THR C   O    doub N N 348 
THR C   OXT  sing N N 349 
THR CB  OG1  sing N N 350 
THR CB  CG2  sing N N 351 
THR CB  HB   sing N N 352 
THR OG1 HG1  sing N N 353 
THR CG2 HG21 sing N N 354 
THR CG2 HG22 sing N N 355 
THR CG2 HG23 sing N N 356 
THR OXT HXT  sing N N 357 
TRP N   CA   sing N N 358 
TRP N   H    sing N N 359 
TRP N   H2   sing N N 360 
TRP CA  C    sing N N 361 
TRP CA  CB   sing N N 362 
TRP CA  HA   sing N N 363 
TRP C   O    doub N N 364 
TRP C   OXT  sing N N 365 
TRP CB  CG   sing N N 366 
TRP CB  HB2  sing N N 367 
TRP CB  HB3  sing N N 368 
TRP CG  CD1  doub Y N 369 
TRP CG  CD2  sing Y N 370 
TRP CD1 NE1  sing Y N 371 
TRP CD1 HD1  sing N N 372 
TRP CD2 CE2  doub Y N 373 
TRP CD2 CE3  sing Y N 374 
TRP NE1 CE2  sing Y N 375 
TRP NE1 HE1  sing N N 376 
TRP CE2 CZ2  sing Y N 377 
TRP CE3 CZ3  doub Y N 378 
TRP CE3 HE3  sing N N 379 
TRP CZ2 CH2  doub Y N 380 
TRP CZ2 HZ2  sing N N 381 
TRP CZ3 CH2  sing Y N 382 
TRP CZ3 HZ3  sing N N 383 
TRP CH2 HH2  sing N N 384 
TRP OXT HXT  sing N N 385 
TYR N   CA   sing N N 386 
TYR N   H    sing N N 387 
TYR N   H2   sing N N 388 
TYR CA  C    sing N N 389 
TYR CA  CB   sing N N 390 
TYR CA  HA   sing N N 391 
TYR C   O    doub N N 392 
TYR C   OXT  sing N N 393 
TYR CB  CG   sing N N 394 
TYR CB  HB2  sing N N 395 
TYR CB  HB3  sing N N 396 
TYR CG  CD1  doub Y N 397 
TYR CG  CD2  sing Y N 398 
TYR CD1 CE1  sing Y N 399 
TYR CD1 HD1  sing N N 400 
TYR CD2 CE2  doub Y N 401 
TYR CD2 HD2  sing N N 402 
TYR CE1 CZ   doub Y N 403 
TYR CE1 HE1  sing N N 404 
TYR CE2 CZ   sing Y N 405 
TYR CE2 HE2  sing N N 406 
TYR CZ  OH   sing N N 407 
TYR OH  HH   sing N N 408 
TYR OXT HXT  sing N N 409 
VAL N   CA   sing N N 410 
VAL N   H    sing N N 411 
VAL N   H2   sing N N 412 
VAL CA  C    sing N N 413 
VAL CA  CB   sing N N 414 
VAL CA  HA   sing N N 415 
VAL C   O    doub N N 416 
VAL C   OXT  sing N N 417 
VAL CB  CG1  sing N N 418 
VAL CB  CG2  sing N N 419 
VAL CB  HB   sing N N 420 
VAL CG1 HG11 sing N N 421 
VAL CG1 HG12 sing N N 422 
VAL CG1 HG13 sing N N 423 
VAL CG2 HG21 sing N N 424 
VAL CG2 HG22 sing N N 425 
VAL CG2 HG23 sing N N 426 
VAL OXT HXT  sing N N 427 
# 
_pdbx_audit_support.funding_organization   'Other private' 
_pdbx_audit_support.country                China 
_pdbx_audit_support.grant_number           81703340 
_pdbx_audit_support.ordinal                1 
# 
_pdbx_entity_instance_feature.ordinal        1 
_pdbx_entity_instance_feature.comp_id        97F 
_pdbx_entity_instance_feature.asym_id        ? 
_pdbx_entity_instance_feature.seq_num        ? 
_pdbx_entity_instance_feature.auth_comp_id   97F 
_pdbx_entity_instance_feature.auth_asym_id   ? 
_pdbx_entity_instance_feature.auth_seq_num   ? 
_pdbx_entity_instance_feature.feature_type   'SUBJECT OF INVESTIGATION' 
_pdbx_entity_instance_feature.details        ? 
# 
loop_
_pdbx_entity_nonpoly.entity_id 
_pdbx_entity_nonpoly.name 
_pdbx_entity_nonpoly.comp_id 
2 '(2~{R})-2-[[3-methyl-6-(2-phenoxyphenyl)-[1,2,4]triazolo[4,3-b]pyridazin-8-yl]amino]propanamide' 97F 
3 water                                                                                             HOH 
# 
_pdbx_initial_refinement_model.id               1 
_pdbx_initial_refinement_model.entity_id_list   ? 
_pdbx_initial_refinement_model.type             'experimental model' 
_pdbx_initial_refinement_model.source_name      PDB 
_pdbx_initial_refinement_model.accession_code   5YOU 
_pdbx_initial_refinement_model.details          ? 
# 
_pdbx_struct_assembly_auth_evidence.id                     1 
_pdbx_struct_assembly_auth_evidence.assembly_id            1 
_pdbx_struct_assembly_auth_evidence.experimental_support   'gel filtration' 
_pdbx_struct_assembly_auth_evidence.details                ? 
# 
_space_group.name_H-M_alt     'P 21 21 21' 
_space_group.name_Hall        'P 2ac 2ab' 
_space_group.IT_number        19 
_space_group.crystal_system   orthorhombic 
_space_group.id               1 
# 
